data_6KNE
# 
_entry.id   6KNE 
# 
_audit_conform.dict_name       mmcif_pdbx.dic 
_audit_conform.dict_version    5.387 
_audit_conform.dict_location   http://mmcif.pdb.org/dictionaries/ascii/mmcif_pdbx.dic 
# 
loop_
_database_2.database_id 
_database_2.database_code 
_database_2.pdbx_database_accession 
_database_2.pdbx_DOI 
PDB   6KNE         pdb_00006kne 10.2210/pdb6kne/pdb 
WWPDB D_1300013316 ?            ?                   
# 
loop_
_pdbx_audit_revision_history.ordinal 
_pdbx_audit_revision_history.data_content_type 
_pdbx_audit_revision_history.major_revision 
_pdbx_audit_revision_history.minor_revision 
_pdbx_audit_revision_history.revision_date 
1 'Structure model' 1 0 2020-06-17 
2 'Structure model' 1 1 2024-03-27 
# 
_pdbx_audit_revision_details.ordinal             1 
_pdbx_audit_revision_details.revision_ordinal    1 
_pdbx_audit_revision_details.data_content_type   'Structure model' 
_pdbx_audit_revision_details.provider            repository 
_pdbx_audit_revision_details.type                'Initial release' 
_pdbx_audit_revision_details.description         ? 
_pdbx_audit_revision_details.details             ? 
# 
loop_
_pdbx_audit_revision_group.ordinal 
_pdbx_audit_revision_group.revision_ordinal 
_pdbx_audit_revision_group.data_content_type 
_pdbx_audit_revision_group.group 
1 2 'Structure model' 'Data collection'     
2 2 'Structure model' 'Database references' 
# 
loop_
_pdbx_audit_revision_category.ordinal 
_pdbx_audit_revision_category.revision_ordinal 
_pdbx_audit_revision_category.data_content_type 
_pdbx_audit_revision_category.category 
1 2 'Structure model' chem_comp_atom 
2 2 'Structure model' chem_comp_bond 
3 2 'Structure model' database_2     
# 
loop_
_pdbx_audit_revision_item.ordinal 
_pdbx_audit_revision_item.revision_ordinal 
_pdbx_audit_revision_item.data_content_type 
_pdbx_audit_revision_item.item 
1 2 'Structure model' '_database_2.pdbx_DOI'                
2 2 'Structure model' '_database_2.pdbx_database_accession' 
# 
_pdbx_database_status.status_code                     REL 
_pdbx_database_status.status_code_sf                  REL 
_pdbx_database_status.status_code_mr                  ? 
_pdbx_database_status.entry_id                        6KNE 
_pdbx_database_status.recvd_initial_deposition_date   2019-08-05 
_pdbx_database_status.SG_entry                        N 
_pdbx_database_status.deposit_site                    PDBJ 
_pdbx_database_status.process_site                    PDBJ 
_pdbx_database_status.status_code_cs                  ? 
_pdbx_database_status.methods_development_category    ? 
_pdbx_database_status.pdb_format_compatible           Y 
_pdbx_database_status.status_code_nmr_data            ? 
# 
loop_
_audit_author.name 
_audit_author.pdbx_ordinal 
_audit_author.identifier_ORCID 
'Jian, Y.'  1 0000-0003-2854-9225 
'YuXin, Y.' 2 ?                   
'Min, Y.'   3 0000-0003-1687-5904 
# 
_citation.abstract                  ? 
_citation.abstract_id_CAS           ? 
_citation.book_id_ISBN              ? 
_citation.book_publisher            ? 
_citation.book_publisher_city       ? 
_citation.book_title                ? 
_citation.coordinate_linkage        ? 
_citation.country                   US 
_citation.database_id_Medline       ? 
_citation.details                   ? 
_citation.id                        primary 
_citation.journal_abbrev            Biochem.Biophys.Res.Commun. 
_citation.journal_id_ASTM           BBRCA9 
_citation.journal_id_CSD            0146 
_citation.journal_id_ISSN           1090-2104 
_citation.journal_full              ? 
_citation.journal_issue             ? 
_citation.journal_volume            519 
_citation.language                  ? 
_citation.page_first                186 
_citation.page_last                 191 
_citation.title                     
'The pH-dependent conformational change of eukaryotic translation initiation factor 5: Insights into partner-binding manner.' 
_citation.year                      2019 
_citation.database_id_CSD           ? 
_citation.pdbx_database_id_DOI      10.1016/j.bbrc.2019.08.128 
_citation.pdbx_database_id_PubMed   31492496 
_citation.unpublished_flag          ? 
# 
loop_
_citation_author.citation_id 
_citation_author.name 
_citation_author.ordinal 
_citation_author.identifier_ORCID 
primary 'Ye, Y.'   1 ? 
primary 'Chen, M.' 2 ? 
primary 'Kato, K.' 3 ? 
primary 'Yao, M.'  4 ? 
# 
loop_
_entity.id 
_entity.type 
_entity.src_method 
_entity.pdbx_description 
_entity.formula_weight 
_entity.pdbx_number_of_molecules 
_entity.pdbx_ec 
_entity.pdbx_mutation 
_entity.pdbx_fragment 
_entity.details 
1 polymer man 'Translation initiation factor eIF5' 19376.928 1  ? ? 'C-terminal Domain' ? 
2 water   nat water                                18.015    64 ? ? ?                   ? 
# 
_entity_poly.entity_id                      1 
_entity_poly.type                           'polypeptide(L)' 
_entity_poly.nstd_linkage                   no 
_entity_poly.nstd_monomer                   no 
_entity_poly.pdbx_seq_one_letter_code       
;GHMGLSVQNNKFDEFGEWLLKESNGSKDDLPSDVEIYKRIVELEIADTPETLQVLGQVLFDDDIINQIEPHVGLLTKLIN
GDEEFEKALLGGLERFFGLEKPNLIPQIPKILHGFYDRDLISEEVLIKWGSKVSKKYVPKDVSKKVRKAAKPFVKWLQEA
EEEEEEESD
;
_entity_poly.pdbx_seq_one_letter_code_can   
;GHMGLSVQNNKFDEFGEWLLKESNGSKDDLPSDVEIYKRIVELEIADTPETLQVLGQVLFDDDIINQIEPHVGLLTKLIN
GDEEFEKALLGGLERFFGLEKPNLIPQIPKILHGFYDRDLISEEVLIKWGSKVSKKYVPKDVSKKVRKAAKPFVKWLQEA
EEEEEEESD
;
_entity_poly.pdbx_strand_id                 A 
_entity_poly.pdbx_target_identifier         ? 
# 
_pdbx_entity_nonpoly.entity_id   2 
_pdbx_entity_nonpoly.name        water 
_pdbx_entity_nonpoly.comp_id     HOH 
# 
loop_
_entity_poly_seq.entity_id 
_entity_poly_seq.num 
_entity_poly_seq.mon_id 
_entity_poly_seq.hetero 
1 1   GLY n 
1 2   HIS n 
1 3   MET n 
1 4   GLY n 
1 5   LEU n 
1 6   SER n 
1 7   VAL n 
1 8   GLN n 
1 9   ASN n 
1 10  ASN n 
1 11  LYS n 
1 12  PHE n 
1 13  ASP n 
1 14  GLU n 
1 15  PHE n 
1 16  GLY n 
1 17  GLU n 
1 18  TRP n 
1 19  LEU n 
1 20  LEU n 
1 21  LYS n 
1 22  GLU n 
1 23  SER n 
1 24  ASN n 
1 25  GLY n 
1 26  SER n 
1 27  LYS n 
1 28  ASP n 
1 29  ASP n 
1 30  LEU n 
1 31  PRO n 
1 32  SER n 
1 33  ASP n 
1 34  VAL n 
1 35  GLU n 
1 36  ILE n 
1 37  TYR n 
1 38  LYS n 
1 39  ARG n 
1 40  ILE n 
1 41  VAL n 
1 42  GLU n 
1 43  LEU n 
1 44  GLU n 
1 45  ILE n 
1 46  ALA n 
1 47  ASP n 
1 48  THR n 
1 49  PRO n 
1 50  GLU n 
1 51  THR n 
1 52  LEU n 
1 53  GLN n 
1 54  VAL n 
1 55  LEU n 
1 56  GLY n 
1 57  GLN n 
1 58  VAL n 
1 59  LEU n 
1 60  PHE n 
1 61  ASP n 
1 62  ASP n 
1 63  ASP n 
1 64  ILE n 
1 65  ILE n 
1 66  ASN n 
1 67  GLN n 
1 68  ILE n 
1 69  GLU n 
1 70  PRO n 
1 71  HIS n 
1 72  VAL n 
1 73  GLY n 
1 74  LEU n 
1 75  LEU n 
1 76  THR n 
1 77  LYS n 
1 78  LEU n 
1 79  ILE n 
1 80  ASN n 
1 81  GLY n 
1 82  ASP n 
1 83  GLU n 
1 84  GLU n 
1 85  PHE n 
1 86  GLU n 
1 87  LYS n 
1 88  ALA n 
1 89  LEU n 
1 90  LEU n 
1 91  GLY n 
1 92  GLY n 
1 93  LEU n 
1 94  GLU n 
1 95  ARG n 
1 96  PHE n 
1 97  PHE n 
1 98  GLY n 
1 99  LEU n 
1 100 GLU n 
1 101 LYS n 
1 102 PRO n 
1 103 ASN n 
1 104 LEU n 
1 105 ILE n 
1 106 PRO n 
1 107 GLN n 
1 108 ILE n 
1 109 PRO n 
1 110 LYS n 
1 111 ILE n 
1 112 LEU n 
1 113 HIS n 
1 114 GLY n 
1 115 PHE n 
1 116 TYR n 
1 117 ASP n 
1 118 ARG n 
1 119 ASP n 
1 120 LEU n 
1 121 ILE n 
1 122 SER n 
1 123 GLU n 
1 124 GLU n 
1 125 VAL n 
1 126 LEU n 
1 127 ILE n 
1 128 LYS n 
1 129 TRP n 
1 130 GLY n 
1 131 SER n 
1 132 LYS n 
1 133 VAL n 
1 134 SER n 
1 135 LYS n 
1 136 LYS n 
1 137 TYR n 
1 138 VAL n 
1 139 PRO n 
1 140 LYS n 
1 141 ASP n 
1 142 VAL n 
1 143 SER n 
1 144 LYS n 
1 145 LYS n 
1 146 VAL n 
1 147 ARG n 
1 148 LYS n 
1 149 ALA n 
1 150 ALA n 
1 151 LYS n 
1 152 PRO n 
1 153 PHE n 
1 154 VAL n 
1 155 LYS n 
1 156 TRP n 
1 157 LEU n 
1 158 GLN n 
1 159 GLU n 
1 160 ALA n 
1 161 GLU n 
1 162 GLU n 
1 163 GLU n 
1 164 GLU n 
1 165 GLU n 
1 166 GLU n 
1 167 GLU n 
1 168 SER n 
1 169 ASP n 
# 
_entity_src_gen.entity_id                          1 
_entity_src_gen.pdbx_src_id                        1 
_entity_src_gen.pdbx_alt_source_flag               sample 
_entity_src_gen.pdbx_seq_type                      'Biological sequence' 
_entity_src_gen.pdbx_beg_seq_num                   1 
_entity_src_gen.pdbx_end_seq_num                   169 
_entity_src_gen.gene_src_common_name               ? 
_entity_src_gen.gene_src_genus                     ? 
_entity_src_gen.pdbx_gene_src_gene                 ? 
_entity_src_gen.gene_src_species                   ? 
_entity_src_gen.gene_src_strain                    ? 
_entity_src_gen.gene_src_tissue                    ? 
_entity_src_gen.gene_src_tissue_fraction           ? 
_entity_src_gen.gene_src_details                   ? 
_entity_src_gen.pdbx_gene_src_fragment             ? 
_entity_src_gen.pdbx_gene_src_scientific_name      'Candida albicans' 
_entity_src_gen.pdbx_gene_src_ncbi_taxonomy_id     5476 
_entity_src_gen.pdbx_gene_src_variant              ? 
_entity_src_gen.pdbx_gene_src_cell_line            ? 
_entity_src_gen.pdbx_gene_src_atcc                 ? 
_entity_src_gen.pdbx_gene_src_organ                ? 
_entity_src_gen.pdbx_gene_src_organelle            ? 
_entity_src_gen.pdbx_gene_src_cell                 ? 
_entity_src_gen.pdbx_gene_src_cellular_location    ? 
_entity_src_gen.host_org_common_name               ? 
_entity_src_gen.pdbx_host_org_scientific_name      'Escherichia coli' 
_entity_src_gen.pdbx_host_org_ncbi_taxonomy_id     562 
_entity_src_gen.host_org_genus                     ? 
_entity_src_gen.pdbx_host_org_gene                 ? 
_entity_src_gen.pdbx_host_org_organ                ? 
_entity_src_gen.host_org_species                   ? 
_entity_src_gen.pdbx_host_org_tissue               ? 
_entity_src_gen.pdbx_host_org_tissue_fraction      ? 
_entity_src_gen.pdbx_host_org_strain               ? 
_entity_src_gen.pdbx_host_org_variant              ? 
_entity_src_gen.pdbx_host_org_cell_line            ? 
_entity_src_gen.pdbx_host_org_atcc                 ? 
_entity_src_gen.pdbx_host_org_culture_collection   ? 
_entity_src_gen.pdbx_host_org_cell                 ? 
_entity_src_gen.pdbx_host_org_organelle            ? 
_entity_src_gen.pdbx_host_org_cellular_location    ? 
_entity_src_gen.pdbx_host_org_vector_type          ? 
_entity_src_gen.pdbx_host_org_vector               ? 
_entity_src_gen.host_org_details                   ? 
_entity_src_gen.expression_system_id               ? 
_entity_src_gen.plasmid_name                       ? 
_entity_src_gen.plasmid_details                    ? 
_entity_src_gen.pdbx_description                   ? 
# 
loop_
_chem_comp.id 
_chem_comp.type 
_chem_comp.mon_nstd_flag 
_chem_comp.name 
_chem_comp.pdbx_synonyms 
_chem_comp.formula 
_chem_comp.formula_weight 
ALA 'L-peptide linking' y ALANINE         ? 'C3 H7 N O2'     89.093  
ARG 'L-peptide linking' y ARGININE        ? 'C6 H15 N4 O2 1' 175.209 
ASN 'L-peptide linking' y ASPARAGINE      ? 'C4 H8 N2 O3'    132.118 
ASP 'L-peptide linking' y 'ASPARTIC ACID' ? 'C4 H7 N O4'     133.103 
GLN 'L-peptide linking' y GLUTAMINE       ? 'C5 H10 N2 O3'   146.144 
GLU 'L-peptide linking' y 'GLUTAMIC ACID' ? 'C5 H9 N O4'     147.129 
GLY 'peptide linking'   y GLYCINE         ? 'C2 H5 N O2'     75.067  
HIS 'L-peptide linking' y HISTIDINE       ? 'C6 H10 N3 O2 1' 156.162 
HOH non-polymer         . WATER           ? 'H2 O'           18.015  
ILE 'L-peptide linking' y ISOLEUCINE      ? 'C6 H13 N O2'    131.173 
LEU 'L-peptide linking' y LEUCINE         ? 'C6 H13 N O2'    131.173 
LYS 'L-peptide linking' y LYSINE          ? 'C6 H15 N2 O2 1' 147.195 
MET 'L-peptide linking' y METHIONINE      ? 'C5 H11 N O2 S'  149.211 
PHE 'L-peptide linking' y PHENYLALANINE   ? 'C9 H11 N O2'    165.189 
PRO 'L-peptide linking' y PROLINE         ? 'C5 H9 N O2'     115.130 
SER 'L-peptide linking' y SERINE          ? 'C3 H7 N O3'     105.093 
THR 'L-peptide linking' y THREONINE       ? 'C4 H9 N O3'     119.119 
TRP 'L-peptide linking' y TRYPTOPHAN      ? 'C11 H12 N2 O2'  204.225 
TYR 'L-peptide linking' y TYROSINE        ? 'C9 H11 N O3'    181.189 
VAL 'L-peptide linking' y VALINE          ? 'C5 H11 N O2'    117.146 
# 
loop_
_pdbx_poly_seq_scheme.asym_id 
_pdbx_poly_seq_scheme.entity_id 
_pdbx_poly_seq_scheme.seq_id 
_pdbx_poly_seq_scheme.mon_id 
_pdbx_poly_seq_scheme.ndb_seq_num 
_pdbx_poly_seq_scheme.pdb_seq_num 
_pdbx_poly_seq_scheme.auth_seq_num 
_pdbx_poly_seq_scheme.pdb_mon_id 
_pdbx_poly_seq_scheme.auth_mon_id 
_pdbx_poly_seq_scheme.pdb_strand_id 
_pdbx_poly_seq_scheme.pdb_ins_code 
_pdbx_poly_seq_scheme.hetero 
A 1 1   GLY 1   250 250 GLY GLY A . n 
A 1 2   HIS 2   251 251 HIS HIS A . n 
A 1 3   MET 3   252 252 MET MET A . n 
A 1 4   GLY 4   253 253 GLY GLY A . n 
A 1 5   LEU 5   254 254 LEU LEU A . n 
A 1 6   SER 6   255 255 SER SER A . n 
A 1 7   VAL 7   256 256 VAL VAL A . n 
A 1 8   GLN 8   257 257 GLN GLN A . n 
A 1 9   ASN 9   258 258 ASN ASN A . n 
A 1 10  ASN 10  259 259 ASN ASN A . n 
A 1 11  LYS 11  260 260 LYS LYS A . n 
A 1 12  PHE 12  261 261 PHE PHE A . n 
A 1 13  ASP 13  262 262 ASP ASP A . n 
A 1 14  GLU 14  263 263 GLU GLU A . n 
A 1 15  PHE 15  264 264 PHE PHE A . n 
A 1 16  GLY 16  265 265 GLY GLY A . n 
A 1 17  GLU 17  266 266 GLU GLU A . n 
A 1 18  TRP 18  267 267 TRP TRP A . n 
A 1 19  LEU 19  268 268 LEU LEU A . n 
A 1 20  LEU 20  269 269 LEU LEU A . n 
A 1 21  LYS 21  270 270 LYS LYS A . n 
A 1 22  GLU 22  271 271 GLU GLU A . n 
A 1 23  SER 23  272 272 SER SER A . n 
A 1 24  ASN 24  273 273 ASN ASN A . n 
A 1 25  GLY 25  274 274 GLY GLY A . n 
A 1 26  SER 26  275 275 SER SER A . n 
A 1 27  LYS 27  276 276 LYS LYS A . n 
A 1 28  ASP 28  277 277 ASP ASP A . n 
A 1 29  ASP 29  278 278 ASP ASP A . n 
A 1 30  LEU 30  279 279 LEU LEU A . n 
A 1 31  PRO 31  280 280 PRO PRO A . n 
A 1 32  SER 32  281 281 SER SER A . n 
A 1 33  ASP 33  282 282 ASP ASP A . n 
A 1 34  VAL 34  283 283 VAL VAL A . n 
A 1 35  GLU 35  284 284 GLU GLU A . n 
A 1 36  ILE 36  285 285 ILE ILE A . n 
A 1 37  TYR 37  286 286 TYR TYR A . n 
A 1 38  LYS 38  287 287 LYS LYS A . n 
A 1 39  ARG 39  288 288 ARG ARG A . n 
A 1 40  ILE 40  289 289 ILE ILE A . n 
A 1 41  VAL 41  290 290 VAL VAL A . n 
A 1 42  GLU 42  291 291 GLU GLU A . n 
A 1 43  LEU 43  292 292 LEU LEU A . n 
A 1 44  GLU 44  293 293 GLU GLU A . n 
A 1 45  ILE 45  294 294 ILE ILE A . n 
A 1 46  ALA 46  295 295 ALA ALA A . n 
A 1 47  ASP 47  296 296 ASP ASP A . n 
A 1 48  THR 48  297 297 THR THR A . n 
A 1 49  PRO 49  298 298 PRO PRO A . n 
A 1 50  GLU 50  299 299 GLU GLU A . n 
A 1 51  THR 51  300 300 THR THR A . n 
A 1 52  LEU 52  301 301 LEU LEU A . n 
A 1 53  GLN 53  302 302 GLN GLN A . n 
A 1 54  VAL 54  303 303 VAL VAL A . n 
A 1 55  LEU 55  304 304 LEU LEU A . n 
A 1 56  GLY 56  305 305 GLY GLY A . n 
A 1 57  GLN 57  306 306 GLN GLN A . n 
A 1 58  VAL 58  307 307 VAL VAL A . n 
A 1 59  LEU 59  308 308 LEU LEU A . n 
A 1 60  PHE 60  309 309 PHE PHE A . n 
A 1 61  ASP 61  310 310 ASP ASP A . n 
A 1 62  ASP 62  311 311 ASP ASP A . n 
A 1 63  ASP 63  312 312 ASP ASP A . n 
A 1 64  ILE 64  313 313 ILE ILE A . n 
A 1 65  ILE 65  314 314 ILE ILE A . n 
A 1 66  ASN 66  315 315 ASN ASN A . n 
A 1 67  GLN 67  316 316 GLN GLN A . n 
A 1 68  ILE 68  317 317 ILE ILE A . n 
A 1 69  GLU 69  318 318 GLU GLU A . n 
A 1 70  PRO 70  319 319 PRO PRO A . n 
A 1 71  HIS 71  320 320 HIS HIS A . n 
A 1 72  VAL 72  321 321 VAL VAL A . n 
A 1 73  GLY 73  322 322 GLY GLY A . n 
A 1 74  LEU 74  323 323 LEU LEU A . n 
A 1 75  LEU 75  324 324 LEU LEU A . n 
A 1 76  THR 76  325 325 THR THR A . n 
A 1 77  LYS 77  326 326 LYS LYS A . n 
A 1 78  LEU 78  327 327 LEU LEU A . n 
A 1 79  ILE 79  328 328 ILE ILE A . n 
A 1 80  ASN 80  329 329 ASN ASN A . n 
A 1 81  GLY 81  330 330 GLY GLY A . n 
A 1 82  ASP 82  331 331 ASP ASP A . n 
A 1 83  GLU 83  332 332 GLU GLU A . n 
A 1 84  GLU 84  333 333 GLU GLU A . n 
A 1 85  PHE 85  334 334 PHE PHE A . n 
A 1 86  GLU 86  335 335 GLU GLU A . n 
A 1 87  LYS 87  336 336 LYS LYS A . n 
A 1 88  ALA 88  337 337 ALA ALA A . n 
A 1 89  LEU 89  338 338 LEU LEU A . n 
A 1 90  LEU 90  339 339 LEU LEU A . n 
A 1 91  GLY 91  340 340 GLY GLY A . n 
A 1 92  GLY 92  341 341 GLY GLY A . n 
A 1 93  LEU 93  342 342 LEU LEU A . n 
A 1 94  GLU 94  343 343 GLU GLU A . n 
A 1 95  ARG 95  344 344 ARG ARG A . n 
A 1 96  PHE 96  345 345 PHE PHE A . n 
A 1 97  PHE 97  346 346 PHE PHE A . n 
A 1 98  GLY 98  347 347 GLY GLY A . n 
A 1 99  LEU 99  348 348 LEU LEU A . n 
A 1 100 GLU 100 349 349 GLU GLU A . n 
A 1 101 LYS 101 350 350 LYS LYS A . n 
A 1 102 PRO 102 351 351 PRO PRO A . n 
A 1 103 ASN 103 352 352 ASN ASN A . n 
A 1 104 LEU 104 353 353 LEU LEU A . n 
A 1 105 ILE 105 354 354 ILE ILE A . n 
A 1 106 PRO 106 355 355 PRO PRO A . n 
A 1 107 GLN 107 356 356 GLN GLN A . n 
A 1 108 ILE 108 357 357 ILE ILE A . n 
A 1 109 PRO 109 358 358 PRO PRO A . n 
A 1 110 LYS 110 359 359 LYS LYS A . n 
A 1 111 ILE 111 360 360 ILE ILE A . n 
A 1 112 LEU 112 361 361 LEU LEU A . n 
A 1 113 HIS 113 362 362 HIS HIS A . n 
A 1 114 GLY 114 363 363 GLY GLY A . n 
A 1 115 PHE 115 364 364 PHE PHE A . n 
A 1 116 TYR 116 365 365 TYR TYR A . n 
A 1 117 ASP 117 366 366 ASP ASP A . n 
A 1 118 ARG 118 367 367 ARG ARG A . n 
A 1 119 ASP 119 368 368 ASP ASP A . n 
A 1 120 LEU 120 369 369 LEU LEU A . n 
A 1 121 ILE 121 370 370 ILE ILE A . n 
A 1 122 SER 122 371 371 SER SER A . n 
A 1 123 GLU 123 372 372 GLU GLU A . n 
A 1 124 GLU 124 373 373 GLU GLU A . n 
A 1 125 VAL 125 374 374 VAL VAL A . n 
A 1 126 LEU 126 375 375 LEU LEU A . n 
A 1 127 ILE 127 376 376 ILE ILE A . n 
A 1 128 LYS 128 377 377 LYS LYS A . n 
A 1 129 TRP 129 378 378 TRP TRP A . n 
A 1 130 GLY 130 379 379 GLY GLY A . n 
A 1 131 SER 131 380 380 SER SER A . n 
A 1 132 LYS 132 381 381 LYS LYS A . n 
A 1 133 VAL 133 382 382 VAL VAL A . n 
A 1 134 SER 134 383 383 SER SER A . n 
A 1 135 LYS 135 384 384 LYS LYS A . n 
A 1 136 LYS 136 385 385 LYS LYS A . n 
A 1 137 TYR 137 386 386 TYR TYR A . n 
A 1 138 VAL 138 387 387 VAL VAL A . n 
A 1 139 PRO 139 388 388 PRO PRO A . n 
A 1 140 LYS 140 389 389 LYS LYS A . n 
A 1 141 ASP 141 390 390 ASP ASP A . n 
A 1 142 VAL 142 391 391 VAL VAL A . n 
A 1 143 SER 143 392 392 SER SER A . n 
A 1 144 LYS 144 393 393 LYS LYS A . n 
A 1 145 LYS 145 394 394 LYS LYS A . n 
A 1 146 VAL 146 395 395 VAL VAL A . n 
A 1 147 ARG 147 396 396 ARG ARG A . n 
A 1 148 LYS 148 397 397 LYS LYS A . n 
A 1 149 ALA 149 398 398 ALA ALA A . n 
A 1 150 ALA 150 399 399 ALA ALA A . n 
A 1 151 LYS 151 400 400 LYS LYS A . n 
A 1 152 PRO 152 401 401 PRO PRO A . n 
A 1 153 PHE 153 402 402 PHE PHE A . n 
A 1 154 VAL 154 403 403 VAL VAL A . n 
A 1 155 LYS 155 404 404 LYS LYS A . n 
A 1 156 TRP 156 405 405 TRP TRP A . n 
A 1 157 LEU 157 406 406 LEU LEU A . n 
A 1 158 GLN 158 407 407 GLN GLN A . n 
A 1 159 GLU 159 408 408 GLU GLU A . n 
A 1 160 ALA 160 409 409 ALA ALA A . n 
A 1 161 GLU 161 410 410 GLU GLU A . n 
A 1 162 GLU 162 411 411 GLU GLU A . n 
A 1 163 GLU 163 412 412 GLU GLU A . n 
A 1 164 GLU 164 413 413 GLU GLU A . n 
A 1 165 GLU 165 414 414 GLU GLU A . n 
A 1 166 GLU 166 415 415 GLU GLU A . n 
A 1 167 GLU 167 416 416 GLU GLU A . n 
A 1 168 SER 168 417 417 SER SER A . n 
A 1 169 ASP 169 418 418 ASP ASP A . n 
# 
loop_
_pdbx_nonpoly_scheme.asym_id 
_pdbx_nonpoly_scheme.entity_id 
_pdbx_nonpoly_scheme.mon_id 
_pdbx_nonpoly_scheme.ndb_seq_num 
_pdbx_nonpoly_scheme.pdb_seq_num 
_pdbx_nonpoly_scheme.auth_seq_num 
_pdbx_nonpoly_scheme.pdb_mon_id 
_pdbx_nonpoly_scheme.auth_mon_id 
_pdbx_nonpoly_scheme.pdb_strand_id 
_pdbx_nonpoly_scheme.pdb_ins_code 
B 2 HOH 1  501 9  HOH HOH A . 
B 2 HOH 2  502 29 HOH HOH A . 
B 2 HOH 3  503 37 HOH HOH A . 
B 2 HOH 4  504 41 HOH HOH A . 
B 2 HOH 5  505 58 HOH HOH A . 
B 2 HOH 6  506 50 HOH HOH A . 
B 2 HOH 7  507 61 HOH HOH A . 
B 2 HOH 8  508 13 HOH HOH A . 
B 2 HOH 9  509 62 HOH HOH A . 
B 2 HOH 10 510 54 HOH HOH A . 
B 2 HOH 11 511 57 HOH HOH A . 
B 2 HOH 12 512 12 HOH HOH A . 
B 2 HOH 13 513 15 HOH HOH A . 
B 2 HOH 14 514 24 HOH HOH A . 
B 2 HOH 15 515 48 HOH HOH A . 
B 2 HOH 16 516 42 HOH HOH A . 
B 2 HOH 17 517 4  HOH HOH A . 
B 2 HOH 18 518 8  HOH HOH A . 
B 2 HOH 19 519 33 HOH HOH A . 
B 2 HOH 20 520 14 HOH HOH A . 
B 2 HOH 21 521 11 HOH HOH A . 
B 2 HOH 22 522 2  HOH HOH A . 
B 2 HOH 23 523 27 HOH HOH A . 
B 2 HOH 24 524 49 HOH HOH A . 
B 2 HOH 25 525 16 HOH HOH A . 
B 2 HOH 26 526 20 HOH HOH A . 
B 2 HOH 27 527 5  HOH HOH A . 
B 2 HOH 28 528 17 HOH HOH A . 
B 2 HOH 29 529 7  HOH HOH A . 
B 2 HOH 30 530 18 HOH HOH A . 
B 2 HOH 31 531 25 HOH HOH A . 
B 2 HOH 32 532 3  HOH HOH A . 
B 2 HOH 33 533 30 HOH HOH A . 
B 2 HOH 34 534 6  HOH HOH A . 
B 2 HOH 35 535 32 HOH HOH A . 
B 2 HOH 36 536 1  HOH HOH A . 
B 2 HOH 37 537 43 HOH HOH A . 
B 2 HOH 38 538 21 HOH HOH A . 
B 2 HOH 39 539 36 HOH HOH A . 
B 2 HOH 40 540 40 HOH HOH A . 
B 2 HOH 41 541 19 HOH HOH A . 
B 2 HOH 42 542 55 HOH HOH A . 
B 2 HOH 43 543 26 HOH HOH A . 
B 2 HOH 44 544 44 HOH HOH A . 
B 2 HOH 45 545 45 HOH HOH A . 
B 2 HOH 46 546 38 HOH HOH A . 
B 2 HOH 47 547 22 HOH HOH A . 
B 2 HOH 48 548 66 HOH HOH A . 
B 2 HOH 49 549 10 HOH HOH A . 
B 2 HOH 50 550 64 HOH HOH A . 
B 2 HOH 51 551 35 HOH HOH A . 
B 2 HOH 52 552 51 HOH HOH A . 
B 2 HOH 53 553 67 HOH HOH A . 
B 2 HOH 54 554 68 HOH HOH A . 
B 2 HOH 55 555 47 HOH HOH A . 
B 2 HOH 56 556 28 HOH HOH A . 
B 2 HOH 57 557 46 HOH HOH A . 
B 2 HOH 58 558 39 HOH HOH A . 
B 2 HOH 59 559 63 HOH HOH A . 
B 2 HOH 60 560 52 HOH HOH A . 
B 2 HOH 61 561 23 HOH HOH A . 
B 2 HOH 62 562 34 HOH HOH A . 
B 2 HOH 63 563 31 HOH HOH A . 
B 2 HOH 64 564 65 HOH HOH A . 
# 
loop_
_software.citation_id 
_software.classification 
_software.compiler_name 
_software.compiler_version 
_software.contact_author 
_software.contact_author_email 
_software.date 
_software.description 
_software.dependencies 
_software.hardware 
_software.language 
_software.location 
_software.mods 
_software.name 
_software.os 
_software.os_version 
_software.type 
_software.version 
_software.pdbx_ordinal 
? 'data reduction'  ? ? 'Wolfgang Kabsch' Wolfgang.Kabsch@mpimf-heidelberg.mpg.de ?              ? ? ? ?   
http://www.mpimf-heidelberg.mpg.de/~kabsch/xds/                             ? XDS         ? ? package .        1 
? 'data scaling'    ? ? 'Wolfgang Kabsch' ?                                       ?              ? ? ? ?   
http://www.mpimf-heidelberg.mpg.de/~kabsch/xds/html_doc/xscale_program.html ? XSCALE      ? ? package .        2 
? phasing           ? ? 'Randy J. Read'   cimr-phaser@lists.cam.ac.uk             ?              ? ? ? ?   
http://www-structmed.cimr.cam.ac.uk/phaser/                                 ? PHASER      ? ? program .        3 
? refinement        ? ? 'Paul D. Adams'   PDAdams@lbl.gov                         ?              ? ? ? C++ 
http://www.phenix-online.org/                                               ? PHENIX      ? ? package 1.9_1692 4 
? 'data extraction' ? ? PDB               deposit@deposit.rcsb.org                'Apr. 1, 2019' ? ? ? C++ 
http://sw-tools.pdb.org/apps/PDB_EXTRACT/                                   ? PDB_EXTRACT ? ? package 3.25     5 
# 
_cell.angle_alpha                  90.000 
_cell.angle_alpha_esd              ? 
_cell.angle_beta                   90.000 
_cell.angle_beta_esd               ? 
_cell.angle_gamma                  90.000 
_cell.angle_gamma_esd              ? 
_cell.entry_id                     6KNE 
_cell.details                      ? 
_cell.formula_units_Z              ? 
_cell.length_a                     49.950 
_cell.length_a_esd                 ? 
_cell.length_b                     54.156 
_cell.length_b_esd                 ? 
_cell.length_c                     63.285 
_cell.length_c_esd                 ? 
_cell.volume                       ? 
_cell.volume_esd                   ? 
_cell.Z_PDB                        4 
_cell.reciprocal_angle_alpha       ? 
_cell.reciprocal_angle_beta        ? 
_cell.reciprocal_angle_gamma       ? 
_cell.reciprocal_angle_alpha_esd   ? 
_cell.reciprocal_angle_beta_esd    ? 
_cell.reciprocal_angle_gamma_esd   ? 
_cell.reciprocal_length_a          ? 
_cell.reciprocal_length_b          ? 
_cell.reciprocal_length_c          ? 
_cell.reciprocal_length_a_esd      ? 
_cell.reciprocal_length_b_esd      ? 
_cell.reciprocal_length_c_esd      ? 
_cell.pdbx_unique_axis             ? 
# 
_symmetry.entry_id                         6KNE 
_symmetry.cell_setting                     ? 
_symmetry.Int_Tables_number                19 
_symmetry.space_group_name_Hall            ? 
_symmetry.space_group_name_H-M             'P 21 21 21' 
_symmetry.pdbx_full_space_group_name_H-M   ? 
# 
_exptl.absorpt_coefficient_mu     ? 
_exptl.absorpt_correction_T_max   ? 
_exptl.absorpt_correction_T_min   ? 
_exptl.absorpt_correction_type    ? 
_exptl.absorpt_process_details    ? 
_exptl.entry_id                   6KNE 
_exptl.crystals_number            1 
_exptl.details                    ? 
_exptl.method                     'X-RAY DIFFRACTION' 
_exptl.method_details             ? 
# 
_exptl_crystal.colour                      ? 
_exptl_crystal.density_diffrn              ? 
_exptl_crystal.density_Matthews            2.21 
_exptl_crystal.density_method              ? 
_exptl_crystal.density_percent_sol         44.31 
_exptl_crystal.description                 ? 
_exptl_crystal.F_000                       ? 
_exptl_crystal.id                          1 
_exptl_crystal.preparation                 ? 
_exptl_crystal.size_max                    ? 
_exptl_crystal.size_mid                    ? 
_exptl_crystal.size_min                    ? 
_exptl_crystal.size_rad                    ? 
_exptl_crystal.colour_lustre               ? 
_exptl_crystal.colour_modifier             ? 
_exptl_crystal.colour_primary              ? 
_exptl_crystal.density_meas                ? 
_exptl_crystal.density_meas_esd            ? 
_exptl_crystal.density_meas_gt             ? 
_exptl_crystal.density_meas_lt             ? 
_exptl_crystal.density_meas_temp           ? 
_exptl_crystal.density_meas_temp_esd       ? 
_exptl_crystal.density_meas_temp_gt        ? 
_exptl_crystal.density_meas_temp_lt        ? 
_exptl_crystal.pdbx_crystal_image_url      ? 
_exptl_crystal.pdbx_crystal_image_format   ? 
_exptl_crystal.pdbx_mosaicity              ? 
_exptl_crystal.pdbx_mosaicity_esd          ? 
# 
_exptl_crystal_grow.apparatus       ? 
_exptl_crystal_grow.atmosphere      ? 
_exptl_crystal_grow.crystal_id      1 
_exptl_crystal_grow.details         ? 
_exptl_crystal_grow.method          'VAPOR DIFFUSION, SITTING DROP' 
_exptl_crystal_grow.method_ref      ? 
_exptl_crystal_grow.pH              ? 
_exptl_crystal_grow.pressure        ? 
_exptl_crystal_grow.pressure_esd    ? 
_exptl_crystal_grow.seeding         ? 
_exptl_crystal_grow.seeding_ref     ? 
_exptl_crystal_grow.temp            293.15 
_exptl_crystal_grow.temp_details    ? 
_exptl_crystal_grow.temp_esd        ? 
_exptl_crystal_grow.time            ? 
_exptl_crystal_grow.pdbx_details    
;sodium citrate pH 5.5,
40% (v/v) PEG 600
;
_exptl_crystal_grow.pdbx_pH_range   ? 
# 
_diffrn.ambient_environment              ? 
_diffrn.ambient_temp                     100 
_diffrn.ambient_temp_details             ? 
_diffrn.ambient_temp_esd                 ? 
_diffrn.crystal_id                       1 
_diffrn.crystal_support                  ? 
_diffrn.crystal_treatment                ? 
_diffrn.details                          ? 
_diffrn.id                               1 
_diffrn.ambient_pressure                 ? 
_diffrn.ambient_pressure_esd             ? 
_diffrn.ambient_pressure_gt              ? 
_diffrn.ambient_pressure_lt              ? 
_diffrn.ambient_temp_gt                  ? 
_diffrn.ambient_temp_lt                  ? 
_diffrn.pdbx_serial_crystal_experiment   N 
# 
_diffrn_detector.details                      ? 
_diffrn_detector.detector                     PIXEL 
_diffrn_detector.diffrn_id                    1 
_diffrn_detector.type                         'DECTRIS PILATUS3 S 6M' 
_diffrn_detector.area_resol_mean              ? 
_diffrn_detector.dtime                        ? 
_diffrn_detector.pdbx_frames_total            ? 
_diffrn_detector.pdbx_collection_time_total   ? 
_diffrn_detector.pdbx_collection_date         2016-09-21 
_diffrn_detector.pdbx_frequency               ? 
# 
_diffrn_radiation.collimation                      ? 
_diffrn_radiation.diffrn_id                        1 
_diffrn_radiation.filter_edge                      ? 
_diffrn_radiation.inhomogeneity                    ? 
_diffrn_radiation.monochromator                    ? 
_diffrn_radiation.polarisn_norm                    ? 
_diffrn_radiation.polarisn_ratio                   ? 
_diffrn_radiation.probe                            ? 
_diffrn_radiation.type                             ? 
_diffrn_radiation.xray_symbol                      ? 
_diffrn_radiation.wavelength_id                    1 
_diffrn_radiation.pdbx_monochromatic_or_laue_m_l   M 
_diffrn_radiation.pdbx_wavelength_list             ? 
_diffrn_radiation.pdbx_wavelength                  ? 
_diffrn_radiation.pdbx_diffrn_protocol             'SINGLE WAVELENGTH' 
_diffrn_radiation.pdbx_analyzer                    ? 
_diffrn_radiation.pdbx_scattering_type             x-ray 
# 
_diffrn_radiation_wavelength.id           1 
_diffrn_radiation_wavelength.wavelength   1.0 
_diffrn_radiation_wavelength.wt           1.0 
# 
_diffrn_source.current                     ? 
_diffrn_source.details                     ? 
_diffrn_source.diffrn_id                   1 
_diffrn_source.power                       ? 
_diffrn_source.size                        ? 
_diffrn_source.source                      SYNCHROTRON 
_diffrn_source.target                      ? 
_diffrn_source.type                        'SPRING-8 BEAMLINE BL41XU' 
_diffrn_source.voltage                     ? 
_diffrn_source.take-off_angle              ? 
_diffrn_source.pdbx_wavelength_list        1.0 
_diffrn_source.pdbx_wavelength             ? 
_diffrn_source.pdbx_synchrotron_beamline   BL41XU 
_diffrn_source.pdbx_synchrotron_site       SPring-8 
# 
_reflns.B_iso_Wilson_estimate            32.950 
_reflns.entry_id                         6KNE 
_reflns.data_reduction_details           ? 
_reflns.data_reduction_method            ? 
_reflns.d_resolution_high                1.700 
_reflns.d_resolution_low                 41.147 
_reflns.details                          ? 
_reflns.limit_h_max                      ? 
_reflns.limit_h_min                      ? 
_reflns.limit_k_max                      ? 
_reflns.limit_k_min                      ? 
_reflns.limit_l_max                      ? 
_reflns.limit_l_min                      ? 
_reflns.number_all                       ? 
_reflns.number_obs                       19254 
_reflns.observed_criterion               ? 
_reflns.observed_criterion_F_max         ? 
_reflns.observed_criterion_F_min         ? 
_reflns.observed_criterion_I_max         ? 
_reflns.observed_criterion_I_min         ? 
_reflns.observed_criterion_sigma_F       ? 
_reflns.observed_criterion_sigma_I       ? 
_reflns.percent_possible_obs             99.000 
_reflns.R_free_details                   ? 
_reflns.Rmerge_F_all                     ? 
_reflns.Rmerge_F_obs                     ? 
_reflns.Friedel_coverage                 ? 
_reflns.number_gt                        ? 
_reflns.threshold_expression             ? 
_reflns.pdbx_redundancy                  4.534 
_reflns.pdbx_Rmerge_I_obs                0.031 
_reflns.pdbx_Rmerge_I_all                ? 
_reflns.pdbx_Rsym_value                  ? 
_reflns.pdbx_netI_over_av_sigmaI         ? 
_reflns.pdbx_netI_over_sigmaI            19.980 
_reflns.pdbx_res_netI_over_av_sigmaI_2   ? 
_reflns.pdbx_res_netI_over_sigmaI_2      ? 
_reflns.pdbx_chi_squared                 1.055 
_reflns.pdbx_scaling_rejects             ? 
_reflns.pdbx_d_res_high_opt              ? 
_reflns.pdbx_d_res_low_opt               ? 
_reflns.pdbx_d_res_opt_method            ? 
_reflns.phase_calculation_details        ? 
_reflns.pdbx_Rrim_I_all                  0.035 
_reflns.pdbx_Rpim_I_all                  ? 
_reflns.pdbx_d_opt                       ? 
_reflns.pdbx_number_measured_all         87296 
_reflns.pdbx_diffrn_id                   1 
_reflns.pdbx_ordinal                     1 
_reflns.pdbx_CC_half                     0.999 
_reflns.pdbx_R_split                     ? 
# 
loop_
_reflns_shell.d_res_high 
_reflns_shell.d_res_low 
_reflns_shell.meanI_over_sigI_all 
_reflns_shell.meanI_over_sigI_obs 
_reflns_shell.number_measured_all 
_reflns_shell.number_measured_obs 
_reflns_shell.number_possible 
_reflns_shell.number_unique_all 
_reflns_shell.number_unique_obs 
_reflns_shell.percent_possible_all 
_reflns_shell.percent_possible_obs 
_reflns_shell.Rmerge_F_all 
_reflns_shell.Rmerge_F_obs 
_reflns_shell.Rmerge_I_all 
_reflns_shell.Rmerge_I_obs 
_reflns_shell.meanI_over_sigI_gt 
_reflns_shell.meanI_over_uI_all 
_reflns_shell.meanI_over_uI_gt 
_reflns_shell.number_measured_gt 
_reflns_shell.number_unique_gt 
_reflns_shell.percent_possible_gt 
_reflns_shell.Rmerge_F_gt 
_reflns_shell.Rmerge_I_gt 
_reflns_shell.pdbx_redundancy 
_reflns_shell.pdbx_Rsym_value 
_reflns_shell.pdbx_chi_squared 
_reflns_shell.pdbx_netI_over_sigmaI_all 
_reflns_shell.pdbx_netI_over_sigmaI_obs 
_reflns_shell.pdbx_Rrim_I_all 
_reflns_shell.pdbx_Rpim_I_all 
_reflns_shell.pdbx_rejects 
_reflns_shell.pdbx_ordinal 
_reflns_shell.pdbx_diffrn_id 
_reflns_shell.pdbx_CC_half 
_reflns_shell.pdbx_R_split 
1.700 1.800  ? 2.710  ? 13958 3089 ? 3068 99.300 ? ? ? ? 0.508 ? ? ? ? ? ? ? ? 4.550 ? ? ? ? 0.574 ? ? 1 1 0.971 ? 
1.800 1.930  ? 4.990  ? 12943 2901 ? 2866 98.800 ? ? ? ? 0.245 ? ? ? ? ? ? ? ? 4.516 ? ? ? ? 0.278 ? ? 2 1 0.991 ? 
1.930 2.080  ? 8.130  ? 12659 2712 ? 2702 99.600 ? ? ? ? 0.143 ? ? ? ? ? ? ? ? 4.685 ? ? ? ? 0.162 ? ? 3 1 0.996 ? 
2.080 2.280  ? 14.600 ? 10998 2505 ? 2478 98.900 ? ? ? ? 0.073 ? ? ? ? ? ? ? ? 4.438 ? ? ? ? 0.083 ? ? 4 1 0.998 ? 
2.280 2.550  ? 23.550 ? 10775 2290 ? 2285 99.800 ? ? ? ? 0.048 ? ? ? ? ? ? ? ? 4.716 ? ? ? ? 0.054 ? ? 5 1 0.999 ? 
2.550 2.940  ? 32.740 ? 8803  2020 ? 1981 98.100 ? ? ? ? 0.035 ? ? ? ? ? ? ? ? 4.444 ? ? ? ? 0.040 ? ? 6 1 0.999 ? 
2.940 3.600  ? 44.630 ? 7968  1736 ? 1725 99.400 ? ? ? ? 0.029 ? ? ? ? ? ? ? ? 4.619 ? ? ? ? 0.033 ? ? 7 1 0.999 ? 
3.600 5.070  ? 50.230 ? 5824  1372 ? 1344 98.000 ? ? ? ? 0.026 ? ? ? ? ? ? ? ? 4.333 ? ? ? ? 0.030 ? ? 8 1 0.999 ? 
5.070 41.147 ? 50.540 ? 3368  826  ? 805  97.500 ? ? ? ? 0.022 ? ? ? ? ? ? ? ? 4.184 ? ? ? ? 0.026 ? ? 9 1 0.999 ? 
# 
_refine.aniso_B[1][1]                            ? 
_refine.aniso_B[1][2]                            ? 
_refine.aniso_B[1][3]                            ? 
_refine.aniso_B[2][2]                            ? 
_refine.aniso_B[2][3]                            ? 
_refine.aniso_B[3][3]                            ? 
_refine.B_iso_max                                80.070 
_refine.B_iso_mean                               47.0899 
_refine.B_iso_min                                30.860 
_refine.correlation_coeff_Fo_to_Fc               ? 
_refine.correlation_coeff_Fo_to_Fc_free          ? 
_refine.details                                  ? 
_refine.diff_density_max                         ? 
_refine.diff_density_max_esd                     ? 
_refine.diff_density_min                         ? 
_refine.diff_density_min_esd                     ? 
_refine.diff_density_rms                         ? 
_refine.diff_density_rms_esd                     ? 
_refine.entry_id                                 6KNE 
_refine.pdbx_refine_id                           'X-RAY DIFFRACTION' 
_refine.ls_abs_structure_details                 ? 
_refine.ls_abs_structure_Flack                   ? 
_refine.ls_abs_structure_Flack_esd               ? 
_refine.ls_abs_structure_Rogers                  ? 
_refine.ls_abs_structure_Rogers_esd              ? 
_refine.ls_d_res_high                            1.7010 
_refine.ls_d_res_low                             41.1470 
_refine.ls_extinction_coef                       ? 
_refine.ls_extinction_coef_esd                   ? 
_refine.ls_extinction_expression                 ? 
_refine.ls_extinction_method                     ? 
_refine.ls_goodness_of_fit_all                   ? 
_refine.ls_goodness_of_fit_all_esd               ? 
_refine.ls_goodness_of_fit_obs                   ? 
_refine.ls_goodness_of_fit_obs_esd               ? 
_refine.ls_hydrogen_treatment                    ? 
_refine.ls_matrix_type                           ? 
_refine.ls_number_constraints                    ? 
_refine.ls_number_parameters                     ? 
_refine.ls_number_reflns_all                     ? 
_refine.ls_number_reflns_obs                     19086 
_refine.ls_number_reflns_R_free                  983 
_refine.ls_number_reflns_R_work                  18103 
_refine.ls_number_restraints                     ? 
_refine.ls_percent_reflns_obs                    98.1200 
_refine.ls_percent_reflns_R_free                 5.1500 
_refine.ls_R_factor_all                          ? 
_refine.ls_R_factor_obs                          0.2319 
_refine.ls_R_factor_R_free                       0.2653 
_refine.ls_R_factor_R_free_error                 ? 
_refine.ls_R_factor_R_free_error_details         ? 
_refine.ls_R_factor_R_work                       0.2301 
_refine.ls_R_Fsqd_factor_obs                     ? 
_refine.ls_R_I_factor_obs                        ? 
_refine.ls_redundancy_reflns_all                 ? 
_refine.ls_redundancy_reflns_obs                 ? 
_refine.ls_restrained_S_all                      ? 
_refine.ls_restrained_S_obs                      ? 
_refine.ls_shift_over_esd_max                    ? 
_refine.ls_shift_over_esd_mean                   ? 
_refine.ls_structure_factor_coef                 ? 
_refine.ls_weighting_details                     ? 
_refine.ls_weighting_scheme                      ? 
_refine.ls_wR_factor_all                         ? 
_refine.ls_wR_factor_obs                         ? 
_refine.ls_wR_factor_R_free                      ? 
_refine.ls_wR_factor_R_work                      ? 
_refine.occupancy_max                            ? 
_refine.occupancy_min                            ? 
_refine.solvent_model_details                    'FLAT BULK SOLVENT MODEL' 
_refine.solvent_model_param_bsol                 ? 
_refine.solvent_model_param_ksol                 ? 
_refine.ls_R_factor_gt                           ? 
_refine.ls_goodness_of_fit_gt                    ? 
_refine.ls_goodness_of_fit_ref                   ? 
_refine.ls_shift_over_su_max                     ? 
_refine.ls_shift_over_su_max_lt                  ? 
_refine.ls_shift_over_su_mean                    ? 
_refine.ls_shift_over_su_mean_lt                 ? 
_refine.pdbx_ls_sigma_I                          ? 
_refine.pdbx_ls_sigma_F                          1.360 
_refine.pdbx_ls_sigma_Fsqd                       ? 
_refine.pdbx_data_cutoff_high_absF               ? 
_refine.pdbx_data_cutoff_high_rms_absF           ? 
_refine.pdbx_data_cutoff_low_absF                ? 
_refine.pdbx_isotropic_thermal_model             ? 
_refine.pdbx_ls_cross_valid_method               THROUGHOUT 
_refine.pdbx_method_to_determine_struct          'MOLECULAR REPLACEMENT' 
_refine.pdbx_starting_model                      ? 
_refine.pdbx_stereochemistry_target_values       ML 
_refine.pdbx_R_Free_selection_details            ? 
_refine.pdbx_stereochem_target_val_spec_case     ? 
_refine.pdbx_overall_ESU_R                       ? 
_refine.pdbx_overall_ESU_R_Free                  ? 
_refine.pdbx_solvent_vdw_probe_radii             1.1100 
_refine.pdbx_solvent_ion_probe_radii             ? 
_refine.pdbx_solvent_shrinkage_radii             0.9000 
_refine.pdbx_real_space_R                        ? 
_refine.pdbx_density_correlation                 ? 
_refine.pdbx_pd_number_of_powder_patterns        ? 
_refine.pdbx_pd_number_of_points                 ? 
_refine.pdbx_pd_meas_number_of_points            ? 
_refine.pdbx_pd_proc_ls_prof_R_factor            ? 
_refine.pdbx_pd_proc_ls_prof_wR_factor           ? 
_refine.pdbx_pd_Marquardt_correlation_coeff      ? 
_refine.pdbx_pd_Fsqrd_R_factor                   ? 
_refine.pdbx_pd_ls_matrix_band_width             ? 
_refine.pdbx_overall_phase_error                 40.4200 
_refine.pdbx_overall_SU_R_free_Cruickshank_DPI   ? 
_refine.pdbx_overall_SU_R_free_Blow_DPI          ? 
_refine.pdbx_overall_SU_R_Blow_DPI               ? 
_refine.pdbx_TLS_residual_ADP_flag               ? 
_refine.pdbx_diffrn_id                           1 
_refine.overall_SU_B                             ? 
_refine.overall_SU_ML                            0.2400 
_refine.overall_SU_R_Cruickshank_DPI             ? 
_refine.overall_SU_R_free                        ? 
_refine.overall_FOM_free_R_set                   ? 
_refine.overall_FOM_work_R_set                   ? 
_refine.pdbx_average_fsc_overall                 ? 
_refine.pdbx_average_fsc_work                    ? 
_refine.pdbx_average_fsc_free                    ? 
# 
_refine_hist.pdbx_refine_id                   'X-RAY DIFFRACTION' 
_refine_hist.cycle_id                         final 
_refine_hist.details                          ? 
_refine_hist.d_res_high                       1.7010 
_refine_hist.d_res_low                        41.1470 
_refine_hist.number_atoms_solvent             64 
_refine_hist.number_atoms_total               1431 
_refine_hist.number_reflns_all                ? 
_refine_hist.number_reflns_obs                ? 
_refine_hist.number_reflns_R_free             ? 
_refine_hist.number_reflns_R_work             ? 
_refine_hist.R_factor_all                     ? 
_refine_hist.R_factor_obs                     ? 
_refine_hist.R_factor_R_free                  ? 
_refine_hist.R_factor_R_work                  ? 
_refine_hist.pdbx_number_residues_total       169 
_refine_hist.pdbx_B_iso_mean_ligand           ? 
_refine_hist.pdbx_B_iso_mean_solvent          49.47 
_refine_hist.pdbx_number_atoms_protein        1367 
_refine_hist.pdbx_number_atoms_nucleic_acid   0 
_refine_hist.pdbx_number_atoms_ligand         0 
_refine_hist.pdbx_number_atoms_lipid          ? 
_refine_hist.pdbx_number_atoms_carb           ? 
_refine_hist.pdbx_pseudo_atom_details         ? 
# 
loop_
_refine_ls_restr.pdbx_refine_id 
_refine_ls_restr.criterion 
_refine_ls_restr.dev_ideal 
_refine_ls_restr.dev_ideal_target 
_refine_ls_restr.number 
_refine_ls_restr.rejects 
_refine_ls_restr.type 
_refine_ls_restr.weight 
_refine_ls_restr.pdbx_restraint_function 
'X-RAY DIFFRACTION' ? 0.007  ? 1394 ? f_bond_d           ? ? 
'X-RAY DIFFRACTION' ? 0.985  ? 1879 ? f_angle_d          ? ? 
'X-RAY DIFFRACTION' ? 0.037  ? 204  ? f_chiral_restr     ? ? 
'X-RAY DIFFRACTION' ? 0.005  ? 245  ? f_plane_restr      ? ? 
'X-RAY DIFFRACTION' ? 15.462 ? 537  ? f_dihedral_angle_d ? ? 
# 
loop_
_refine_ls_shell.pdbx_refine_id 
_refine_ls_shell.d_res_high 
_refine_ls_shell.d_res_low 
_refine_ls_shell.number_reflns_all 
_refine_ls_shell.number_reflns_obs 
_refine_ls_shell.number_reflns_R_free 
_refine_ls_shell.number_reflns_R_work 
_refine_ls_shell.percent_reflns_obs 
_refine_ls_shell.percent_reflns_R_free 
_refine_ls_shell.R_factor_all 
_refine_ls_shell.R_factor_obs 
_refine_ls_shell.R_factor_R_free 
_refine_ls_shell.R_factor_R_free_error 
_refine_ls_shell.R_factor_R_work 
_refine_ls_shell.redundancy_reflns_all 
_refine_ls_shell.redundancy_reflns_obs 
_refine_ls_shell.wR_factor_all 
_refine_ls_shell.wR_factor_obs 
_refine_ls_shell.wR_factor_R_free 
_refine_ls_shell.wR_factor_R_work 
_refine_ls_shell.pdbx_total_number_of_bins_used 
_refine_ls_shell.pdbx_phase_error 
_refine_ls_shell.pdbx_fsc_work 
_refine_ls_shell.pdbx_fsc_free 
'X-RAY DIFFRACTION' 1.7010 1.7905  . . 123 2539 98.0000 . . . 0.4074 0.0000 0.3650 . . . . . . . . . . 
'X-RAY DIFFRACTION' 1.7905 1.9027  . . 155 2493 97.0000 . . . 0.3767 0.0000 0.3143 . . . . . . . . . . 
'X-RAY DIFFRACTION' 1.9027 2.0496  . . 141 2530 98.0000 . . . 0.4025 0.0000 0.3019 . . . . . . . . . . 
'X-RAY DIFFRACTION' 2.0496 2.2558  . . 143 2597 99.0000 . . . 0.3338 0.0000 0.2656 . . . . . . . . . . 
'X-RAY DIFFRACTION' 2.2558 2.5822  . . 144 2585 99.0000 . . . 0.3195 0.0000 0.2466 . . . . . . . . . . 
'X-RAY DIFFRACTION' 2.5822 3.2531  . . 124 2628 98.0000 . . . 0.2668 0.0000 0.2494 . . . . . . . . . . 
'X-RAY DIFFRACTION' 3.2531 41.1470 . . 153 2731 98.0000 . . . 0.2216 0.0000 0.1985 . . . . . . . . . . 
# 
_struct.entry_id                     6KNE 
_struct.title                        'The C-terminal Domain of Translation Initiation Factor 5 at high pH' 
_struct.pdbx_model_details           ? 
_struct.pdbx_formula_weight          ? 
_struct.pdbx_formula_weight_method   ? 
_struct.pdbx_model_type_details      ? 
_struct.pdbx_CASP_flag               N 
# 
_struct_keywords.entry_id        6KNE 
_struct_keywords.text            'Initiation Factor, TRANSLATION' 
_struct_keywords.pdbx_keywords   TRANSLATION 
# 
loop_
_struct_asym.id 
_struct_asym.pdbx_blank_PDB_chainid_flag 
_struct_asym.pdbx_modified 
_struct_asym.entity_id 
_struct_asym.details 
A N N 1 ? 
B N N 2 ? 
# 
_struct_ref.id                         1 
_struct_ref.db_name                    UNP 
_struct_ref.db_code                    A0A1D8PNF5_CANAL 
_struct_ref.pdbx_db_accession          A0A1D8PNF5 
_struct_ref.pdbx_db_isoform            ? 
_struct_ref.entity_id                  1 
_struct_ref.pdbx_seq_one_letter_code   
;QNNKFDEFGEWLLKESNGSKDDLPSDVEIYKRIVELEIADTPETLQVLGQVLFDDDIINQIEPHVGLLTKLINGDEEFEK
ALLGGLERFFGLEKPNLIPQIPKILHGFYDRDLISEEVLIKWGSKVSKKYVPKDVSKKVRKAAKPFVKWLQEAEEEEEEE
SD
;
_struct_ref.pdbx_align_begin           257 
# 
_struct_ref_seq.align_id                      1 
_struct_ref_seq.ref_id                        1 
_struct_ref_seq.pdbx_PDB_id_code              6KNE 
_struct_ref_seq.pdbx_strand_id                A 
_struct_ref_seq.seq_align_beg                 8 
_struct_ref_seq.pdbx_seq_align_beg_ins_code   ? 
_struct_ref_seq.seq_align_end                 169 
_struct_ref_seq.pdbx_seq_align_end_ins_code   ? 
_struct_ref_seq.pdbx_db_accession             A0A1D8PNF5 
_struct_ref_seq.db_align_beg                  257 
_struct_ref_seq.pdbx_db_align_beg_ins_code    ? 
_struct_ref_seq.db_align_end                  418 
_struct_ref_seq.pdbx_db_align_end_ins_code    ? 
_struct_ref_seq.pdbx_auth_seq_align_beg       257 
_struct_ref_seq.pdbx_auth_seq_align_end       418 
# 
loop_
_struct_ref_seq_dif.align_id 
_struct_ref_seq_dif.pdbx_pdb_id_code 
_struct_ref_seq_dif.mon_id 
_struct_ref_seq_dif.pdbx_pdb_strand_id 
_struct_ref_seq_dif.seq_num 
_struct_ref_seq_dif.pdbx_pdb_ins_code 
_struct_ref_seq_dif.pdbx_seq_db_name 
_struct_ref_seq_dif.pdbx_seq_db_accession_code 
_struct_ref_seq_dif.db_mon_id 
_struct_ref_seq_dif.pdbx_seq_db_seq_num 
_struct_ref_seq_dif.details 
_struct_ref_seq_dif.pdbx_auth_seq_num 
_struct_ref_seq_dif.pdbx_ordinal 
1 6KNE GLY A 1 ? UNP A0A1D8PNF5 ? ? 'expression tag' 250 1 
1 6KNE HIS A 2 ? UNP A0A1D8PNF5 ? ? 'expression tag' 251 2 
1 6KNE MET A 3 ? UNP A0A1D8PNF5 ? ? 'expression tag' 252 3 
1 6KNE GLY A 4 ? UNP A0A1D8PNF5 ? ? 'expression tag' 253 4 
1 6KNE LEU A 5 ? UNP A0A1D8PNF5 ? ? 'expression tag' 254 5 
1 6KNE SER A 6 ? UNP A0A1D8PNF5 ? ? 'expression tag' 255 6 
1 6KNE VAL A 7 ? UNP A0A1D8PNF5 ? ? 'expression tag' 256 7 
# 
_pdbx_struct_assembly.id                   1 
_pdbx_struct_assembly.details              author_defined_assembly 
_pdbx_struct_assembly.method_details       ? 
_pdbx_struct_assembly.oligomeric_details   monomeric 
_pdbx_struct_assembly.oligomeric_count     1 
# 
loop_
_pdbx_struct_assembly_prop.biol_id 
_pdbx_struct_assembly_prop.type 
_pdbx_struct_assembly_prop.value 
_pdbx_struct_assembly_prop.details 
1 'ABSA (A^2)' 0    ? 
1 MORE         0    ? 
1 'SSA (A^2)'  9340 ? 
# 
_pdbx_struct_assembly_gen.assembly_id       1 
_pdbx_struct_assembly_gen.oper_expression   1 
_pdbx_struct_assembly_gen.asym_id_list      A,B 
# 
_pdbx_struct_assembly_auth_evidence.id                     1 
_pdbx_struct_assembly_auth_evidence.assembly_id            1 
_pdbx_struct_assembly_auth_evidence.experimental_support   'gel filtration' 
_pdbx_struct_assembly_auth_evidence.details                ? 
# 
_pdbx_struct_oper_list.id                   1 
_pdbx_struct_oper_list.type                 'identity operation' 
_pdbx_struct_oper_list.name                 1_555 
_pdbx_struct_oper_list.symmetry_operation   x,y,z 
_pdbx_struct_oper_list.matrix[1][1]         1.0000000000 
_pdbx_struct_oper_list.matrix[1][2]         0.0000000000 
_pdbx_struct_oper_list.matrix[1][3]         0.0000000000 
_pdbx_struct_oper_list.vector[1]            0.0000000000 
_pdbx_struct_oper_list.matrix[2][1]         0.0000000000 
_pdbx_struct_oper_list.matrix[2][2]         1.0000000000 
_pdbx_struct_oper_list.matrix[2][3]         0.0000000000 
_pdbx_struct_oper_list.vector[2]            0.0000000000 
_pdbx_struct_oper_list.matrix[3][1]         0.0000000000 
_pdbx_struct_oper_list.matrix[3][2]         0.0000000000 
_pdbx_struct_oper_list.matrix[3][3]         1.0000000000 
_pdbx_struct_oper_list.vector[3]            0.0000000000 
# 
loop_
_struct_conf.conf_type_id 
_struct_conf.id 
_struct_conf.pdbx_PDB_helix_id 
_struct_conf.beg_label_comp_id 
_struct_conf.beg_label_asym_id 
_struct_conf.beg_label_seq_id 
_struct_conf.pdbx_beg_PDB_ins_code 
_struct_conf.end_label_comp_id 
_struct_conf.end_label_asym_id 
_struct_conf.end_label_seq_id 
_struct_conf.pdbx_end_PDB_ins_code 
_struct_conf.beg_auth_comp_id 
_struct_conf.beg_auth_asym_id 
_struct_conf.beg_auth_seq_id 
_struct_conf.end_auth_comp_id 
_struct_conf.end_auth_asym_id 
_struct_conf.end_auth_seq_id 
_struct_conf.pdbx_PDB_helix_class 
_struct_conf.details 
_struct_conf.pdbx_PDB_helix_length 
HELX_P HELX_P1  AA1 ASN A 10  ? ASN A 24  ? ASN A 259 ASN A 273 1 ? 15 
HELX_P HELX_P2  AA2 SER A 26  ? LEU A 30  ? SER A 275 LEU A 279 5 ? 5  
HELX_P HELX_P3  AA3 SER A 32  ? LEU A 43  ? SER A 281 LEU A 292 1 ? 12 
HELX_P HELX_P4  AA4 PRO A 49  ? LEU A 59  ? PRO A 298 LEU A 308 1 ? 11 
HELX_P HELX_P5  AA5 ASP A 63  ? GLN A 67  ? ASP A 312 GLN A 316 5 ? 5  
HELX_P HELX_P6  AA6 ILE A 68  ? PRO A 70  ? ILE A 317 PRO A 319 5 ? 3  
HELX_P HELX_P7  AA7 HIS A 71  ? ASN A 80  ? HIS A 320 ASN A 329 1 ? 10 
HELX_P HELX_P8  AA8 ASP A 82  ? GLU A 100 ? ASP A 331 GLU A 349 1 ? 19 
HELX_P HELX_P9  AA9 LYS A 101 ? PRO A 106 ? LYS A 350 PRO A 355 5 ? 6  
HELX_P HELX_P10 AB1 GLN A 107 ? ARG A 118 ? GLN A 356 ARG A 367 1 ? 12 
HELX_P HELX_P11 AB2 SER A 122 ? GLY A 130 ? SER A 371 GLY A 379 1 ? 9  
HELX_P HELX_P12 AB3 PRO A 139 ? ALA A 150 ? PRO A 388 ALA A 399 1 ? 12 
HELX_P HELX_P13 AB4 ALA A 150 ? GLU A 161 ? ALA A 399 GLU A 410 1 ? 12 
HELX_P HELX_P14 AB5 GLU A 162 ? GLU A 165 ? GLU A 411 GLU A 414 5 ? 4  
# 
_struct_conf_type.id          HELX_P 
_struct_conf_type.criteria    ? 
_struct_conf_type.reference   ? 
# 
_struct_mon_prot_cis.pdbx_id                1 
_struct_mon_prot_cis.label_comp_id          GLY 
_struct_mon_prot_cis.label_seq_id           1 
_struct_mon_prot_cis.label_asym_id          A 
_struct_mon_prot_cis.label_alt_id           . 
_struct_mon_prot_cis.pdbx_PDB_ins_code      ? 
_struct_mon_prot_cis.auth_comp_id           GLY 
_struct_mon_prot_cis.auth_seq_id            250 
_struct_mon_prot_cis.auth_asym_id           A 
_struct_mon_prot_cis.pdbx_label_comp_id_2   HIS 
_struct_mon_prot_cis.pdbx_label_seq_id_2    2 
_struct_mon_prot_cis.pdbx_label_asym_id_2   A 
_struct_mon_prot_cis.pdbx_PDB_ins_code_2    ? 
_struct_mon_prot_cis.pdbx_auth_comp_id_2    HIS 
_struct_mon_prot_cis.pdbx_auth_seq_id_2     251 
_struct_mon_prot_cis.pdbx_auth_asym_id_2    A 
_struct_mon_prot_cis.pdbx_PDB_model_num     1 
_struct_mon_prot_cis.pdbx_omega_angle       6.44 
# 
_pdbx_validate_torsion.id              1 
_pdbx_validate_torsion.PDB_model_num   1 
_pdbx_validate_torsion.auth_comp_id    ASP 
_pdbx_validate_torsion.auth_asym_id    A 
_pdbx_validate_torsion.auth_seq_id     310 
_pdbx_validate_torsion.PDB_ins_code    ? 
_pdbx_validate_torsion.label_alt_id    ? 
_pdbx_validate_torsion.phi             -133.70 
_pdbx_validate_torsion.psi             -149.55 
# 
_phasing.method   MR 
# 
loop_
_chem_comp_atom.comp_id 
_chem_comp_atom.atom_id 
_chem_comp_atom.type_symbol 
_chem_comp_atom.pdbx_aromatic_flag 
_chem_comp_atom.pdbx_stereo_config 
_chem_comp_atom.pdbx_ordinal 
ALA N    N N N 1   
ALA CA   C N S 2   
ALA C    C N N 3   
ALA O    O N N 4   
ALA CB   C N N 5   
ALA OXT  O N N 6   
ALA H    H N N 7   
ALA H2   H N N 8   
ALA HA   H N N 9   
ALA HB1  H N N 10  
ALA HB2  H N N 11  
ALA HB3  H N N 12  
ALA HXT  H N N 13  
ARG N    N N N 14  
ARG CA   C N S 15  
ARG C    C N N 16  
ARG O    O N N 17  
ARG CB   C N N 18  
ARG CG   C N N 19  
ARG CD   C N N 20  
ARG NE   N N N 21  
ARG CZ   C N N 22  
ARG NH1  N N N 23  
ARG NH2  N N N 24  
ARG OXT  O N N 25  
ARG H    H N N 26  
ARG H2   H N N 27  
ARG HA   H N N 28  
ARG HB2  H N N 29  
ARG HB3  H N N 30  
ARG HG2  H N N 31  
ARG HG3  H N N 32  
ARG HD2  H N N 33  
ARG HD3  H N N 34  
ARG HE   H N N 35  
ARG HH11 H N N 36  
ARG HH12 H N N 37  
ARG HH21 H N N 38  
ARG HH22 H N N 39  
ARG HXT  H N N 40  
ASN N    N N N 41  
ASN CA   C N S 42  
ASN C    C N N 43  
ASN O    O N N 44  
ASN CB   C N N 45  
ASN CG   C N N 46  
ASN OD1  O N N 47  
ASN ND2  N N N 48  
ASN OXT  O N N 49  
ASN H    H N N 50  
ASN H2   H N N 51  
ASN HA   H N N 52  
ASN HB2  H N N 53  
ASN HB3  H N N 54  
ASN HD21 H N N 55  
ASN HD22 H N N 56  
ASN HXT  H N N 57  
ASP N    N N N 58  
ASP CA   C N S 59  
ASP C    C N N 60  
ASP O    O N N 61  
ASP CB   C N N 62  
ASP CG   C N N 63  
ASP OD1  O N N 64  
ASP OD2  O N N 65  
ASP OXT  O N N 66  
ASP H    H N N 67  
ASP H2   H N N 68  
ASP HA   H N N 69  
ASP HB2  H N N 70  
ASP HB3  H N N 71  
ASP HD2  H N N 72  
ASP HXT  H N N 73  
GLN N    N N N 74  
GLN CA   C N S 75  
GLN C    C N N 76  
GLN O    O N N 77  
GLN CB   C N N 78  
GLN CG   C N N 79  
GLN CD   C N N 80  
GLN OE1  O N N 81  
GLN NE2  N N N 82  
GLN OXT  O N N 83  
GLN H    H N N 84  
GLN H2   H N N 85  
GLN HA   H N N 86  
GLN HB2  H N N 87  
GLN HB3  H N N 88  
GLN HG2  H N N 89  
GLN HG3  H N N 90  
GLN HE21 H N N 91  
GLN HE22 H N N 92  
GLN HXT  H N N 93  
GLU N    N N N 94  
GLU CA   C N S 95  
GLU C    C N N 96  
GLU O    O N N 97  
GLU CB   C N N 98  
GLU CG   C N N 99  
GLU CD   C N N 100 
GLU OE1  O N N 101 
GLU OE2  O N N 102 
GLU OXT  O N N 103 
GLU H    H N N 104 
GLU H2   H N N 105 
GLU HA   H N N 106 
GLU HB2  H N N 107 
GLU HB3  H N N 108 
GLU HG2  H N N 109 
GLU HG3  H N N 110 
GLU HE2  H N N 111 
GLU HXT  H N N 112 
GLY N    N N N 113 
GLY CA   C N N 114 
GLY C    C N N 115 
GLY O    O N N 116 
GLY OXT  O N N 117 
GLY H    H N N 118 
GLY H2   H N N 119 
GLY HA2  H N N 120 
GLY HA3  H N N 121 
GLY HXT  H N N 122 
HIS N    N N N 123 
HIS CA   C N S 124 
HIS C    C N N 125 
HIS O    O N N 126 
HIS CB   C N N 127 
HIS CG   C Y N 128 
HIS ND1  N Y N 129 
HIS CD2  C Y N 130 
HIS CE1  C Y N 131 
HIS NE2  N Y N 132 
HIS OXT  O N N 133 
HIS H    H N N 134 
HIS H2   H N N 135 
HIS HA   H N N 136 
HIS HB2  H N N 137 
HIS HB3  H N N 138 
HIS HD1  H N N 139 
HIS HD2  H N N 140 
HIS HE1  H N N 141 
HIS HE2  H N N 142 
HIS HXT  H N N 143 
HOH O    O N N 144 
HOH H1   H N N 145 
HOH H2   H N N 146 
ILE N    N N N 147 
ILE CA   C N S 148 
ILE C    C N N 149 
ILE O    O N N 150 
ILE CB   C N S 151 
ILE CG1  C N N 152 
ILE CG2  C N N 153 
ILE CD1  C N N 154 
ILE OXT  O N N 155 
ILE H    H N N 156 
ILE H2   H N N 157 
ILE HA   H N N 158 
ILE HB   H N N 159 
ILE HG12 H N N 160 
ILE HG13 H N N 161 
ILE HG21 H N N 162 
ILE HG22 H N N 163 
ILE HG23 H N N 164 
ILE HD11 H N N 165 
ILE HD12 H N N 166 
ILE HD13 H N N 167 
ILE HXT  H N N 168 
LEU N    N N N 169 
LEU CA   C N S 170 
LEU C    C N N 171 
LEU O    O N N 172 
LEU CB   C N N 173 
LEU CG   C N N 174 
LEU CD1  C N N 175 
LEU CD2  C N N 176 
LEU OXT  O N N 177 
LEU H    H N N 178 
LEU H2   H N N 179 
LEU HA   H N N 180 
LEU HB2  H N N 181 
LEU HB3  H N N 182 
LEU HG   H N N 183 
LEU HD11 H N N 184 
LEU HD12 H N N 185 
LEU HD13 H N N 186 
LEU HD21 H N N 187 
LEU HD22 H N N 188 
LEU HD23 H N N 189 
LEU HXT  H N N 190 
LYS N    N N N 191 
LYS CA   C N S 192 
LYS C    C N N 193 
LYS O    O N N 194 
LYS CB   C N N 195 
LYS CG   C N N 196 
LYS CD   C N N 197 
LYS CE   C N N 198 
LYS NZ   N N N 199 
LYS OXT  O N N 200 
LYS H    H N N 201 
LYS H2   H N N 202 
LYS HA   H N N 203 
LYS HB2  H N N 204 
LYS HB3  H N N 205 
LYS HG2  H N N 206 
LYS HG3  H N N 207 
LYS HD2  H N N 208 
LYS HD3  H N N 209 
LYS HE2  H N N 210 
LYS HE3  H N N 211 
LYS HZ1  H N N 212 
LYS HZ2  H N N 213 
LYS HZ3  H N N 214 
LYS HXT  H N N 215 
MET N    N N N 216 
MET CA   C N S 217 
MET C    C N N 218 
MET O    O N N 219 
MET CB   C N N 220 
MET CG   C N N 221 
MET SD   S N N 222 
MET CE   C N N 223 
MET OXT  O N N 224 
MET H    H N N 225 
MET H2   H N N 226 
MET HA   H N N 227 
MET HB2  H N N 228 
MET HB3  H N N 229 
MET HG2  H N N 230 
MET HG3  H N N 231 
MET HE1  H N N 232 
MET HE2  H N N 233 
MET HE3  H N N 234 
MET HXT  H N N 235 
PHE N    N N N 236 
PHE CA   C N S 237 
PHE C    C N N 238 
PHE O    O N N 239 
PHE CB   C N N 240 
PHE CG   C Y N 241 
PHE CD1  C Y N 242 
PHE CD2  C Y N 243 
PHE CE1  C Y N 244 
PHE CE2  C Y N 245 
PHE CZ   C Y N 246 
PHE OXT  O N N 247 
PHE H    H N N 248 
PHE H2   H N N 249 
PHE HA   H N N 250 
PHE HB2  H N N 251 
PHE HB3  H N N 252 
PHE HD1  H N N 253 
PHE HD2  H N N 254 
PHE HE1  H N N 255 
PHE HE2  H N N 256 
PHE HZ   H N N 257 
PHE HXT  H N N 258 
PRO N    N N N 259 
PRO CA   C N S 260 
PRO C    C N N 261 
PRO O    O N N 262 
PRO CB   C N N 263 
PRO CG   C N N 264 
PRO CD   C N N 265 
PRO OXT  O N N 266 
PRO H    H N N 267 
PRO HA   H N N 268 
PRO HB2  H N N 269 
PRO HB3  H N N 270 
PRO HG2  H N N 271 
PRO HG3  H N N 272 
PRO HD2  H N N 273 
PRO HD3  H N N 274 
PRO HXT  H N N 275 
SER N    N N N 276 
SER CA   C N S 277 
SER C    C N N 278 
SER O    O N N 279 
SER CB   C N N 280 
SER OG   O N N 281 
SER OXT  O N N 282 
SER H    H N N 283 
SER H2   H N N 284 
SER HA   H N N 285 
SER HB2  H N N 286 
SER HB3  H N N 287 
SER HG   H N N 288 
SER HXT  H N N 289 
THR N    N N N 290 
THR CA   C N S 291 
THR C    C N N 292 
THR O    O N N 293 
THR CB   C N R 294 
THR OG1  O N N 295 
THR CG2  C N N 296 
THR OXT  O N N 297 
THR H    H N N 298 
THR H2   H N N 299 
THR HA   H N N 300 
THR HB   H N N 301 
THR HG1  H N N 302 
THR HG21 H N N 303 
THR HG22 H N N 304 
THR HG23 H N N 305 
THR HXT  H N N 306 
TRP N    N N N 307 
TRP CA   C N S 308 
TRP C    C N N 309 
TRP O    O N N 310 
TRP CB   C N N 311 
TRP CG   C Y N 312 
TRP CD1  C Y N 313 
TRP CD2  C Y N 314 
TRP NE1  N Y N 315 
TRP CE2  C Y N 316 
TRP CE3  C Y N 317 
TRP CZ2  C Y N 318 
TRP CZ3  C Y N 319 
TRP CH2  C Y N 320 
TRP OXT  O N N 321 
TRP H    H N N 322 
TRP H2   H N N 323 
TRP HA   H N N 324 
TRP HB2  H N N 325 
TRP HB3  H N N 326 
TRP HD1  H N N 327 
TRP HE1  H N N 328 
TRP HE3  H N N 329 
TRP HZ2  H N N 330 
TRP HZ3  H N N 331 
TRP HH2  H N N 332 
TRP HXT  H N N 333 
TYR N    N N N 334 
TYR CA   C N S 335 
TYR C    C N N 336 
TYR O    O N N 337 
TYR CB   C N N 338 
TYR CG   C Y N 339 
TYR CD1  C Y N 340 
TYR CD2  C Y N 341 
TYR CE1  C Y N 342 
TYR CE2  C Y N 343 
TYR CZ   C Y N 344 
TYR OH   O N N 345 
TYR OXT  O N N 346 
TYR H    H N N 347 
TYR H2   H N N 348 
TYR HA   H N N 349 
TYR HB2  H N N 350 
TYR HB3  H N N 351 
TYR HD1  H N N 352 
TYR HD2  H N N 353 
TYR HE1  H N N 354 
TYR HE2  H N N 355 
TYR HH   H N N 356 
TYR HXT  H N N 357 
VAL N    N N N 358 
VAL CA   C N S 359 
VAL C    C N N 360 
VAL O    O N N 361 
VAL CB   C N N 362 
VAL CG1  C N N 363 
VAL CG2  C N N 364 
VAL OXT  O N N 365 
VAL H    H N N 366 
VAL H2   H N N 367 
VAL HA   H N N 368 
VAL HB   H N N 369 
VAL HG11 H N N 370 
VAL HG12 H N N 371 
VAL HG13 H N N 372 
VAL HG21 H N N 373 
VAL HG22 H N N 374 
VAL HG23 H N N 375 
VAL HXT  H N N 376 
# 
loop_
_chem_comp_bond.comp_id 
_chem_comp_bond.atom_id_1 
_chem_comp_bond.atom_id_2 
_chem_comp_bond.value_order 
_chem_comp_bond.pdbx_aromatic_flag 
_chem_comp_bond.pdbx_stereo_config 
_chem_comp_bond.pdbx_ordinal 
ALA N   CA   sing N N 1   
ALA N   H    sing N N 2   
ALA N   H2   sing N N 3   
ALA CA  C    sing N N 4   
ALA CA  CB   sing N N 5   
ALA CA  HA   sing N N 6   
ALA C   O    doub N N 7   
ALA C   OXT  sing N N 8   
ALA CB  HB1  sing N N 9   
ALA CB  HB2  sing N N 10  
ALA CB  HB3  sing N N 11  
ALA OXT HXT  sing N N 12  
ARG N   CA   sing N N 13  
ARG N   H    sing N N 14  
ARG N   H2   sing N N 15  
ARG CA  C    sing N N 16  
ARG CA  CB   sing N N 17  
ARG CA  HA   sing N N 18  
ARG C   O    doub N N 19  
ARG C   OXT  sing N N 20  
ARG CB  CG   sing N N 21  
ARG CB  HB2  sing N N 22  
ARG CB  HB3  sing N N 23  
ARG CG  CD   sing N N 24  
ARG CG  HG2  sing N N 25  
ARG CG  HG3  sing N N 26  
ARG CD  NE   sing N N 27  
ARG CD  HD2  sing N N 28  
ARG CD  HD3  sing N N 29  
ARG NE  CZ   sing N N 30  
ARG NE  HE   sing N N 31  
ARG CZ  NH1  sing N N 32  
ARG CZ  NH2  doub N N 33  
ARG NH1 HH11 sing N N 34  
ARG NH1 HH12 sing N N 35  
ARG NH2 HH21 sing N N 36  
ARG NH2 HH22 sing N N 37  
ARG OXT HXT  sing N N 38  
ASN N   CA   sing N N 39  
ASN N   H    sing N N 40  
ASN N   H2   sing N N 41  
ASN CA  C    sing N N 42  
ASN CA  CB   sing N N 43  
ASN CA  HA   sing N N 44  
ASN C   O    doub N N 45  
ASN C   OXT  sing N N 46  
ASN CB  CG   sing N N 47  
ASN CB  HB2  sing N N 48  
ASN CB  HB3  sing N N 49  
ASN CG  OD1  doub N N 50  
ASN CG  ND2  sing N N 51  
ASN ND2 HD21 sing N N 52  
ASN ND2 HD22 sing N N 53  
ASN OXT HXT  sing N N 54  
ASP N   CA   sing N N 55  
ASP N   H    sing N N 56  
ASP N   H2   sing N N 57  
ASP CA  C    sing N N 58  
ASP CA  CB   sing N N 59  
ASP CA  HA   sing N N 60  
ASP C   O    doub N N 61  
ASP C   OXT  sing N N 62  
ASP CB  CG   sing N N 63  
ASP CB  HB2  sing N N 64  
ASP CB  HB3  sing N N 65  
ASP CG  OD1  doub N N 66  
ASP CG  OD2  sing N N 67  
ASP OD2 HD2  sing N N 68  
ASP OXT HXT  sing N N 69  
GLN N   CA   sing N N 70  
GLN N   H    sing N N 71  
GLN N   H2   sing N N 72  
GLN CA  C    sing N N 73  
GLN CA  CB   sing N N 74  
GLN CA  HA   sing N N 75  
GLN C   O    doub N N 76  
GLN C   OXT  sing N N 77  
GLN CB  CG   sing N N 78  
GLN CB  HB2  sing N N 79  
GLN CB  HB3  sing N N 80  
GLN CG  CD   sing N N 81  
GLN CG  HG2  sing N N 82  
GLN CG  HG3  sing N N 83  
GLN CD  OE1  doub N N 84  
GLN CD  NE2  sing N N 85  
GLN NE2 HE21 sing N N 86  
GLN NE2 HE22 sing N N 87  
GLN OXT HXT  sing N N 88  
GLU N   CA   sing N N 89  
GLU N   H    sing N N 90  
GLU N   H2   sing N N 91  
GLU CA  C    sing N N 92  
GLU CA  CB   sing N N 93  
GLU CA  HA   sing N N 94  
GLU C   O    doub N N 95  
GLU C   OXT  sing N N 96  
GLU CB  CG   sing N N 97  
GLU CB  HB2  sing N N 98  
GLU CB  HB3  sing N N 99  
GLU CG  CD   sing N N 100 
GLU CG  HG2  sing N N 101 
GLU CG  HG3  sing N N 102 
GLU CD  OE1  doub N N 103 
GLU CD  OE2  sing N N 104 
GLU OE2 HE2  sing N N 105 
GLU OXT HXT  sing N N 106 
GLY N   CA   sing N N 107 
GLY N   H    sing N N 108 
GLY N   H2   sing N N 109 
GLY CA  C    sing N N 110 
GLY CA  HA2  sing N N 111 
GLY CA  HA3  sing N N 112 
GLY C   O    doub N N 113 
GLY C   OXT  sing N N 114 
GLY OXT HXT  sing N N 115 
HIS N   CA   sing N N 116 
HIS N   H    sing N N 117 
HIS N   H2   sing N N 118 
HIS CA  C    sing N N 119 
HIS CA  CB   sing N N 120 
HIS CA  HA   sing N N 121 
HIS C   O    doub N N 122 
HIS C   OXT  sing N N 123 
HIS CB  CG   sing N N 124 
HIS CB  HB2  sing N N 125 
HIS CB  HB3  sing N N 126 
HIS CG  ND1  sing Y N 127 
HIS CG  CD2  doub Y N 128 
HIS ND1 CE1  doub Y N 129 
HIS ND1 HD1  sing N N 130 
HIS CD2 NE2  sing Y N 131 
HIS CD2 HD2  sing N N 132 
HIS CE1 NE2  sing Y N 133 
HIS CE1 HE1  sing N N 134 
HIS NE2 HE2  sing N N 135 
HIS OXT HXT  sing N N 136 
HOH O   H1   sing N N 137 
HOH O   H2   sing N N 138 
ILE N   CA   sing N N 139 
ILE N   H    sing N N 140 
ILE N   H2   sing N N 141 
ILE CA  C    sing N N 142 
ILE CA  CB   sing N N 143 
ILE CA  HA   sing N N 144 
ILE C   O    doub N N 145 
ILE C   OXT  sing N N 146 
ILE CB  CG1  sing N N 147 
ILE CB  CG2  sing N N 148 
ILE CB  HB   sing N N 149 
ILE CG1 CD1  sing N N 150 
ILE CG1 HG12 sing N N 151 
ILE CG1 HG13 sing N N 152 
ILE CG2 HG21 sing N N 153 
ILE CG2 HG22 sing N N 154 
ILE CG2 HG23 sing N N 155 
ILE CD1 HD11 sing N N 156 
ILE CD1 HD12 sing N N 157 
ILE CD1 HD13 sing N N 158 
ILE OXT HXT  sing N N 159 
LEU N   CA   sing N N 160 
LEU N   H    sing N N 161 
LEU N   H2   sing N N 162 
LEU CA  C    sing N N 163 
LEU CA  CB   sing N N 164 
LEU CA  HA   sing N N 165 
LEU C   O    doub N N 166 
LEU C   OXT  sing N N 167 
LEU CB  CG   sing N N 168 
LEU CB  HB2  sing N N 169 
LEU CB  HB3  sing N N 170 
LEU CG  CD1  sing N N 171 
LEU CG  CD2  sing N N 172 
LEU CG  HG   sing N N 173 
LEU CD1 HD11 sing N N 174 
LEU CD1 HD12 sing N N 175 
LEU CD1 HD13 sing N N 176 
LEU CD2 HD21 sing N N 177 
LEU CD2 HD22 sing N N 178 
LEU CD2 HD23 sing N N 179 
LEU OXT HXT  sing N N 180 
LYS N   CA   sing N N 181 
LYS N   H    sing N N 182 
LYS N   H2   sing N N 183 
LYS CA  C    sing N N 184 
LYS CA  CB   sing N N 185 
LYS CA  HA   sing N N 186 
LYS C   O    doub N N 187 
LYS C   OXT  sing N N 188 
LYS CB  CG   sing N N 189 
LYS CB  HB2  sing N N 190 
LYS CB  HB3  sing N N 191 
LYS CG  CD   sing N N 192 
LYS CG  HG2  sing N N 193 
LYS CG  HG3  sing N N 194 
LYS CD  CE   sing N N 195 
LYS CD  HD2  sing N N 196 
LYS CD  HD3  sing N N 197 
LYS CE  NZ   sing N N 198 
LYS CE  HE2  sing N N 199 
LYS CE  HE3  sing N N 200 
LYS NZ  HZ1  sing N N 201 
LYS NZ  HZ2  sing N N 202 
LYS NZ  HZ3  sing N N 203 
LYS OXT HXT  sing N N 204 
MET N   CA   sing N N 205 
MET N   H    sing N N 206 
MET N   H2   sing N N 207 
MET CA  C    sing N N 208 
MET CA  CB   sing N N 209 
MET CA  HA   sing N N 210 
MET C   O    doub N N 211 
MET C   OXT  sing N N 212 
MET CB  CG   sing N N 213 
MET CB  HB2  sing N N 214 
MET CB  HB3  sing N N 215 
MET CG  SD   sing N N 216 
MET CG  HG2  sing N N 217 
MET CG  HG3  sing N N 218 
MET SD  CE   sing N N 219 
MET CE  HE1  sing N N 220 
MET CE  HE2  sing N N 221 
MET CE  HE3  sing N N 222 
MET OXT HXT  sing N N 223 
PHE N   CA   sing N N 224 
PHE N   H    sing N N 225 
PHE N   H2   sing N N 226 
PHE CA  C    sing N N 227 
PHE CA  CB   sing N N 228 
PHE CA  HA   sing N N 229 
PHE C   O    doub N N 230 
PHE C   OXT  sing N N 231 
PHE CB  CG   sing N N 232 
PHE CB  HB2  sing N N 233 
PHE CB  HB3  sing N N 234 
PHE CG  CD1  doub Y N 235 
PHE CG  CD2  sing Y N 236 
PHE CD1 CE1  sing Y N 237 
PHE CD1 HD1  sing N N 238 
PHE CD2 CE2  doub Y N 239 
PHE CD2 HD2  sing N N 240 
PHE CE1 CZ   doub Y N 241 
PHE CE1 HE1  sing N N 242 
PHE CE2 CZ   sing Y N 243 
PHE CE2 HE2  sing N N 244 
PHE CZ  HZ   sing N N 245 
PHE OXT HXT  sing N N 246 
PRO N   CA   sing N N 247 
PRO N   CD   sing N N 248 
PRO N   H    sing N N 249 
PRO CA  C    sing N N 250 
PRO CA  CB   sing N N 251 
PRO CA  HA   sing N N 252 
PRO C   O    doub N N 253 
PRO C   OXT  sing N N 254 
PRO CB  CG   sing N N 255 
PRO CB  HB2  sing N N 256 
PRO CB  HB3  sing N N 257 
PRO CG  CD   sing N N 258 
PRO CG  HG2  sing N N 259 
PRO CG  HG3  sing N N 260 
PRO CD  HD2  sing N N 261 
PRO CD  HD3  sing N N 262 
PRO OXT HXT  sing N N 263 
SER N   CA   sing N N 264 
SER N   H    sing N N 265 
SER N   H2   sing N N 266 
SER CA  C    sing N N 267 
SER CA  CB   sing N N 268 
SER CA  HA   sing N N 269 
SER C   O    doub N N 270 
SER C   OXT  sing N N 271 
SER CB  OG   sing N N 272 
SER CB  HB2  sing N N 273 
SER CB  HB3  sing N N 274 
SER OG  HG   sing N N 275 
SER OXT HXT  sing N N 276 
THR N   CA   sing N N 277 
THR N   H    sing N N 278 
THR N   H2   sing N N 279 
THR CA  C    sing N N 280 
THR CA  CB   sing N N 281 
THR CA  HA   sing N N 282 
THR C   O    doub N N 283 
THR C   OXT  sing N N 284 
THR CB  OG1  sing N N 285 
THR CB  CG2  sing N N 286 
THR CB  HB   sing N N 287 
THR OG1 HG1  sing N N 288 
THR CG2 HG21 sing N N 289 
THR CG2 HG22 sing N N 290 
THR CG2 HG23 sing N N 291 
THR OXT HXT  sing N N 292 
TRP N   CA   sing N N 293 
TRP N   H    sing N N 294 
TRP N   H2   sing N N 295 
TRP CA  C    sing N N 296 
TRP CA  CB   sing N N 297 
TRP CA  HA   sing N N 298 
TRP C   O    doub N N 299 
TRP C   OXT  sing N N 300 
TRP CB  CG   sing N N 301 
TRP CB  HB2  sing N N 302 
TRP CB  HB3  sing N N 303 
TRP CG  CD1  doub Y N 304 
TRP CG  CD2  sing Y N 305 
TRP CD1 NE1  sing Y N 306 
TRP CD1 HD1  sing N N 307 
TRP CD2 CE2  doub Y N 308 
TRP CD2 CE3  sing Y N 309 
TRP NE1 CE2  sing Y N 310 
TRP NE1 HE1  sing N N 311 
TRP CE2 CZ2  sing Y N 312 
TRP CE3 CZ3  doub Y N 313 
TRP CE3 HE3  sing N N 314 
TRP CZ2 CH2  doub Y N 315 
TRP CZ2 HZ2  sing N N 316 
TRP CZ3 CH2  sing Y N 317 
TRP CZ3 HZ3  sing N N 318 
TRP CH2 HH2  sing N N 319 
TRP OXT HXT  sing N N 320 
TYR N   CA   sing N N 321 
TYR N   H    sing N N 322 
TYR N   H2   sing N N 323 
TYR CA  C    sing N N 324 
TYR CA  CB   sing N N 325 
TYR CA  HA   sing N N 326 
TYR C   O    doub N N 327 
TYR C   OXT  sing N N 328 
TYR CB  CG   sing N N 329 
TYR CB  HB2  sing N N 330 
TYR CB  HB3  sing N N 331 
TYR CG  CD1  doub Y N 332 
TYR CG  CD2  sing Y N 333 
TYR CD1 CE1  sing Y N 334 
TYR CD1 HD1  sing N N 335 
TYR CD2 CE2  doub Y N 336 
TYR CD2 HD2  sing N N 337 
TYR CE1 CZ   doub Y N 338 
TYR CE1 HE1  sing N N 339 
TYR CE2 CZ   sing Y N 340 
TYR CE2 HE2  sing N N 341 
TYR CZ  OH   sing N N 342 
TYR OH  HH   sing N N 343 
TYR OXT HXT  sing N N 344 
VAL N   CA   sing N N 345 
VAL N   H    sing N N 346 
VAL N   H2   sing N N 347 
VAL CA  C    sing N N 348 
VAL CA  CB   sing N N 349 
VAL CA  HA   sing N N 350 
VAL C   O    doub N N 351 
VAL C   OXT  sing N N 352 
VAL CB  CG1  sing N N 353 
VAL CB  CG2  sing N N 354 
VAL CB  HB   sing N N 355 
VAL CG1 HG11 sing N N 356 
VAL CG1 HG12 sing N N 357 
VAL CG1 HG13 sing N N 358 
VAL CG2 HG21 sing N N 359 
VAL CG2 HG22 sing N N 360 
VAL CG2 HG23 sing N N 361 
VAL OXT HXT  sing N N 362 
# 
_pdbx_audit_support.funding_organization   'Japan Society for the Promotion of Science' 
_pdbx_audit_support.country                Japan 
_pdbx_audit_support.grant_number           17H05424 
_pdbx_audit_support.ordinal                1 
# 
_atom_sites.entry_id                    6KNE 
_atom_sites.Cartn_transf_matrix[1][1]   ? 
_atom_sites.Cartn_transf_matrix[1][2]   ? 
_atom_sites.Cartn_transf_matrix[1][3]   ? 
_atom_sites.Cartn_transf_matrix[2][1]   ? 
_atom_sites.Cartn_transf_matrix[2][2]   ? 
_atom_sites.Cartn_transf_matrix[2][3]   ? 
_atom_sites.Cartn_transf_matrix[3][1]   ? 
_atom_sites.Cartn_transf_matrix[3][2]   ? 
_atom_sites.Cartn_transf_matrix[3][3]   ? 
_atom_sites.Cartn_transf_vector[1]      ? 
_atom_sites.Cartn_transf_vector[2]      ? 
_atom_sites.Cartn_transf_vector[3]      ? 
_atom_sites.fract_transf_matrix[1][1]   0.01007623 
_atom_sites.fract_transf_matrix[1][2]   -0.01729920 
_atom_sites.fract_transf_matrix[1][3]   0.00008800 
_atom_sites.fract_transf_matrix[2][1]   0.00904607 
_atom_sites.fract_transf_matrix[2][2]   0.00519154 
_atom_sites.fract_transf_matrix[2][3]   -0.01523722 
_atom_sites.fract_transf_matrix[3][1]   0.01124804 
_atom_sites.fract_transf_matrix[3][2]   0.00659703 
_atom_sites.fract_transf_matrix[3][3]   0.00892546 
_atom_sites.fract_transf_vector[1]      -0.000341 
_atom_sites.fract_transf_vector[2]      -0.007061 
_atom_sites.fract_transf_vector[3]      0.012009 
_atom_sites.solution_primary            ? 
_atom_sites.solution_secondary          ? 
_atom_sites.solution_hydrogens          ? 
_atom_sites.special_details             ? 
# 
loop_
_atom_type.symbol 
C 
N 
O 
S 
# 
loop_
_atom_site.group_PDB 
_atom_site.id 
_atom_site.type_symbol 
_atom_site.label_atom_id 
_atom_site.label_alt_id 
_atom_site.label_comp_id 
_atom_site.label_asym_id 
_atom_site.label_entity_id 
_atom_site.label_seq_id 
_atom_site.pdbx_PDB_ins_code 
_atom_site.Cartn_x 
_atom_site.Cartn_y 
_atom_site.Cartn_z 
_atom_site.occupancy 
_atom_site.B_iso_or_equiv 
_atom_site.pdbx_formal_charge 
_atom_site.auth_seq_id 
_atom_site.auth_comp_id 
_atom_site.auth_asym_id 
_atom_site.auth_atom_id 
_atom_site.pdbx_PDB_model_num 
ATOM   1    N N   . GLY A 1 1   ? -4.876  -4.948  15.469  1.00 41.72 ? 250 GLY A N   1 
ATOM   2    C CA  . GLY A 1 1   ? -5.527  -4.030  14.536  1.00 48.25 ? 250 GLY A CA  1 
ATOM   3    C C   . GLY A 1 1   ? -7.035  -3.992  14.528  1.00 37.77 ? 250 GLY A C   1 
ATOM   4    O O   . GLY A 1 1   ? -7.645  -3.309  15.371  1.00 55.04 ? 250 GLY A O   1 
ATOM   5    N N   . HIS A 1 2   ? -7.664  -4.697  13.587  1.00 43.30 ? 251 HIS A N   1 
ATOM   6    C CA  . HIS A 1 2   ? -6.975  -5.604  12.658  1.00 46.17 ? 251 HIS A CA  1 
ATOM   7    C C   . HIS A 1 2   ? -6.194  -4.903  11.546  1.00 43.08 ? 251 HIS A C   1 
ATOM   8    O O   . HIS A 1 2   ? -5.355  -5.518  10.892  1.00 41.38 ? 251 HIS A O   1 
ATOM   9    C CB  . HIS A 1 2   ? -7.982  -6.558  12.012  1.00 50.52 ? 251 HIS A CB  1 
ATOM   10   C CG  . HIS A 1 2   ? -8.180  -7.836  12.765  1.00 52.61 ? 251 HIS A CG  1 
ATOM   11   N ND1 . HIS A 1 2   ? -7.129  -8.609  13.213  1.00 53.50 ? 251 HIS A ND1 1 
ATOM   12   C CD2 . HIS A 1 2   ? -9.310  -8.487  13.133  1.00 55.38 ? 251 HIS A CD2 1 
ATOM   13   C CE1 . HIS A 1 2   ? -7.603  -9.675  13.835  1.00 55.18 ? 251 HIS A CE1 1 
ATOM   14   N NE2 . HIS A 1 2   ? -8.923  -9.623  13.802  1.00 58.05 ? 251 HIS A NE2 1 
ATOM   15   N N   . MET A 1 3   ? -6.476  -3.619  11.331  1.00 37.80 ? 252 MET A N   1 
ATOM   16   C CA  . MET A 1 3   ? -5.820  -2.869  10.265  1.00 38.14 ? 252 MET A CA  1 
ATOM   17   C C   . MET A 1 3   ? -4.613  -2.094  10.785  1.00 33.97 ? 252 MET A C   1 
ATOM   18   O O   . MET A 1 3   ? -3.971  -1.365  10.038  1.00 34.88 ? 252 MET A O   1 
ATOM   19   C CB  . MET A 1 3   ? -6.803  -1.890  9.603   1.00 38.13 ? 252 MET A CB  1 
ATOM   20   C CG  . MET A 1 3   ? -8.177  -2.496  9.313   1.00 37.54 ? 252 MET A CG  1 
ATOM   21   S SD  . MET A 1 3   ? -8.046  -3.957  8.252   1.00 57.03 ? 252 MET A SD  1 
ATOM   22   C CE  . MET A 1 3   ? -7.386  -3.223  6.796   1.00 37.45 ? 252 MET A CE  1 
ATOM   23   N N   . GLY A 1 4   ? -4.288  -2.268  12.058  1.00 39.73 ? 253 GLY A N   1 
ATOM   24   C CA  . GLY A 1 4   ? -3.176  -1.544  12.644  1.00 40.24 ? 253 GLY A CA  1 
ATOM   25   C C   . GLY A 1 4   ? -2.599  -2.165  13.900  1.00 43.89 ? 253 GLY A C   1 
ATOM   26   O O   . GLY A 1 4   ? -2.811  -3.332  14.192  1.00 47.57 ? 253 GLY A O   1 
ATOM   27   N N   . LEU A 1 5   ? -1.838  -1.385  14.652  1.00 48.84 ? 254 LEU A N   1 
ATOM   28   C CA  . LEU A 1 5   ? -1.201  -1.906  15.851  1.00 54.87 ? 254 LEU A CA  1 
ATOM   29   C C   . LEU A 1 5   ? -2.160  -1.993  17.030  1.00 54.59 ? 254 LEU A C   1 
ATOM   30   O O   . LEU A 1 5   ? -2.034  -2.888  17.874  1.00 55.74 ? 254 LEU A O   1 
ATOM   31   C CB  . LEU A 1 5   ? -0.001  -1.039  16.218  1.00 55.96 ? 254 LEU A CB  1 
ATOM   32   C CG  . LEU A 1 5   ? 1.334   -1.416  15.576  1.00 58.32 ? 254 LEU A CG  1 
ATOM   33   C CD1 . LEU A 1 5   ? 2.289   -0.270  15.818  1.00 58.96 ? 254 LEU A CD1 1 
ATOM   34   C CD2 . LEU A 1 5   ? 1.858   -2.681  16.166  1.00 56.82 ? 254 LEU A CD2 1 
ATOM   35   N N   . SER A 1 6   ? -3.113  -1.067  17.083  1.00 50.57 ? 255 SER A N   1 
ATOM   36   C CA  . SER A 1 6   ? -4.042  -0.991  18.207  1.00 55.76 ? 255 SER A CA  1 
ATOM   37   C C   . SER A 1 6   ? -4.873  -2.264  18.354  1.00 56.60 ? 255 SER A C   1 
ATOM   38   O O   . SER A 1 6   ? -5.044  -3.017  17.403  1.00 50.72 ? 255 SER A O   1 
ATOM   39   C CB  . SER A 1 6   ? -4.967  0.205   18.047  1.00 53.57 ? 255 SER A CB  1 
ATOM   40   O OG  . SER A 1 6   ? -5.742  0.090   16.866  1.00 53.12 ? 255 SER A OG  1 
ATOM   41   N N   . VAL A 1 7   ? -5.409  -2.494  19.545  1.00 57.54 ? 256 VAL A N   1 
ATOM   42   C CA  . VAL A 1 7   ? -6.232  -3.673  19.759  1.00 53.58 ? 256 VAL A CA  1 
ATOM   43   C C   . VAL A 1 7   ? -7.733  -3.383  19.556  1.00 55.37 ? 256 VAL A C   1 
ATOM   44   O O   . VAL A 1 7   ? -8.449  -4.183  18.957  1.00 54.85 ? 256 VAL A O   1 
ATOM   45   C CB  . VAL A 1 7   ? -5.962  -4.272  21.159  1.00 56.54 ? 256 VAL A CB  1 
ATOM   46   C CG1 . VAL A 1 7   ? -4.458  -4.489  21.341  1.00 60.86 ? 256 VAL A CG1 1 
ATOM   47   C CG2 . VAL A 1 7   ? -6.492  -3.373  22.273  1.00 63.18 ? 256 VAL A CG2 1 
ATOM   48   N N   . GLN A 1 8   ? -8.211  -2.235  20.018  1.00 53.46 ? 257 GLN A N   1 
ATOM   49   C CA  . GLN A 1 8   ? -9.635  -1.927  19.878  1.00 52.84 ? 257 GLN A CA  1 
ATOM   50   C C   . GLN A 1 8   ? -9.941  -1.360  18.500  1.00 51.27 ? 257 GLN A C   1 
ATOM   51   O O   . GLN A 1 8   ? -9.034  -0.920  17.792  1.00 45.46 ? 257 GLN A O   1 
ATOM   52   C CB  . GLN A 1 8   ? -10.088 -0.950  20.964  1.00 54.44 ? 257 GLN A CB  1 
ATOM   53   C CG  . GLN A 1 8   ? -9.955  -1.526  22.363  1.00 56.98 ? 257 GLN A CG  1 
ATOM   54   C CD  . GLN A 1 8   ? -10.549 -0.633  23.428  1.00 60.45 ? 257 GLN A CD  1 
ATOM   55   O OE1 . GLN A 1 8   ? -11.654 -0.119  23.277  1.00 55.83 ? 257 GLN A OE1 1 
ATOM   56   N NE2 . GLN A 1 8   ? -9.817  -0.453  24.522  1.00 61.04 ? 257 GLN A NE2 1 
ATOM   57   N N   . ASN A 1 9   ? -11.215 -1.363  18.118  1.00 50.65 ? 258 ASN A N   1 
ATOM   58   C CA  . ASN A 1 9   ? -11.574 -0.902  16.786  1.00 43.66 ? 258 ASN A CA  1 
ATOM   59   C C   . ASN A 1 9   ? -11.671 0.602   16.702  1.00 43.05 ? 258 ASN A C   1 
ATOM   60   O O   . ASN A 1 9   ? -12.277 1.258   17.559  1.00 44.31 ? 258 ASN A O   1 
ATOM   61   C CB  . ASN A 1 9   ? -12.881 -1.541  16.321  1.00 44.49 ? 258 ASN A CB  1 
ATOM   62   C CG  . ASN A 1 9   ? -12.655 -2.900  15.689  1.00 52.55 ? 258 ASN A CG  1 
ATOM   63   O OD1 . ASN A 1 9   ? -11.632 -3.531  15.925  1.00 48.25 ? 258 ASN A OD1 1 
ATOM   64   N ND2 . ASN A 1 9   ? -13.599 -3.347  14.870  1.00 56.53 ? 258 ASN A ND2 1 
ATOM   65   N N   . ASN A 1 10  ? -11.036 1.148   15.670  1.00 43.46 ? 259 ASN A N   1 
ATOM   66   C CA  . ASN A 1 10  ? -11.200 2.551   15.331  1.00 35.33 ? 259 ASN A CA  1 
ATOM   67   C C   . ASN A 1 10  ? -11.943 2.636   13.998  1.00 37.29 ? 259 ASN A C   1 
ATOM   68   O O   . ASN A 1 10  ? -12.285 1.622   13.413  1.00 37.35 ? 259 ASN A O   1 
ATOM   69   C CB  . ASN A 1 10  ? -9.846  3.273   15.274  1.00 38.94 ? 259 ASN A CB  1 
ATOM   70   C CG  . ASN A 1 10  ? -8.893  2.648   14.278  1.00 39.19 ? 259 ASN A CG  1 
ATOM   71   O OD1 . ASN A 1 10  ? -9.182  2.596   13.086  1.00 38.68 ? 259 ASN A OD1 1 
ATOM   72   N ND2 . ASN A 1 10  ? -7.739  2.193   14.759  1.00 45.47 ? 259 ASN A ND2 1 
ATOM   73   N N   . LYS A 1 11  ? -12.235 3.846   13.527  1.00 36.11 ? 260 LYS A N   1 
ATOM   74   C CA  . LYS A 1 11  ? -13.035 3.998   12.318  1.00 33.75 ? 260 LYS A CA  1 
ATOM   75   C C   . LYS A 1 11  ? -12.418 3.380   11.058  1.00 38.52 ? 260 LYS A C   1 
ATOM   76   O O   . LYS A 1 11  ? -13.133 3.025   10.117  1.00 37.78 ? 260 LYS A O   1 
ATOM   77   C CB  . LYS A 1 11  ? -13.305 5.491   12.081  1.00 34.97 ? 260 LYS A CB  1 
ATOM   78   C CG  . LYS A 1 11  ? -12.058 6.331   12.168  1.00 38.40 ? 260 LYS A CG  1 
ATOM   79   C CD  . LYS A 1 11  ? -12.456 7.772   12.480  1.00 37.33 ? 260 LYS A CD  1 
ATOM   80   C CE  . LYS A 1 11  ? -11.396 8.733   12.014  1.00 43.64 ? 260 LYS A CE  1 
ATOM   81   N NZ  . LYS A 1 11  ? -11.778 10.133  12.382  1.00 50.58 ? 260 LYS A NZ  1 
ATOM   82   N N   . PHE A 1 12  ? -11.095 3.222   11.045  1.00 37.75 ? 261 PHE A N   1 
ATOM   83   C CA  . PHE A 1 12  ? -10.425 2.669   9.874   1.00 39.41 ? 261 PHE A CA  1 
ATOM   84   C C   . PHE A 1 12  ? -10.551 1.148   9.883   1.00 34.54 ? 261 PHE A C   1 
ATOM   85   O O   . PHE A 1 12  ? -10.734 0.533   8.828   1.00 37.39 ? 261 PHE A O   1 
ATOM   86   C CB  . PHE A 1 12  ? -8.962  3.123   9.833   1.00 39.16 ? 261 PHE A CB  1 
ATOM   87   C CG  . PHE A 1 12  ? -8.817  4.615   9.818   1.00 37.71 ? 261 PHE A CG  1 
ATOM   88   C CD1 . PHE A 1 12  ? -9.198  5.340   8.703   1.00 40.20 ? 261 PHE A CD1 1 
ATOM   89   C CD2 . PHE A 1 12  ? -8.335  5.291   10.925  1.00 38.50 ? 261 PHE A CD2 1 
ATOM   90   C CE1 . PHE A 1 12  ? -9.096  6.733   8.696   1.00 38.03 ? 261 PHE A CE1 1 
ATOM   91   C CE2 . PHE A 1 12  ? -8.229  6.677   10.918  1.00 40.49 ? 261 PHE A CE2 1 
ATOM   92   C CZ  . PHE A 1 12  ? -8.597  7.388   9.800   1.00 39.34 ? 261 PHE A CZ  1 
ATOM   93   N N   . ASP A 1 13  ? -10.520 0.562   11.079  1.00 39.07 ? 262 ASP A N   1 
ATOM   94   C CA  . ASP A 1 13  ? -10.804 -0.872  11.247  1.00 38.12 ? 262 ASP A CA  1 
ATOM   95   C C   . ASP A 1 13  ? -12.232 -1.186  10.796  1.00 40.01 ? 262 ASP A C   1 
ATOM   96   O O   . ASP A 1 13  ? -12.490 -2.210  10.174  1.00 39.40 ? 262 ASP A O   1 
ATOM   97   C CB  . ASP A 1 13  ? -10.622 -1.300  12.709  1.00 39.33 ? 262 ASP A CB  1 
ATOM   98   C CG  . ASP A 1 13  ? -9.194  -1.146  13.195  1.00 40.74 ? 262 ASP A CG  1 
ATOM   99   O OD1 . ASP A 1 13  ? -8.270  -1.619  12.494  1.00 45.17 ? 262 ASP A OD1 1 
ATOM   100  O OD2 . ASP A 1 13  ? -8.988  -0.566  14.283  1.00 38.00 ? 262 ASP A OD2 1 
ATOM   101  N N   . GLU A 1 14  ? -13.168 -0.288  11.117  1.00 38.04 ? 263 GLU A N   1 
ATOM   102  C CA  . GLU A 1 14  ? -14.554 -0.493  10.730  1.00 37.75 ? 263 GLU A CA  1 
ATOM   103  C C   . GLU A 1 14  ? -14.699 -0.514  9.220   1.00 38.80 ? 263 GLU A C   1 
ATOM   104  O O   . GLU A 1 14  ? -15.441 -1.320  8.666   1.00 40.65 ? 263 GLU A O   1 
ATOM   105  C CB  . GLU A 1 14  ? -15.455 0.604   11.328  1.00 35.90 ? 263 GLU A CB  1 
ATOM   106  C CG  . GLU A 1 14  ? -15.625 0.520   12.843  1.00 37.01 ? 263 GLU A CG  1 
ATOM   107  C CD  . GLU A 1 14  ? -16.547 -0.605  13.265  1.00 43.35 ? 263 GLU A CD  1 
ATOM   108  O OE1 . GLU A 1 14  ? -17.758 -0.528  12.966  1.00 44.34 ? 263 GLU A OE1 1 
ATOM   109  O OE2 . GLU A 1 14  ? -16.052 -1.594  13.853  1.00 45.88 ? 263 GLU A OE2 1 
ATOM   110  N N   . PHE A 1 15  ? -14.013 0.412   8.558   1.00 36.65 ? 264 PHE A N   1 
ATOM   111  C CA  . PHE A 1 15  ? -14.018 0.474   7.107   1.00 34.95 ? 264 PHE A CA  1 
ATOM   112  C C   . PHE A 1 15  ? -13.468 -0.827  6.516   1.00 40.33 ? 264 PHE A C   1 
ATOM   113  O O   . PHE A 1 15  ? -14.063 -1.400  5.605   1.00 40.43 ? 264 PHE A O   1 
ATOM   114  C CB  . PHE A 1 15  ? -13.204 1.682   6.630   1.00 36.39 ? 264 PHE A CB  1 
ATOM   115  C CG  . PHE A 1 15  ? -13.010 1.741   5.144   1.00 37.41 ? 264 PHE A CG  1 
ATOM   116  C CD1 . PHE A 1 15  ? -14.096 1.698   4.290   1.00 33.97 ? 264 PHE A CD1 1 
ATOM   117  C CD2 . PHE A 1 15  ? -11.735 1.863   4.600   1.00 35.68 ? 264 PHE A CD2 1 
ATOM   118  C CE1 . PHE A 1 15  ? -13.931 1.771   2.923   1.00 36.19 ? 264 PHE A CE1 1 
ATOM   119  C CE2 . PHE A 1 15  ? -11.551 1.931   3.229   1.00 37.74 ? 264 PHE A CE2 1 
ATOM   120  C CZ  . PHE A 1 15  ? -12.655 1.888   2.385   1.00 43.41 ? 264 PHE A CZ  1 
ATOM   121  N N   . GLY A 1 16  ? -12.341 -1.282  7.053   1.00 40.37 ? 265 GLY A N   1 
ATOM   122  C CA  . GLY A 1 16  ? -11.705 -2.508  6.593   1.00 38.26 ? 265 GLY A CA  1 
ATOM   123  C C   . GLY A 1 16  ? -12.610 -3.709  6.795   1.00 42.19 ? 265 GLY A C   1 
ATOM   124  O O   . GLY A 1 16  ? -12.795 -4.511  5.881   1.00 43.43 ? 265 GLY A O   1 
ATOM   125  N N   . GLU A 1 17  ? -13.183 -3.812  7.993   1.00 45.66 ? 266 GLU A N   1 
ATOM   126  C CA  . GLU A 1 17  ? -14.128 -4.878  8.330   1.00 44.87 ? 266 GLU A CA  1 
ATOM   127  C C   . GLU A 1 17  ? -15.285 -4.922  7.344   1.00 45.03 ? 266 GLU A C   1 
ATOM   128  O O   . GLU A 1 17  ? -15.730 -5.992  6.932   1.00 44.73 ? 266 GLU A O   1 
ATOM   129  C CB  . GLU A 1 17  ? -14.675 -4.682  9.747   1.00 48.15 ? 266 GLU A CB  1 
ATOM   130  C CG  . GLU A 1 17  ? -14.555 -5.897  10.638  1.00 53.10 ? 266 GLU A CG  1 
ATOM   131  C CD  . GLU A 1 17  ? -13.116 -6.177  11.032  1.00 59.85 ? 266 GLU A CD  1 
ATOM   132  O OE1 . GLU A 1 17  ? -12.566 -5.403  11.848  1.00 62.70 ? 266 GLU A OE1 1 
ATOM   133  O OE2 . GLU A 1 17  ? -12.528 -7.151  10.515  1.00 52.47 ? 266 GLU A OE2 1 
ATOM   134  N N   . TRP A 1 18  ? -15.788 -3.744  6.987   1.00 43.69 ? 267 TRP A N   1 
ATOM   135  C CA  . TRP A 1 18  ? -16.891 -3.644  6.041   1.00 43.22 ? 267 TRP A CA  1 
ATOM   136  C C   . TRP A 1 18  ? -16.508 -4.193  4.663   1.00 44.45 ? 267 TRP A C   1 
ATOM   137  O O   . TRP A 1 18  ? -17.265 -4.956  4.054   1.00 43.00 ? 267 TRP A O   1 
ATOM   138  C CB  . TRP A 1 18  ? -17.365 -2.180  5.935   1.00 44.41 ? 267 TRP A CB  1 
ATOM   139  C CG  . TRP A 1 18  ? -18.378 -1.942  4.841   1.00 42.32 ? 267 TRP A CG  1 
ATOM   140  C CD1 . TRP A 1 18  ? -19.721 -2.192  4.897   1.00 45.22 ? 267 TRP A CD1 1 
ATOM   141  C CD2 . TRP A 1 18  ? -18.124 -1.424  3.528   1.00 41.07 ? 267 TRP A CD2 1 
ATOM   142  N NE1 . TRP A 1 18  ? -20.314 -1.876  3.698   1.00 41.94 ? 267 TRP A NE1 1 
ATOM   143  C CE2 . TRP A 1 18  ? -19.358 -1.394  2.843   1.00 43.75 ? 267 TRP A CE2 1 
ATOM   144  C CE3 . TRP A 1 18  ? -16.971 -0.986  2.862   1.00 40.76 ? 267 TRP A CE3 1 
ATOM   145  C CZ2 . TRP A 1 18  ? -19.476 -0.935  1.530   1.00 43.85 ? 267 TRP A CZ2 1 
ATOM   146  C CZ3 . TRP A 1 18  ? -17.081 -0.547  1.552   1.00 40.15 ? 267 TRP A CZ3 1 
ATOM   147  C CH2 . TRP A 1 18  ? -18.331 -0.517  0.901   1.00 49.11 ? 267 TRP A CH2 1 
ATOM   148  N N   . LEU A 1 19  ? -15.333 -3.800  4.176   1.00 39.76 ? 268 LEU A N   1 
ATOM   149  C CA  . LEU A 1 19  ? -14.860 -4.241  2.871   1.00 45.89 ? 268 LEU A CA  1 
ATOM   150  C C   . LEU A 1 19  ? -14.699 -5.761  2.840   1.00 42.56 ? 268 LEU A C   1 
ATOM   151  O O   . LEU A 1 19  ? -15.090 -6.419  1.873   1.00 47.49 ? 268 LEU A O   1 
ATOM   152  C CB  . LEU A 1 19  ? -13.530 -3.572  2.529   1.00 45.21 ? 268 LEU A CB  1 
ATOM   153  C CG  . LEU A 1 19  ? -13.554 -2.289  1.702   1.00 47.65 ? 268 LEU A CG  1 
ATOM   154  C CD1 . LEU A 1 19  ? -12.140 -1.767  1.509   1.00 44.30 ? 268 LEU A CD1 1 
ATOM   155  C CD2 . LEU A 1 19  ? -14.213 -2.557  0.358   1.00 50.46 ? 268 LEU A CD2 1 
ATOM   156  N N   . LEU A 1 20  ? -14.139 -6.304  3.913   1.00 46.28 ? 269 LEU A N   1 
ATOM   157  C CA  . LEU A 1 20  ? -13.919 -7.748  4.038   1.00 44.04 ? 269 LEU A CA  1 
ATOM   158  C C   . LEU A 1 20  ? -15.258 -8.477  4.124   1.00 49.12 ? 269 LEU A C   1 
ATOM   159  O O   . LEU A 1 20  ? -15.445 -9.545  3.545   1.00 47.74 ? 269 LEU A O   1 
ATOM   160  C CB  . LEU A 1 20  ? -13.067 -8.052  5.270   1.00 41.31 ? 269 LEU A CB  1 
ATOM   161  C CG  . LEU A 1 20  ? -11.624 -7.554  5.273   1.00 42.08 ? 269 LEU A CG  1 
ATOM   162  C CD1 . LEU A 1 20  ? -10.969 -7.793  6.626   1.00 41.19 ? 269 LEU A CD1 1 
ATOM   163  C CD2 . LEU A 1 20  ? -10.836 -8.261  4.176   1.00 40.53 ? 269 LEU A CD2 1 
ATOM   164  N N   . LYS A 1 21  ? -16.193 -7.882  4.855   1.00 49.34 ? 270 LYS A N   1 
ATOM   165  C CA  . LYS A 1 21  ? -17.521 -8.459  5.025   1.00 50.37 ? 270 LYS A CA  1 
ATOM   166  C C   . LYS A 1 21  ? -18.260 -8.496  3.691   1.00 51.16 ? 270 LYS A C   1 
ATOM   167  O O   . LYS A 1 21  ? -18.883 -9.501  3.345   1.00 55.41 ? 270 LYS A O   1 
ATOM   168  C CB  . LYS A 1 21  ? -18.322 -7.666  6.063   1.00 52.89 ? 270 LYS A CB  1 
ATOM   169  C CG  . LYS A 1 21  ? -19.643 -8.299  6.459   1.00 55.96 ? 270 LYS A CG  1 
ATOM   170  C CD  . LYS A 1 21  ? -20.326 -7.507  7.560   1.00 51.21 ? 270 LYS A CD  1 
ATOM   171  C CE  . LYS A 1 21  ? -21.601 -8.191  7.981   1.00 54.65 ? 270 LYS A CE  1 
ATOM   172  N NZ  . LYS A 1 21  ? -22.423 -8.514  6.787   1.00 61.65 ? 270 LYS A NZ  1 
ATOM   173  N N   . GLU A 1 22  ? -18.183 -7.397  2.946   1.00 50.11 ? 271 GLU A N   1 
ATOM   174  C CA  . GLU A 1 22  ? -18.824 -7.298  1.637   1.00 50.88 ? 271 GLU A CA  1 
ATOM   175  C C   . GLU A 1 22  ? -18.236 -8.289  0.639   1.00 54.91 ? 271 GLU A C   1 
ATOM   176  O O   . GLU A 1 22  ? -18.962 -8.950  -0.101  1.00 58.78 ? 271 GLU A O   1 
ATOM   177  C CB  . GLU A 1 22  ? -18.696 -5.876  1.086   1.00 52.06 ? 271 GLU A CB  1 
ATOM   178  C CG  . GLU A 1 22  ? -19.614 -4.856  1.758   1.00 48.93 ? 271 GLU A CG  1 
ATOM   179  C CD  . GLU A 1 22  ? -21.078 -5.212  1.592   1.00 51.70 ? 271 GLU A CD  1 
ATOM   180  O OE1 . GLU A 1 22  ? -21.552 -5.230  0.437   1.00 51.48 ? 271 GLU A OE1 1 
ATOM   181  O OE2 . GLU A 1 22  ? -21.747 -5.502  2.610   1.00 56.43 ? 271 GLU A OE2 1 
ATOM   182  N N   . SER A 1 23  ? -16.912 -8.384  0.617   1.00 54.42 ? 272 SER A N   1 
ATOM   183  C CA  . SER A 1 23  ? -16.227 -9.253  -0.334  1.00 54.79 ? 272 SER A CA  1 
ATOM   184  C C   . SER A 1 23  ? -16.355 -10.729 0.049   1.00 57.23 ? 272 SER A C   1 
ATOM   185  O O   . SER A 1 23  ? -16.310 -11.612 -0.814  1.00 58.03 ? 272 SER A O   1 
ATOM   186  C CB  . SER A 1 23  ? -14.756 -8.854  -0.430  1.00 55.76 ? 272 SER A CB  1 
ATOM   187  O OG  . SER A 1 23  ? -14.084 -9.131  0.787   1.00 56.55 ? 272 SER A OG  1 
ATOM   188  N N   . ASN A 1 24  ? -16.499 -10.978 1.349   1.00 55.96 ? 273 ASN A N   1 
ATOM   189  C CA  . ASN A 1 24  ? -16.772 -12.309 1.884   1.00 55.14 ? 273 ASN A CA  1 
ATOM   190  C C   . ASN A 1 24  ? -15.747 -13.366 1.476   1.00 57.99 ? 273 ASN A C   1 
ATOM   191  O O   . ASN A 1 24  ? -16.103 -14.418 0.944   1.00 53.40 ? 273 ASN A O   1 
ATOM   192  C CB  . ASN A 1 24  ? -18.171 -12.758 1.461   1.00 57.68 ? 273 ASN A CB  1 
ATOM   193  C CG  . ASN A 1 24  ? -18.689 -13.907 2.302   1.00 57.27 ? 273 ASN A CG  1 
ATOM   194  O OD1 . ASN A 1 24  ? -18.253 -14.107 3.438   1.00 58.09 ? 273 ASN A OD1 1 
ATOM   195  N ND2 . ASN A 1 24  ? -19.627 -14.668 1.750   1.00 57.46 ? 273 ASN A ND2 1 
ATOM   196  N N   . GLY A 1 25  ? -14.476 -13.076 1.732   1.00 58.64 ? 274 GLY A N   1 
ATOM   197  C CA  . GLY A 1 25  ? -13.408 -14.026 1.477   1.00 57.00 ? 274 GLY A CA  1 
ATOM   198  C C   . GLY A 1 25  ? -12.879 -14.088 0.056   1.00 58.16 ? 274 GLY A C   1 
ATOM   199  O O   . GLY A 1 25  ? -11.983 -14.880 -0.236  1.00 59.59 ? 274 GLY A O   1 
ATOM   200  N N   . SER A 1 26  ? -13.420 -13.261 -0.829  1.00 58.89 ? 275 SER A N   1 
ATOM   201  C CA  . SER A 1 26  ? -12.982 -13.240 -2.221  1.00 58.62 ? 275 SER A CA  1 
ATOM   202  C C   . SER A 1 26  ? -12.813 -11.823 -2.763  1.00 57.84 ? 275 SER A C   1 
ATOM   203  O O   . SER A 1 26  ? -13.770 -11.050 -2.780  1.00 57.04 ? 275 SER A O   1 
ATOM   204  C CB  . SER A 1 26  ? -13.976 -14.000 -3.097  1.00 59.70 ? 275 SER A CB  1 
ATOM   205  O OG  . SER A 1 26  ? -13.629 -13.880 -4.463  1.00 59.65 ? 275 SER A OG  1 
ATOM   206  N N   . LYS A 1 27  ? -11.610 -11.496 -3.235  1.00 55.99 ? 276 LYS A N   1 
ATOM   207  C CA  . LYS A 1 27  ? -11.337 -10.158 -3.759  1.00 55.51 ? 276 LYS A CA  1 
ATOM   208  C C   . LYS A 1 27  ? -12.114 -9.879  -5.044  1.00 57.15 ? 276 LYS A C   1 
ATOM   209  O O   . LYS A 1 27  ? -12.261 -8.724  -5.445  1.00 58.91 ? 276 LYS A O   1 
ATOM   210  C CB  . LYS A 1 27  ? -9.837  -9.959  -4.005  1.00 49.04 ? 276 LYS A CB  1 
ATOM   211  C CG  . LYS A 1 27  ? -8.979  -10.182 -2.769  1.00 47.81 ? 276 LYS A CG  1 
ATOM   212  C CD  . LYS A 1 27  ? -9.475  -9.368  -1.572  1.00 46.21 ? 276 LYS A CD  1 
ATOM   213  C CE  . LYS A 1 27  ? -8.751  -9.810  -0.306  1.00 48.33 ? 276 LYS A CE  1 
ATOM   214  N NZ  . LYS A 1 27  ? -9.235  -9.120  0.921   1.00 45.19 ? 276 LYS A NZ  1 
ATOM   215  N N   . ASP A 1 28  ? -12.617 -10.927 -5.688  1.00 59.25 ? 277 ASP A N   1 
ATOM   216  C CA  . ASP A 1 28  ? -13.447 -10.740 -6.874  1.00 61.01 ? 277 ASP A CA  1 
ATOM   217  C C   . ASP A 1 28  ? -14.792 -10.126 -6.507  1.00 59.38 ? 277 ASP A C   1 
ATOM   218  O O   . ASP A 1 28  ? -15.405 -9.418  -7.308  1.00 61.23 ? 277 ASP A O   1 
ATOM   219  C CB  . ASP A 1 28  ? -13.655 -12.063 -7.603  1.00 61.53 ? 277 ASP A CB  1 
ATOM   220  C CG  . ASP A 1 28  ? -12.474 -12.437 -8.468  1.00 62.73 ? 277 ASP A CG  1 
ATOM   221  O OD1 . ASP A 1 28  ? -11.605 -11.563 -8.680  1.00 66.28 ? 277 ASP A OD1 1 
ATOM   222  O OD2 . ASP A 1 28  ? -12.406 -13.596 -8.926  1.00 63.13 ? 277 ASP A OD2 1 
ATOM   223  N N   . ASP A 1 29  ? -15.242 -10.405 -5.288  1.00 57.79 ? 278 ASP A N   1 
ATOM   224  C CA  . ASP A 1 29  ? -16.551 -9.965  -4.830  1.00 61.36 ? 278 ASP A CA  1 
ATOM   225  C C   . ASP A 1 29  ? -16.484 -8.649  -4.056  1.00 58.75 ? 278 ASP A C   1 
ATOM   226  O O   . ASP A 1 29  ? -17.457 -8.261  -3.405  1.00 56.56 ? 278 ASP A O   1 
ATOM   227  C CB  . ASP A 1 29  ? -17.202 -11.042 -3.954  1.00 62.03 ? 278 ASP A CB  1 
ATOM   228  C CG  . ASP A 1 29  ? -17.578 -12.288 -4.738  1.00 62.90 ? 278 ASP A CG  1 
ATOM   229  O OD1 . ASP A 1 29  ? -17.737 -12.203 -5.975  1.00 65.70 ? 278 ASP A OD1 1 
ATOM   230  O OD2 . ASP A 1 29  ? -17.717 -13.359 -4.109  1.00 63.45 ? 278 ASP A OD2 1 
ATOM   231  N N   . LEU A 1 30  ? -15.338 -7.971  -4.112  1.00 55.49 ? 279 LEU A N   1 
ATOM   232  C CA  . LEU A 1 30  ? -15.231 -6.635  -3.534  1.00 56.29 ? 279 LEU A CA  1 
ATOM   233  C C   . LEU A 1 30  ? -16.223 -5.719  -4.231  1.00 55.20 ? 279 LEU A C   1 
ATOM   234  O O   . LEU A 1 30  ? -16.499 -5.896  -5.418  1.00 57.85 ? 279 LEU A O   1 
ATOM   235  C CB  . LEU A 1 30  ? -13.819 -6.067  -3.675  1.00 53.08 ? 279 LEU A CB  1 
ATOM   236  C CG  . LEU A 1 30  ? -12.712 -6.525  -2.722  1.00 51.88 ? 279 LEU A CG  1 
ATOM   237  C CD1 . LEU A 1 30  ? -11.374 -6.167  -3.327  1.00 50.15 ? 279 LEU A CD1 1 
ATOM   238  C CD2 . LEU A 1 30  ? -12.856 -5.883  -1.357  1.00 51.81 ? 279 LEU A CD2 1 
ATOM   239  N N   . PRO A 1 31  ? -16.765 -4.735  -3.500  1.00 56.38 ? 280 PRO A N   1 
ATOM   240  C CA  . PRO A 1 31  ? -17.599 -3.716  -4.140  1.00 52.86 ? 280 PRO A CA  1 
ATOM   241  C C   . PRO A 1 31  ? -16.749 -2.970  -5.149  1.00 55.22 ? 280 PRO A C   1 
ATOM   242  O O   . PRO A 1 31  ? -15.536 -2.893  -4.944  1.00 54.11 ? 280 PRO A O   1 
ATOM   243  C CB  . PRO A 1 31  ? -18.016 -2.815  -2.979  1.00 54.65 ? 280 PRO A CB  1 
ATOM   244  C CG  . PRO A 1 31  ? -17.806 -3.639  -1.755  1.00 52.37 ? 280 PRO A CG  1 
ATOM   245  C CD  . PRO A 1 31  ? -16.626 -4.501  -2.055  1.00 54.40 ? 280 PRO A CD  1 
ATOM   246  N N   . SER A 1 32  ? -17.350 -2.456  -6.217  1.00 52.19 ? 281 SER A N   1 
ATOM   247  C CA  . SER A 1 32  ? -16.602 -1.701  -7.222  1.00 54.25 ? 281 SER A CA  1 
ATOM   248  C C   . SER A 1 32  ? -15.852 -0.547  -6.568  1.00 51.00 ? 281 SER A C   1 
ATOM   249  O O   . SER A 1 32  ? -16.144 -0.176  -5.434  1.00 50.32 ? 281 SER A O   1 
ATOM   250  C CB  . SER A 1 32  ? -17.536 -1.160  -8.305  1.00 54.16 ? 281 SER A CB  1 
ATOM   251  O OG  . SER A 1 32  ? -18.369 -0.141  -7.780  1.00 53.95 ? 281 SER A OG  1 
ATOM   252  N N   . ASP A 1 33  ? -14.885 0.024   -7.276  1.00 49.04 ? 282 ASP A N   1 
ATOM   253  C CA  . ASP A 1 33  ? -14.141 1.149   -6.724  1.00 48.98 ? 282 ASP A CA  1 
ATOM   254  C C   . ASP A 1 33  ? -15.061 2.355   -6.546  1.00 49.33 ? 282 ASP A C   1 
ATOM   255  O O   . ASP A 1 33  ? -14.881 3.159   -5.626  1.00 47.54 ? 282 ASP A O   1 
ATOM   256  C CB  . ASP A 1 33  ? -12.945 1.496   -7.610  1.00 48.90 ? 282 ASP A CB  1 
ATOM   257  C CG  . ASP A 1 33  ? -11.755 0.578   -7.358  1.00 49.53 ? 282 ASP A CG  1 
ATOM   258  O OD1 . ASP A 1 33  ? -11.908 -0.383  -6.579  1.00 47.75 ? 282 ASP A OD1 1 
ATOM   259  O OD2 . ASP A 1 33  ? -10.674 0.822   -7.932  1.00 52.34 ? 282 ASP A OD2 1 
ATOM   260  N N   . VAL A 1 34  ? -16.054 2.455   -7.424  1.00 50.05 ? 283 VAL A N   1 
ATOM   261  C CA  . VAL A 1 34  ? -17.069 3.500   -7.328  1.00 51.21 ? 283 VAL A CA  1 
ATOM   262  C C   . VAL A 1 34  ? -17.780 3.445   -5.979  1.00 50.06 ? 283 VAL A C   1 
ATOM   263  O O   . VAL A 1 34  ? -17.925 4.466   -5.303  1.00 52.10 ? 283 VAL A O   1 
ATOM   264  C CB  . VAL A 1 34  ? -18.101 3.371   -8.459  1.00 51.57 ? 283 VAL A CB  1 
ATOM   265  C CG1 . VAL A 1 34  ? -19.190 4.415   -8.310  1.00 54.58 ? 283 VAL A CG1 1 
ATOM   266  C CG2 . VAL A 1 34  ? -17.417 3.487   -9.814  1.00 51.35 ? 283 VAL A CG2 1 
ATOM   267  N N   . GLU A 1 35  ? -18.211 2.248   -5.586  1.00 53.09 ? 284 GLU A N   1 
ATOM   268  C CA  . GLU A 1 35  ? -18.930 2.065   -4.326  1.00 52.86 ? 284 GLU A CA  1 
ATOM   269  C C   . GLU A 1 35  ? -18.009 2.261   -3.130  1.00 50.78 ? 284 GLU A C   1 
ATOM   270  O O   . GLU A 1 35  ? -18.424 2.795   -2.098  1.00 47.48 ? 284 GLU A O   1 
ATOM   271  C CB  . GLU A 1 35  ? -19.576 0.676   -4.264  1.00 52.96 ? 284 GLU A CB  1 
ATOM   272  C CG  . GLU A 1 35  ? -20.812 0.525   -5.151  1.00 59.62 ? 284 GLU A CG  1 
ATOM   273  C CD  . GLU A 1 35  ? -22.099 0.968   -4.459  1.00 64.98 ? 284 GLU A CD  1 
ATOM   274  O OE1 . GLU A 1 35  ? -22.386 0.460   -3.352  1.00 68.65 ? 284 GLU A OE1 1 
ATOM   275  O OE2 . GLU A 1 35  ? -22.818 1.829   -5.012  1.00 61.59 ? 284 GLU A OE2 1 
ATOM   276  N N   . ILE A 1 36  ? -16.759 1.829   -3.267  1.00 46.96 ? 285 ILE A N   1 
ATOM   277  C CA  . ILE A 1 36  ? -15.781 2.003   -2.202  1.00 44.24 ? 285 ILE A CA  1 
ATOM   278  C C   . ILE A 1 36  ? -15.508 3.470   -1.910  1.00 45.16 ? 285 ILE A C   1 
ATOM   279  O O   . ILE A 1 36  ? -15.435 3.880   -0.750  1.00 43.39 ? 285 ILE A O   1 
ATOM   280  C CB  . ILE A 1 36  ? -14.439 1.308   -2.550  1.00 47.07 ? 285 ILE A CB  1 
ATOM   281  C CG1 . ILE A 1 36  ? -14.641 -0.196  -2.715  1.00 47.19 ? 285 ILE A CG1 1 
ATOM   282  C CG2 . ILE A 1 36  ? -13.409 1.581   -1.470  1.00 45.83 ? 285 ILE A CG2 1 
ATOM   283  C CD1 . ILE A 1 36  ? -13.343 -0.959  -3.050  1.00 44.39 ? 285 ILE A CD1 1 
ATOM   284  N N   . TYR A 1 37  ? -15.363 4.272   -2.961  1.00 46.48 ? 286 TYR A N   1 
ATOM   285  C CA  . TYR A 1 37  ? -15.097 5.687   -2.777  1.00 45.08 ? 286 TYR A CA  1 
ATOM   286  C C   . TYR A 1 37  ? -16.316 6.386   -2.180  1.00 43.27 ? 286 TYR A C   1 
ATOM   287  O O   . TYR A 1 37  ? -16.172 7.290   -1.366  1.00 40.70 ? 286 TYR A O   1 
ATOM   288  C CB  . TYR A 1 37  ? -14.707 6.360   -4.089  1.00 45.49 ? 286 TYR A CB  1 
ATOM   289  C CG  . TYR A 1 37  ? -14.321 7.810   -3.889  1.00 46.12 ? 286 TYR A CG  1 
ATOM   290  C CD1 . TYR A 1 37  ? -13.148 8.145   -3.227  1.00 47.85 ? 286 TYR A CD1 1 
ATOM   291  C CD2 . TYR A 1 37  ? -15.129 8.839   -4.350  1.00 51.75 ? 286 TYR A CD2 1 
ATOM   292  C CE1 . TYR A 1 37  ? -12.785 9.457   -3.032  1.00 49.55 ? 286 TYR A CE1 1 
ATOM   293  C CE2 . TYR A 1 37  ? -14.774 10.158  -4.162  1.00 48.11 ? 286 TYR A CE2 1 
ATOM   294  C CZ  . TYR A 1 37  ? -13.601 10.463  -3.500  1.00 51.71 ? 286 TYR A CZ  1 
ATOM   295  O OH  . TYR A 1 37  ? -13.234 11.777  -3.307  1.00 58.01 ? 286 TYR A OH  1 
ATOM   296  N N   . LYS A 1 38  ? -17.502 5.939   -2.580  1.00 44.42 ? 287 LYS A N   1 
ATOM   297  C CA  . LYS A 1 38  ? -18.751 6.455   -2.014  1.00 48.28 ? 287 LYS A CA  1 
ATOM   298  C C   . LYS A 1 38  ? -18.810 6.164   -0.518  1.00 47.96 ? 287 LYS A C   1 
ATOM   299  O O   . LYS A 1 38  ? -19.222 7.000   0.275   1.00 44.62 ? 287 LYS A O   1 
ATOM   300  C CB  . LYS A 1 38  ? -19.966 5.837   -2.718  1.00 50.61 ? 287 LYS A CB  1 
ATOM   301  C CG  . LYS A 1 38  ? -21.315 6.413   -2.261  1.00 54.45 ? 287 LYS A CG  1 
ATOM   302  C CD  . LYS A 1 38  ? -22.481 5.609   -2.820  1.00 57.71 ? 287 LYS A CD  1 
ATOM   303  C CE  . LYS A 1 38  ? -22.281 5.316   -4.301  1.00 64.72 ? 287 LYS A CE  1 
ATOM   304  N NZ  . LYS A 1 38  ? -23.524 5.519   -5.101  1.00 67.72 ? 287 LYS A NZ  1 
ATOM   305  N N   . ARG A 1 39  ? -18.384 4.964   -0.139  1.00 44.55 ? 288 ARG A N   1 
ATOM   306  C CA  . ARG A 1 39  ? -18.363 4.574   1.263   1.00 42.28 ? 288 ARG A CA  1 
ATOM   307  C C   . ARG A 1 39  ? -17.371 5.422   2.044   1.00 41.03 ? 288 ARG A C   1 
ATOM   308  O O   . ARG A 1 39  ? -17.664 5.874   3.138   1.00 38.94 ? 288 ARG A O   1 
ATOM   309  C CB  . ARG A 1 39  ? -17.995 3.097   1.405   1.00 42.68 ? 288 ARG A CB  1 
ATOM   310  C CG  . ARG A 1 39  ? -18.037 2.589   2.834   1.00 41.39 ? 288 ARG A CG  1 
ATOM   311  C CD  . ARG A 1 39  ? -19.461 2.424   3.330   1.00 44.09 ? 288 ARG A CD  1 
ATOM   312  N NE  . ARG A 1 39  ? -19.491 1.817   4.655   1.00 45.65 ? 288 ARG A NE  1 
ATOM   313  C CZ  . ARG A 1 39  ? -20.589 1.352   5.244   1.00 42.36 ? 288 ARG A CZ  1 
ATOM   314  N NH1 . ARG A 1 39  ? -21.749 1.400   4.611   1.00 41.60 ? 288 ARG A NH1 1 
ATOM   315  N NH2 . ARG A 1 39  ? -20.512 0.805   6.453   1.00 45.40 ? 288 ARG A NH2 1 
ATOM   316  N N   . ILE A 1 40  ? -16.174 5.590   1.490   1.00 40.76 ? 289 ILE A N   1 
ATOM   317  C CA  . ILE A 1 40  ? -15.157 6.443   2.095   1.00 36.99 ? 289 ILE A CA  1 
ATOM   318  C C   . ILE A 1 40  ? -15.698 7.862   2.378   1.00 42.26 ? 289 ILE A C   1 
ATOM   319  O O   . ILE A 1 40  ? -15.454 8.439   3.443   1.00 39.11 ? 289 ILE A O   1 
ATOM   320  C CB  . ILE A 1 40  ? -13.916 6.509   1.182   1.00 39.83 ? 289 ILE A CB  1 
ATOM   321  C CG1 . ILE A 1 40  ? -13.171 5.168   1.225   1.00 38.20 ? 289 ILE A CG1 1 
ATOM   322  C CG2 . ILE A 1 40  ? -12.990 7.634   1.592   1.00 38.54 ? 289 ILE A CG2 1 
ATOM   323  C CD1 . ILE A 1 40  ? -12.077 5.061   0.195   1.00 36.33 ? 289 ILE A CD1 1 
ATOM   324  N N   . VAL A 1 41  ? -16.444 8.406   1.424   1.00 42.12 ? 290 VAL A N   1 
ATOM   325  C CA  . VAL A 1 41  ? -16.999 9.755   1.560   1.00 39.69 ? 290 VAL A CA  1 
ATOM   326  C C   . VAL A 1 41  ? -18.047 9.815   2.674   1.00 39.89 ? 290 VAL A C   1 
ATOM   327  O O   . VAL A 1 41  ? -18.050 10.754  3.473   1.00 45.32 ? 290 VAL A O   1 
ATOM   328  C CB  . VAL A 1 41  ? -17.586 10.240  0.232   1.00 40.96 ? 290 VAL A CB  1 
ATOM   329  C CG1 . VAL A 1 41  ? -18.353 11.561  0.425   1.00 35.81 ? 290 VAL A CG1 1 
ATOM   330  C CG2 . VAL A 1 41  ? -16.472 10.427  -0.784  1.00 40.39 ? 290 VAL A CG2 1 
ATOM   331  N N   . GLU A 1 42  ? -18.909 8.805   2.753   1.00 42.73 ? 291 GLU A N   1 
ATOM   332  C CA  . GLU A 1 42  ? -19.883 8.708   3.850   1.00 42.42 ? 291 GLU A CA  1 
ATOM   333  C C   . GLU A 1 42  ? -19.237 8.574   5.238   1.00 42.68 ? 291 GLU A C   1 
ATOM   334  O O   . GLU A 1 42  ? -19.718 9.143   6.221   1.00 40.87 ? 291 GLU A O   1 
ATOM   335  C CB  . GLU A 1 42  ? -20.818 7.522   3.615   1.00 41.57 ? 291 GLU A CB  1 
ATOM   336  C CG  . GLU A 1 42  ? -21.782 7.704   2.450   1.00 47.36 ? 291 GLU A CG  1 
ATOM   337  C CD  . GLU A 1 42  ? -22.432 6.402   2.037   1.00 46.81 ? 291 GLU A CD  1 
ATOM   338  O OE1 . GLU A 1 42  ? -21.810 5.324   2.252   1.00 50.61 ? 291 GLU A OE1 1 
ATOM   339  O OE2 . GLU A 1 42  ? -23.550 6.445   1.488   1.00 54.10 ? 291 GLU A OE2 1 
ATOM   340  N N   . LEU A 1 43  ? -18.153 7.810   5.323   1.00 37.24 ? 292 LEU A N   1 
ATOM   341  C CA  . LEU A 1 43  ? -17.468 7.604   6.590   1.00 35.17 ? 292 LEU A CA  1 
ATOM   342  C C   . LEU A 1 43  ? -16.571 8.773   6.967   1.00 37.87 ? 292 LEU A C   1 
ATOM   343  O O   . LEU A 1 43  ? -15.915 8.740   8.001   1.00 38.14 ? 292 LEU A O   1 
ATOM   344  C CB  . LEU A 1 43  ? -16.632 6.294   6.517   1.00 32.95 ? 292 LEU A CB  1 
ATOM   345  C CG  . LEU A 1 43  ? -17.416 5.013   6.239   1.00 33.93 ? 292 LEU A CG  1 
ATOM   346  C CD1 . LEU A 1 43  ? -16.426 3.809   6.181   1.00 32.00 ? 292 LEU A CD1 1 
ATOM   347  C CD2 . LEU A 1 43  ? -18.447 4.741   7.295   1.00 37.81 ? 292 LEU A CD2 1 
ATOM   348  N N   . GLU A 1 44  ? -16.554 9.820   6.138   1.00 39.13 ? 293 GLU A N   1 
ATOM   349  C CA  . GLU A 1 44  ? -15.725 11.011  6.383   1.00 43.65 ? 293 GLU A CA  1 
ATOM   350  C C   . GLU A 1 44  ? -14.224 10.726  6.439   1.00 41.08 ? 293 GLU A C   1 
ATOM   351  O O   . GLU A 1 44  ? -13.489 11.374  7.192   1.00 40.23 ? 293 GLU A O   1 
ATOM   352  C CB  . GLU A 1 44  ? -16.134 11.714  7.689   1.00 42.34 ? 293 GLU A CB  1 
ATOM   353  C CG  . GLU A 1 44  ? -17.589 12.170  7.741   1.00 45.40 ? 293 GLU A CG  1 
ATOM   354  C CD  . GLU A 1 44  ? -17.908 13.213  6.690   1.00 45.71 ? 293 GLU A CD  1 
ATOM   355  O OE1 . GLU A 1 44  ? -16.987 13.948  6.270   1.00 46.62 ? 293 GLU A OE1 1 
ATOM   356  O OE2 . GLU A 1 44  ? -19.080 13.271  6.272   1.00 40.72 ? 293 GLU A OE2 1 
ATOM   357  N N   . ILE A 1 45  ? -13.760 9.770   5.638   1.00 41.98 ? 294 ILE A N   1 
ATOM   358  C CA  . ILE A 1 45  ? -12.345 9.427   5.647   1.00 37.36 ? 294 ILE A CA  1 
ATOM   359  C C   . ILE A 1 45  ? -11.691 9.565   4.270   1.00 40.46 ? 294 ILE A C   1 
ATOM   360  O O   . ILE A 1 45  ? -10.773 8.817   3.926   1.00 41.53 ? 294 ILE A O   1 
ATOM   361  C CB  . ILE A 1 45  ? -12.133 7.996   6.173   1.00 34.45 ? 294 ILE A CB  1 
ATOM   362  C CG1 . ILE A 1 45  ? -13.014 7.012   5.405   1.00 34.70 ? 294 ILE A CG1 1 
ATOM   363  C CG2 . ILE A 1 45  ? -12.459 7.953   7.654   1.00 37.89 ? 294 ILE A CG2 1 
ATOM   364  C CD1 . ILE A 1 45  ? -12.740 5.549   5.789   1.00 39.25 ? 294 ILE A CD1 1 
ATOM   365  N N   . ALA A 1 46  ? -12.139 10.541  3.487   1.00 39.12 ? 295 ALA A N   1 
ATOM   366  C CA  . ALA A 1 46  ? -11.539 10.772  2.182   1.00 37.69 ? 295 ALA A CA  1 
ATOM   367  C C   . ALA A 1 46  ? -10.294 11.623  2.337   1.00 41.57 ? 295 ALA A C   1 
ATOM   368  O O   . ALA A 1 46  ? -9.468  11.692  1.426   1.00 50.17 ? 295 ALA A O   1 
ATOM   369  C CB  . ALA A 1 46  ? -12.541 11.437  1.223   1.00 45.62 ? 295 ALA A CB  1 
ATOM   370  N N   . ASP A 1 47  ? -10.139 12.244  3.502   1.00 37.23 ? 296 ASP A N   1 
ATOM   371  C CA  . ASP A 1 47  ? -9.034  13.172  3.710   1.00 42.78 ? 296 ASP A CA  1 
ATOM   372  C C   . ASP A 1 47  ? -8.026  12.693  4.743   1.00 44.09 ? 296 ASP A C   1 
ATOM   373  O O   . ASP A 1 47  ? -7.204  13.474  5.226   1.00 42.88 ? 296 ASP A O   1 
ATOM   374  C CB  . ASP A 1 47  ? -9.584  14.543  4.121   1.00 42.49 ? 296 ASP A CB  1 
ATOM   375  C CG  . ASP A 1 47  ? -10.419 14.484  5.396   1.00 50.43 ? 296 ASP A CG  1 
ATOM   376  O OD1 . ASP A 1 47  ? -11.061 13.445  5.653   1.00 47.19 ? 296 ASP A OD1 1 
ATOM   377  O OD2 . ASP A 1 47  ? -10.458 15.499  6.134   1.00 58.87 ? 296 ASP A OD2 1 
ATOM   378  N N   . THR A 1 48  ? -8.081  11.402  5.065   1.00 40.19 ? 297 THR A N   1 
ATOM   379  C CA  . THR A 1 48  ? -7.246  10.829  6.099   1.00 39.14 ? 297 THR A CA  1 
ATOM   380  C C   . THR A 1 48  ? -6.352  9.778   5.466   1.00 39.86 ? 297 THR A C   1 
ATOM   381  O O   . THR A 1 48  ? -6.847  8.947   4.712   1.00 39.94 ? 297 THR A O   1 
ATOM   382  C CB  . THR A 1 48  ? -8.087  10.186  7.199   1.00 39.89 ? 297 THR A CB  1 
ATOM   383  O OG1 . THR A 1 48  ? -9.020  9.285   6.592   1.00 41.61 ? 297 THR A OG1 1 
ATOM   384  C CG2 . THR A 1 48  ? -8.869  11.255  7.955   1.00 39.51 ? 297 THR A CG2 1 
ATOM   385  N N   . PRO A 1 49  ? -5.045  9.829   5.757   1.00 39.48 ? 298 PRO A N   1 
ATOM   386  C CA  . PRO A 1 49  ? -4.093  8.913   5.121   1.00 38.47 ? 298 PRO A CA  1 
ATOM   387  C C   . PRO A 1 49  ? -4.348  7.463   5.501   1.00 40.88 ? 298 PRO A C   1 
ATOM   388  O O   . PRO A 1 49  ? -4.060  6.574   4.698   1.00 37.52 ? 298 PRO A O   1 
ATOM   389  C CB  . PRO A 1 49  ? -2.735  9.372   5.665   1.00 36.93 ? 298 PRO A CB  1 
ATOM   390  C CG  . PRO A 1 49  ? -2.980  10.774  6.163   1.00 45.63 ? 298 PRO A CG  1 
ATOM   391  C CD  . PRO A 1 49  ? -4.374  10.735  6.701   1.00 42.94 ? 298 PRO A CD  1 
ATOM   392  N N   . GLU A 1 50  ? -4.879  7.236   6.699   1.00 38.90 ? 299 GLU A N   1 
ATOM   393  C CA  . GLU A 1 50  ? -5.032  5.872   7.216   1.00 38.83 ? 299 GLU A CA  1 
ATOM   394  C C   . GLU A 1 50  ? -5.962  5.024   6.348   1.00 39.55 ? 299 GLU A C   1 
ATOM   395  O O   . GLU A 1 50  ? -5.915  3.796   6.403   1.00 38.12 ? 299 GLU A O   1 
ATOM   396  C CB  . GLU A 1 50  ? -5.547  5.887   8.658   1.00 38.96 ? 299 GLU A CB  1 
ATOM   397  C CG  . GLU A 1 50  ? -4.592  6.477   9.687   1.00 41.47 ? 299 GLU A CG  1 
ATOM   398  C CD  . GLU A 1 50  ? -4.693  7.997   9.837   1.00 46.49 ? 299 GLU A CD  1 
ATOM   399  O OE1 . GLU A 1 50  ? -5.420  8.669   9.066   1.00 41.51 ? 299 GLU A OE1 1 
ATOM   400  O OE2 . GLU A 1 50  ? -4.040  8.521   10.759  1.00 51.75 ? 299 GLU A OE2 1 
ATOM   401  N N   . THR A 1 51  ? -6.800  5.674   5.550   1.00 33.42 ? 300 THR A N   1 
ATOM   402  C CA  . THR A 1 51  ? -7.681  4.975   4.620   1.00 33.12 ? 300 THR A CA  1 
ATOM   403  C C   . THR A 1 51  ? -6.877  4.121   3.641   1.00 36.21 ? 300 THR A C   1 
ATOM   404  O O   . THR A 1 51  ? -7.280  3.003   3.322   1.00 36.75 ? 300 THR A O   1 
ATOM   405  C CB  . THR A 1 51  ? -8.568  5.947   3.853   1.00 39.76 ? 300 THR A CB  1 
ATOM   406  O OG1 . THR A 1 51  ? -9.377  6.642   4.804   1.00 35.50 ? 300 THR A OG1 1 
ATOM   407  C CG2 . THR A 1 51  ? -9.471  5.199   2.856   1.00 37.58 ? 300 THR A CG2 1 
ATOM   408  N N   . LEU A 1 52  ? -5.738  4.660   3.208   1.00 37.79 ? 301 LEU A N   1 
ATOM   409  C CA  . LEU A 1 52  ? -4.813  3.980   2.309   1.00 34.17 ? 301 LEU A CA  1 
ATOM   410  C C   . LEU A 1 52  ? -4.107  2.813   3.002   1.00 35.00 ? 301 LEU A C   1 
ATOM   411  O O   . LEU A 1 52  ? -3.750  1.833   2.356   1.00 37.73 ? 301 LEU A O   1 
ATOM   412  C CB  . LEU A 1 52  ? -3.756  4.941   1.771   1.00 36.38 ? 301 LEU A CB  1 
ATOM   413  C CG  . LEU A 1 52  ? -4.138  5.824   0.570   1.00 43.57 ? 301 LEU A CG  1 
ATOM   414  C CD1 . LEU A 1 52  ? -4.575  4.920   -0.591  1.00 39.63 ? 301 LEU A CD1 1 
ATOM   415  C CD2 . LEU A 1 52  ? -5.207  6.863   0.902   1.00 43.84 ? 301 LEU A CD2 1 
ATOM   416  N N   . GLN A 1 53  ? -3.885  2.944   4.310   1.00 34.69 ? 302 GLN A N   1 
ATOM   417  C CA  . GLN A 1 53  ? -3.306  1.847   5.101   1.00 33.16 ? 302 GLN A CA  1 
ATOM   418  C C   . GLN A 1 53  ? -4.294  0.696   5.151   1.00 38.70 ? 302 GLN A C   1 
ATOM   419  O O   . GLN A 1 53  ? -3.910  -0.459  5.167   1.00 35.15 ? 302 GLN A O   1 
ATOM   420  C CB  . GLN A 1 53  ? -2.948  2.325   6.511   1.00 35.37 ? 302 GLN A CB  1 
ATOM   421  C CG  . GLN A 1 53  ? -2.441  1.250   7.480   1.00 42.56 ? 302 GLN A CG  1 
ATOM   422  C CD  . GLN A 1 53  ? -2.186  1.806   8.876   1.00 47.48 ? 302 GLN A CD  1 
ATOM   423  O OE1 . GLN A 1 53  ? -1.828  2.973   9.034   1.00 48.14 ? 302 GLN A OE1 1 
ATOM   424  N NE2 . GLN A 1 53  ? -2.389  0.973   9.897   1.00 45.88 ? 302 GLN A NE2 1 
ATOM   425  N N   . VAL A 1 54  ? -5.584  1.018   5.169   1.00 38.15 ? 303 VAL A N   1 
ATOM   426  C CA  . VAL A 1 54  ? -6.616  -0.010  5.155   1.00 33.91 ? 303 VAL A CA  1 
ATOM   427  C C   . VAL A 1 54  ? -6.696  -0.670  3.794   1.00 34.58 ? 303 VAL A C   1 
ATOM   428  O O   . VAL A 1 54  ? -6.790  -1.899  3.684   1.00 39.06 ? 303 VAL A O   1 
ATOM   429  C CB  . VAL A 1 54  ? -8.009  0.607   5.493   1.00 33.66 ? 303 VAL A CB  1 
ATOM   430  C CG1 . VAL A 1 54  ? -9.096  -0.432  5.274   1.00 36.88 ? 303 VAL A CG1 1 
ATOM   431  C CG2 . VAL A 1 54  ? -8.014  1.109   6.909   1.00 33.84 ? 303 VAL A CG2 1 
ATOM   432  N N   . LEU A 1 55  ? -6.676  0.153   2.747   1.00 33.09 ? 304 LEU A N   1 
ATOM   433  C CA  . LEU A 1 55  ? -6.818  -0.372  1.399   1.00 30.86 ? 304 LEU A CA  1 
ATOM   434  C C   . LEU A 1 55  ? -5.649  -1.299  1.059   1.00 33.59 ? 304 LEU A C   1 
ATOM   435  O O   . LEU A 1 55  ? -5.839  -2.329  0.417   1.00 35.42 ? 304 LEU A O   1 
ATOM   436  C CB  . LEU A 1 55  ? -6.916  0.757   0.387   1.00 35.40 ? 304 LEU A CB  1 
ATOM   437  C CG  . LEU A 1 55  ? -8.256  1.465   0.556   1.00 35.30 ? 304 LEU A CG  1 
ATOM   438  C CD1 . LEU A 1 55  ? -8.320  2.637   -0.402  1.00 35.82 ? 304 LEU A CD1 1 
ATOM   439  C CD2 . LEU A 1 55  ? -9.407  0.495   0.326   1.00 36.92 ? 304 LEU A CD2 1 
ATOM   440  N N   . GLY A 1 56  ? -4.457  -0.954  1.531   1.00 35.02 ? 305 GLY A N   1 
ATOM   441  C CA  . GLY A 1 56  ? -3.284  -1.777  1.251   1.00 33.58 ? 305 GLY A CA  1 
ATOM   442  C C   . GLY A 1 56  ? -3.378  -3.170  1.853   1.00 38.87 ? 305 GLY A C   1 
ATOM   443  O O   . GLY A 1 56  ? -2.715  -4.112  1.394   1.00 33.31 ? 305 GLY A O   1 
ATOM   444  N N   . GLN A 1 57  ? -4.213  -3.305  2.878   1.00 37.13 ? 306 GLN A N   1 
ATOM   445  C CA  . GLN A 1 57  ? -4.407  -4.592  3.548   1.00 36.74 ? 306 GLN A CA  1 
ATOM   446  C C   . GLN A 1 57  ? -5.621  -5.413  3.107   1.00 40.16 ? 306 GLN A C   1 
ATOM   447  O O   . GLN A 1 57  ? -5.683  -6.615  3.390   1.00 39.49 ? 306 GLN A O   1 
ATOM   448  C CB  . GLN A 1 57  ? -4.509  -4.381  5.046   1.00 37.39 ? 306 GLN A CB  1 
ATOM   449  C CG  . GLN A 1 57  ? -3.246  -3.909  5.703   1.00 35.41 ? 306 GLN A CG  1 
ATOM   450  C CD  . GLN A 1 57  ? -3.483  -3.525  7.143   1.00 36.66 ? 306 GLN A CD  1 
ATOM   451  O OE1 . GLN A 1 57  ? -3.538  -4.381  8.035   1.00 38.96 ? 306 GLN A OE1 1 
ATOM   452  N NE2 . GLN A 1 57  ? -3.649  -2.220  7.382   1.00 37.04 ? 306 GLN A NE2 1 
ATOM   453  N N   . VAL A 1 58  ? -6.591  -4.795  2.439   1.00 38.55 ? 307 VAL A N   1 
ATOM   454  C CA  . VAL A 1 58  ? -7.827  -5.509  2.111   1.00 38.81 ? 307 VAL A CA  1 
ATOM   455  C C   . VAL A 1 58  ? -8.081  -5.683  0.601   1.00 39.88 ? 307 VAL A C   1 
ATOM   456  O O   . VAL A 1 58  ? -8.773  -6.616  0.190   1.00 47.01 ? 307 VAL A O   1 
ATOM   457  C CB  . VAL A 1 58  ? -9.046  -4.801  2.782   1.00 38.90 ? 307 VAL A CB  1 
ATOM   458  C CG1 . VAL A 1 58  ? -10.371 -5.288  2.227   1.00 42.57 ? 307 VAL A CG1 1 
ATOM   459  C CG2 . VAL A 1 58  ? -8.991  -5.015  4.271   1.00 37.61 ? 307 VAL A CG2 1 
ATOM   460  N N   . LEU A 1 59  ? -7.493  -4.832  -0.235  1.00 38.87 ? 308 LEU A N   1 
ATOM   461  C CA  . LEU A 1 59  ? -7.766  -4.899  -1.670  1.00 38.07 ? 308 LEU A CA  1 
ATOM   462  C C   . LEU A 1 59  ? -7.154  -6.115  -2.363  1.00 41.34 ? 308 LEU A C   1 
ATOM   463  O O   . LEU A 1 59  ? -7.688  -6.587  -3.366  1.00 43.12 ? 308 LEU A O   1 
ATOM   464  C CB  . LEU A 1 59  ? -7.262  -3.633  -2.370  1.00 38.46 ? 308 LEU A CB  1 
ATOM   465  C CG  . LEU A 1 59  ? -8.034  -2.323  -2.152  1.00 35.30 ? 308 LEU A CG  1 
ATOM   466  C CD1 . LEU A 1 59  ? -7.366  -1.226  -2.958  1.00 41.93 ? 308 LEU A CD1 1 
ATOM   467  C CD2 . LEU A 1 59  ? -9.484  -2.480  -2.560  1.00 45.75 ? 308 LEU A CD2 1 
ATOM   468  N N   . PHE A 1 60  ? -6.036  -6.621  -1.848  1.00 42.13 ? 309 PHE A N   1 
ATOM   469  C CA  . PHE A 1 60  ? -5.256  -7.564  -2.637  1.00 38.39 ? 309 PHE A CA  1 
ATOM   470  C C   . PHE A 1 60  ? -5.108  -8.922  -1.976  1.00 40.26 ? 309 PHE A C   1 
ATOM   471  O O   . PHE A 1 60  ? -5.223  -9.061  -0.757  1.00 38.88 ? 309 PHE A O   1 
ATOM   472  C CB  . PHE A 1 60  ? -3.860  -6.997  -2.932  1.00 40.03 ? 309 PHE A CB  1 
ATOM   473  C CG  . PHE A 1 60  ? -3.851  -5.537  -3.268  1.00 39.05 ? 309 PHE A CG  1 
ATOM   474  C CD1 . PHE A 1 60  ? -4.316  -5.092  -4.494  1.00 42.75 ? 309 PHE A CD1 1 
ATOM   475  C CD2 . PHE A 1 60  ? -3.348  -4.616  -2.365  1.00 36.04 ? 309 PHE A CD2 1 
ATOM   476  C CE1 . PHE A 1 60  ? -4.312  -3.738  -4.805  1.00 39.23 ? 309 PHE A CE1 1 
ATOM   477  C CE2 . PHE A 1 60  ? -3.341  -3.248  -2.662  1.00 39.62 ? 309 PHE A CE2 1 
ATOM   478  C CZ  . PHE A 1 60  ? -3.815  -2.822  -3.883  1.00 39.80 ? 309 PHE A CZ  1 
ATOM   479  N N   . ASP A 1 61  ? -4.835  -9.932  -2.801  1.00 43.75 ? 310 ASP A N   1 
ATOM   480  C CA  . ASP A 1 61  ? -4.459  -11.246 -2.300  1.00 41.14 ? 310 ASP A CA  1 
ATOM   481  C C   . ASP A 1 61  ? -3.244  -11.772 -3.061  1.00 40.77 ? 310 ASP A C   1 
ATOM   482  O O   . ASP A 1 61  ? -2.418  -11.007 -3.550  1.00 36.92 ? 310 ASP A O   1 
ATOM   483  C CB  . ASP A 1 61  ? -5.623  -12.245 -2.402  1.00 44.77 ? 310 ASP A CB  1 
ATOM   484  C CG  . ASP A 1 61  ? -6.214  -12.332 -3.798  1.00 42.47 ? 310 ASP A CG  1 
ATOM   485  O OD1 . ASP A 1 61  ? -5.564  -11.876 -4.762  1.00 42.12 ? 310 ASP A OD1 1 
ATOM   486  O OD2 . ASP A 1 61  ? -7.332  -12.878 -3.935  1.00 47.36 ? 310 ASP A OD2 1 
ATOM   487  N N   . ASP A 1 62  ? -3.153  -13.085 -3.198  1.00 42.04 ? 311 ASP A N   1 
ATOM   488  C CA  . ASP A 1 62  ? -1.997  -13.657 -3.882  1.00 43.09 ? 311 ASP A CA  1 
ATOM   489  C C   . ASP A 1 62  ? -1.894  -13.215 -5.354  1.00 42.75 ? 311 ASP A C   1 
ATOM   490  O O   . ASP A 1 62  ? -0.850  -13.370 -5.976  1.00 43.58 ? 311 ASP A O   1 
ATOM   491  C CB  . ASP A 1 62  ? -2.034  -15.186 -3.786  1.00 46.52 ? 311 ASP A CB  1 
ATOM   492  C CG  . ASP A 1 62  ? -1.681  -15.697 -2.396  1.00 47.94 ? 311 ASP A CG  1 
ATOM   493  O OD1 . ASP A 1 62  ? -0.955  -14.997 -1.659  1.00 47.01 ? 311 ASP A OD1 1 
ATOM   494  O OD2 . ASP A 1 62  ? -2.115  -16.812 -2.043  1.00 53.68 ? 311 ASP A OD2 1 
ATOM   495  N N   . ASP A 1 63  ? -2.967  -12.635 -5.895  1.00 40.95 ? 312 ASP A N   1 
ATOM   496  C CA  . ASP A 1 63  ? -2.986  -12.215 -7.290  1.00 41.29 ? 312 ASP A CA  1 
ATOM   497  C C   . ASP A 1 63  ? -2.711  -10.715 -7.431  1.00 41.56 ? 312 ASP A C   1 
ATOM   498  O O   . ASP A 1 63  ? -3.074  -10.107 -8.441  1.00 42.99 ? 312 ASP A O   1 
ATOM   499  C CB  . ASP A 1 63  ? -4.341  -12.554 -7.928  1.00 47.10 ? 312 ASP A CB  1 
ATOM   500  C CG  . ASP A 1 63  ? -4.273  -12.649 -9.446  1.00 50.43 ? 312 ASP A CG  1 
ATOM   501  O OD1 . ASP A 1 63  ? -3.189  -12.959 -9.982  1.00 45.35 ? 312 ASP A OD1 1 
ATOM   502  O OD2 . ASP A 1 63  ? -5.312  -12.427 -10.104 1.00 52.42 ? 312 ASP A OD2 1 
ATOM   503  N N   . ILE A 1 64  ? -2.043  -10.142 -6.427  1.00 40.67 ? 313 ILE A N   1 
ATOM   504  C CA  . ILE A 1 64  ? -1.879  -8.684  -6.307  1.00 37.76 ? 313 ILE A CA  1 
ATOM   505  C C   . ILE A 1 64  ? -1.256  -8.034  -7.537  1.00 43.13 ? 313 ILE A C   1 
ATOM   506  O O   . ILE A 1 64  ? -1.610  -6.918  -7.895  1.00 43.68 ? 313 ILE A O   1 
ATOM   507  C CB  . ILE A 1 64  ? -1.019  -8.314  -5.062  1.00 36.11 ? 313 ILE A CB  1 
ATOM   508  C CG1 . ILE A 1 64  ? -0.761  -6.806  -5.005  1.00 39.99 ? 313 ILE A CG1 1 
ATOM   509  C CG2 . ILE A 1 64  ? 0.311   -9.123  -5.041  1.00 35.70 ? 313 ILE A CG2 1 
ATOM   510  C CD1 . ILE A 1 64  ? -0.239  -6.306  -3.672  1.00 37.49 ? 313 ILE A CD1 1 
ATOM   511  N N   . ILE A 1 65  ? -0.333  -8.727  -8.200  1.00 43.91 ? 314 ILE A N   1 
ATOM   512  C CA  . ILE A 1 65  ? 0.306   -8.122  -9.362  1.00 43.51 ? 314 ILE A CA  1 
ATOM   513  C C   . ILE A 1 65  ? -0.724  -7.772  -10.442 1.00 44.69 ? 314 ILE A C   1 
ATOM   514  O O   . ILE A 1 65  ? -0.516  -6.850  -11.234 1.00 42.64 ? 314 ILE A O   1 
ATOM   515  C CB  . ILE A 1 65  ? 1.413   -9.038  -9.955  1.00 47.15 ? 314 ILE A CB  1 
ATOM   516  C CG1 . ILE A 1 65  ? 2.380   -8.196  -10.786 1.00 47.65 ? 314 ILE A CG1 1 
ATOM   517  C CG2 . ILE A 1 65  ? 0.828   -10.207 -10.750 1.00 46.98 ? 314 ILE A CG2 1 
ATOM   518  C CD1 . ILE A 1 65  ? 3.235   -7.265  -9.949  1.00 47.60 ? 314 ILE A CD1 1 
ATOM   519  N N   . ASN A 1 66  ? -1.846  -8.490  -10.442 1.00 44.69 ? 315 ASN A N   1 
ATOM   520  C CA  . ASN A 1 66  ? -2.902  -8.301  -11.435 1.00 44.16 ? 315 ASN A CA  1 
ATOM   521  C C   . ASN A 1 66  ? -4.035  -7.435  -10.923 1.00 45.04 ? 315 ASN A C   1 
ATOM   522  O O   . ASN A 1 66  ? -5.003  -7.194  -11.640 1.00 47.16 ? 315 ASN A O   1 
ATOM   523  C CB  . ASN A 1 66  ? -3.469  -9.650  -11.876 1.00 48.15 ? 315 ASN A CB  1 
ATOM   524  C CG  . ASN A 1 66  ? -2.465  -10.472 -12.643 1.00 47.72 ? 315 ASN A CG  1 
ATOM   525  O OD1 . ASN A 1 66  ? -1.858  -9.984  -13.596 1.00 50.25 ? 315 ASN A OD1 1 
ATOM   526  N ND2 . ASN A 1 66  ? -2.267  -11.719 -12.225 1.00 53.25 ? 315 ASN A ND2 1 
ATOM   527  N N   . GLN A 1 67  ? -3.915  -6.987  -9.681  1.00 43.49 ? 316 GLN A N   1 
ATOM   528  C CA  . GLN A 1 67  ? -4.993  -6.224  -9.043  1.00 45.66 ? 316 GLN A CA  1 
ATOM   529  C C   . GLN A 1 67  ? -4.635  -4.755  -8.842  1.00 47.39 ? 316 GLN A C   1 
ATOM   530  O O   . GLN A 1 67  ? -5.461  -3.964  -8.365  1.00 46.77 ? 316 GLN A O   1 
ATOM   531  C CB  . GLN A 1 67  ? -5.354  -6.869  -7.704  1.00 42.87 ? 316 GLN A CB  1 
ATOM   532  C CG  . GLN A 1 67  ? -5.862  -8.292  -7.830  1.00 47.02 ? 316 GLN A CG  1 
ATOM   533  C CD  . GLN A 1 67  ? -5.834  -9.032  -6.511  1.00 42.73 ? 316 GLN A CD  1 
ATOM   534  O OE1 . GLN A 1 67  ? -5.060  -8.695  -5.614  1.00 43.39 ? 316 GLN A OE1 1 
ATOM   535  N NE2 . GLN A 1 67  ? -6.696  -10.032 -6.371  1.00 41.12 ? 316 GLN A NE2 1 
ATOM   536  N N   . ILE A 1 68  ? -3.417  -4.387  -9.227  1.00 47.24 ? 317 ILE A N   1 
ATOM   537  C CA  . ILE A 1 68  ? -2.941  -3.010  -9.117  1.00 50.78 ? 317 ILE A CA  1 
ATOM   538  C C   . ILE A 1 68  ? -3.640  -2.095  -10.127 1.00 50.90 ? 317 ILE A C   1 
ATOM   539  O O   . ILE A 1 68  ? -4.237  -1.074  -9.758  1.00 50.11 ? 317 ILE A O   1 
ATOM   540  C CB  . ILE A 1 68  ? -1.411  -2.918  -9.330  1.00 48.51 ? 317 ILE A CB  1 
ATOM   541  C CG1 . ILE A 1 68  ? -0.658  -3.738  -8.282  1.00 45.88 ? 317 ILE A CG1 1 
ATOM   542  C CG2 . ILE A 1 68  ? -0.952  -1.472  -9.266  1.00 49.06 ? 317 ILE A CG2 1 
ATOM   543  C CD1 . ILE A 1 68  ? 0.876   -3.737  -8.483  1.00 45.99 ? 317 ILE A CD1 1 
ATOM   544  N N   . GLU A 1 69  ? -3.569  -2.469  -11.402 1.00 51.65 ? 318 GLU A N   1 
ATOM   545  C CA  . GLU A 1 69  ? -4.171  -1.676  -12.476 1.00 51.71 ? 318 GLU A CA  1 
ATOM   546  C C   . GLU A 1 69  ? -5.673  -1.389  -12.298 1.00 54.11 ? 318 GLU A C   1 
ATOM   547  O O   . GLU A 1 69  ? -6.101  -0.260  -12.525 1.00 50.97 ? 318 GLU A O   1 
ATOM   548  C CB  . GLU A 1 69  ? -3.941  -2.350  -13.836 1.00 54.03 ? 318 GLU A CB  1 
ATOM   549  C CG  . GLU A 1 69  ? -4.371  -1.488  -15.028 1.00 57.36 ? 318 GLU A CG  1 
ATOM   550  C CD  . GLU A 1 69  ? -3.712  -0.112  -15.035 1.00 57.56 ? 318 GLU A CD  1 
ATOM   551  O OE1 . GLU A 1 69  ? -2.487  -0.040  -14.805 1.00 61.35 ? 318 GLU A OE1 1 
ATOM   552  O OE2 . GLU A 1 69  ? -4.413  0.900   -15.281 1.00 64.22 ? 318 GLU A OE2 1 
ATOM   553  N N   . PRO A 1 70  ? -6.482  -2.396  -11.909 1.00 54.06 ? 319 PRO A N   1 
ATOM   554  C CA  . PRO A 1 70  ? -7.901  -2.058  -11.750 1.00 50.19 ? 319 PRO A CA  1 
ATOM   555  C C   . PRO A 1 70  ? -8.172  -1.025  -10.660 1.00 52.99 ? 319 PRO A C   1 
ATOM   556  O O   . PRO A 1 70  ? -9.176  -0.324  -10.751 1.00 54.46 ? 319 PRO A O   1 
ATOM   557  C CB  . PRO A 1 70  ? -8.542  -3.397  -11.384 1.00 47.71 ? 319 PRO A CB  1 
ATOM   558  C CG  . PRO A 1 70  ? -7.610  -4.425  -11.971 1.00 52.80 ? 319 PRO A CG  1 
ATOM   559  C CD  . PRO A 1 70  ? -6.253  -3.844  -11.763 1.00 49.13 ? 319 PRO A CD  1 
ATOM   560  N N   . HIS A 1 71  ? -7.301  -0.919  -9.662  1.00 50.74 ? 320 HIS A N   1 
ATOM   561  C CA  . HIS A 1 71  ? -7.543  0.023   -8.573  1.00 51.45 ? 320 HIS A CA  1 
ATOM   562  C C   . HIS A 1 71  ? -6.744  1.316   -8.701  1.00 47.80 ? 320 HIS A C   1 
ATOM   563  O O   . HIS A 1 71  ? -6.623  2.051   -7.733  1.00 47.61 ? 320 HIS A O   1 
ATOM   564  C CB  . HIS A 1 71  ? -7.225  -0.635  -7.229  1.00 48.07 ? 320 HIS A CB  1 
ATOM   565  C CG  . HIS A 1 71  ? -8.099  -1.805  -6.906  1.00 49.42 ? 320 HIS A CG  1 
ATOM   566  N ND1 . HIS A 1 71  ? -9.458  -1.690  -6.706  1.00 48.53 ? 320 HIS A ND1 1 
ATOM   567  C CD2 . HIS A 1 71  ? -7.808  -3.123  -6.765  1.00 44.98 ? 320 HIS A CD2 1 
ATOM   568  C CE1 . HIS A 1 71  ? -9.965  -2.882  -6.444  1.00 48.08 ? 320 HIS A CE1 1 
ATOM   569  N NE2 . HIS A 1 71  ? -8.985  -3.769  -6.477  1.00 49.57 ? 320 HIS A NE2 1 
ATOM   570  N N   . VAL A 1 72  ? -6.187  1.590   -9.878  1.00 50.19 ? 321 VAL A N   1 
ATOM   571  C CA  . VAL A 1 72  ? -5.381  2.797   -10.062 1.00 48.37 ? 321 VAL A CA  1 
ATOM   572  C C   . VAL A 1 72  ? -6.199  4.072   -9.851  1.00 49.62 ? 321 VAL A C   1 
ATOM   573  O O   . VAL A 1 72  ? -5.782  4.968   -9.120  1.00 45.56 ? 321 VAL A O   1 
ATOM   574  C CB  . VAL A 1 72  ? -4.744  2.866   -11.466 1.00 51.09 ? 321 VAL A CB  1 
ATOM   575  C CG1 . VAL A 1 72  ? -4.083  4.219   -11.678 1.00 54.52 ? 321 VAL A CG1 1 
ATOM   576  C CG2 . VAL A 1 72  ? -3.726  1.763   -11.641 1.00 51.75 ? 321 VAL A CG2 1 
ATOM   577  N N   . GLY A 1 73  ? -7.366  4.134   -10.483 1.00 50.67 ? 322 GLY A N   1 
ATOM   578  C CA  . GLY A 1 73  ? -8.223  5.298   -10.383 1.00 49.89 ? 322 GLY A CA  1 
ATOM   579  C C   . GLY A 1 73  ? -8.532  5.656   -8.942  1.00 48.83 ? 322 GLY A C   1 
ATOM   580  O O   . GLY A 1 73  ? -8.360  6.800   -8.529  1.00 52.35 ? 322 GLY A O   1 
ATOM   581  N N   . LEU A 1 74  ? -8.960  4.655   -8.175  1.00 49.43 ? 323 LEU A N   1 
ATOM   582  C CA  . LEU A 1 74  ? -9.323  4.843   -6.773  1.00 47.26 ? 323 LEU A CA  1 
ATOM   583  C C   . LEU A 1 74  ? -8.147  5.278   -5.901  1.00 45.93 ? 323 LEU A C   1 
ATOM   584  O O   . LEU A 1 74  ? -8.273  6.183   -5.081  1.00 47.64 ? 323 LEU A O   1 
ATOM   585  C CB  . LEU A 1 74  ? -9.931  3.559   -6.218  1.00 45.66 ? 323 LEU A CB  1 
ATOM   586  C CG  . LEU A 1 74  ? -10.190 3.467   -4.711  1.00 46.24 ? 323 LEU A CG  1 
ATOM   587  C CD1 . LEU A 1 74  ? -11.246 4.466   -4.249  1.00 47.91 ? 323 LEU A CD1 1 
ATOM   588  C CD2 . LEU A 1 74  ? -10.557 2.029   -4.309  1.00 45.14 ? 323 LEU A CD2 1 
ATOM   589  N N   . LEU A 1 75  ? -6.999  4.635   -6.076  1.00 47.32 ? 324 LEU A N   1 
ATOM   590  C CA  . LEU A 1 75  ? -5.856  4.951   -5.236  1.00 44.93 ? 324 LEU A CA  1 
ATOM   591  C C   . LEU A 1 75  ? -5.257  6.325   -5.550  1.00 46.35 ? 324 LEU A C   1 
ATOM   592  O O   . LEU A 1 75  ? -4.837  7.033   -4.644  1.00 41.49 ? 324 LEU A O   1 
ATOM   593  C CB  . LEU A 1 75  ? -4.791  3.856   -5.367  1.00 45.45 ? 324 LEU A CB  1 
ATOM   594  C CG  . LEU A 1 75  ? -5.276  2.494   -4.852  1.00 44.66 ? 324 LEU A CG  1 
ATOM   595  C CD1 . LEU A 1 75  ? -4.278  1.397   -5.156  1.00 45.80 ? 324 LEU A CD1 1 
ATOM   596  C CD2 . LEU A 1 75  ? -5.565  2.564   -3.357  1.00 42.91 ? 324 LEU A CD2 1 
ATOM   597  N N   . THR A 1 76  ? -5.210  6.699   -6.824  1.00 47.38 ? 325 THR A N   1 
ATOM   598  C CA  . THR A 1 76  ? -4.639  7.993   -7.207  1.00 48.82 ? 325 THR A CA  1 
ATOM   599  C C   . THR A 1 76  ? -5.453  9.138   -6.637  1.00 46.92 ? 325 THR A C   1 
ATOM   600  O O   . THR A 1 76  ? -4.906  10.148  -6.192  1.00 44.42 ? 325 THR A O   1 
ATOM   601  C CB  . THR A 1 76  ? -4.575  8.170   -8.733  1.00 52.19 ? 325 THR A CB  1 
ATOM   602  O OG1 . THR A 1 76  ? -5.846  7.837   -9.304  1.00 55.38 ? 325 THR A OG1 1 
ATOM   603  C CG2 . THR A 1 76  ? -3.490  7.294   -9.339  1.00 46.06 ? 325 THR A CG2 1 
ATOM   604  N N   . LYS A 1 77  ? -6.764  8.957   -6.658  1.00 47.52 ? 326 LYS A N   1 
ATOM   605  C CA  . LYS A 1 77  ? -7.700  9.968   -6.204  1.00 47.89 ? 326 LYS A CA  1 
ATOM   606  C C   . LYS A 1 77  ? -7.539  10.252  -4.717  1.00 47.29 ? 326 LYS A C   1 
ATOM   607  O O   . LYS A 1 77  ? -7.588  11.397  -4.268  1.00 45.74 ? 326 LYS A O   1 
ATOM   608  C CB  . LYS A 1 77  ? -9.122  9.511   -6.493  1.00 45.42 ? 326 LYS A CB  1 
ATOM   609  C CG  . LYS A 1 77  ? -10.168 10.408  -5.867  1.00 52.16 ? 326 LYS A CG  1 
ATOM   610  C CD  . LYS A 1 77  ? -11.299 10.609  -6.824  1.00 49.14 ? 326 LYS A CD  1 
ATOM   611  C CE  . LYS A 1 77  ? -12.082 11.854  -6.463  1.00 55.86 ? 326 LYS A CE  1 
ATOM   612  N NZ  . LYS A 1 77  ? -13.001 12.208  -7.573  1.00 62.08 ? 326 LYS A NZ  1 
ATOM   613  N N   . LEU A 1 78  ? -7.362  9.186   -3.951  1.00 39.00 ? 327 LEU A N   1 
ATOM   614  C CA  . LEU A 1 78  ? -7.201  9.293   -2.515  1.00 41.07 ? 327 LEU A CA  1 
ATOM   615  C C   . LEU A 1 78  ? -5.819  9.817   -2.152  1.00 43.14 ? 327 LEU A C   1 
ATOM   616  O O   . LEU A 1 78  ? -5.684  10.633  -1.241  1.00 42.74 ? 327 LEU A O   1 
ATOM   617  C CB  . LEU A 1 78  ? -7.448  7.921   -1.859  1.00 39.63 ? 327 LEU A CB  1 
ATOM   618  C CG  . LEU A 1 78  ? -8.866  7.369   -2.054  1.00 39.13 ? 327 LEU A CG  1 
ATOM   619  C CD1 . LEU A 1 78  ? -8.943  5.885   -1.701  1.00 43.20 ? 327 LEU A CD1 1 
ATOM   620  C CD2 . LEU A 1 78  ? -9.872  8.165   -1.223  1.00 40.15 ? 327 LEU A CD2 1 
ATOM   621  N N   . ILE A 1 79  ? -4.790  9.329   -2.847  1.00 42.70 ? 328 ILE A N   1 
ATOM   622  C CA  . ILE A 1 79  ? -3.422  9.757   -2.586  1.00 39.74 ? 328 ILE A CA  1 
ATOM   623  C C   . ILE A 1 79  ? -3.251  11.240  -2.918  1.00 49.06 ? 328 ILE A C   1 
ATOM   624  O O   . ILE A 1 79  ? -2.594  11.978  -2.178  1.00 47.47 ? 328 ILE A O   1 
ATOM   625  C CB  . ILE A 1 79  ? -2.414  8.904   -3.384  1.00 44.08 ? 328 ILE A CB  1 
ATOM   626  C CG1 . ILE A 1 79  ? -2.344  7.503   -2.775  1.00 43.55 ? 328 ILE A CG1 1 
ATOM   627  C CG2 . ILE A 1 79  ? -1.032  9.536   -3.382  1.00 44.43 ? 328 ILE A CG2 1 
ATOM   628  C CD1 . ILE A 1 79  ? -1.455  6.526   -3.552  1.00 43.71 ? 328 ILE A CD1 1 
ATOM   629  N N   . ASN A 1 80  ? -3.850  11.656  -4.032  1.00 47.19 ? 329 ASN A N   1 
ATOM   630  C CA  . ASN A 1 80  ? -3.844  13.058  -4.466  1.00 48.61 ? 329 ASN A CA  1 
ATOM   631  C C   . ASN A 1 80  ? -2.446  13.688  -4.451  1.00 51.38 ? 329 ASN A C   1 
ATOM   632  O O   . ASN A 1 80  ? -2.277  14.825  -4.016  1.00 51.19 ? 329 ASN A O   1 
ATOM   633  C CB  . ASN A 1 80  ? -4.793  13.878  -3.584  1.00 50.30 ? 329 ASN A CB  1 
ATOM   634  C CG  . ASN A 1 80  ? -5.256  15.167  -4.254  1.00 50.68 ? 329 ASN A CG  1 
ATOM   635  O OD1 . ASN A 1 80  ? -5.468  15.211  -5.469  1.00 52.60 ? 329 ASN A OD1 1 
ATOM   636  N ND2 . ASN A 1 80  ? -5.398  16.224  -3.464  1.00 57.42 ? 329 ASN A ND2 1 
ATOM   637  N N   . GLY A 1 81  ? -1.451  12.936  -4.908  1.00 47.83 ? 330 GLY A N   1 
ATOM   638  C CA  . GLY A 1 81  ? -0.085  13.422  -5.012  1.00 48.47 ? 330 GLY A CA  1 
ATOM   639  C C   . GLY A 1 81  ? 0.644   13.654  -3.700  1.00 54.04 ? 330 GLY A C   1 
ATOM   640  O O   . GLY A 1 81  ? 1.753   14.191  -3.688  1.00 54.69 ? 330 GLY A O   1 
ATOM   641  N N   . ASP A 1 82  ? 0.038   13.233  -2.591  1.00 52.24 ? 331 ASP A N   1 
ATOM   642  C CA  . ASP A 1 82  ? 0.568   13.538  -1.263  1.00 49.72 ? 331 ASP A CA  1 
ATOM   643  C C   . ASP A 1 82  ? 1.437   12.406  -0.725  1.00 50.13 ? 331 ASP A C   1 
ATOM   644  O O   . ASP A 1 82  ? 0.989   11.266  -0.641  1.00 46.28 ? 331 ASP A O   1 
ATOM   645  C CB  . ASP A 1 82  ? -0.583  13.837  -0.293  1.00 51.68 ? 331 ASP A CB  1 
ATOM   646  C CG  . ASP A 1 82  ? -0.116  14.513  0.986   1.00 51.58 ? 331 ASP A CG  1 
ATOM   647  O OD1 . ASP A 1 82  ? 0.864   14.046  1.602   1.00 52.00 ? 331 ASP A OD1 1 
ATOM   648  O OD2 . ASP A 1 82  ? -0.734  15.520  1.383   1.00 55.25 ? 331 ASP A OD2 1 
ATOM   649  N N   . GLU A 1 83  ? 2.667   12.751  -0.341  1.00 49.79 ? 332 GLU A N   1 
ATOM   650  C CA  . GLU A 1 83  ? 3.669   11.785  0.129   1.00 49.80 ? 332 GLU A CA  1 
ATOM   651  C C   . GLU A 1 83  ? 3.234   11.025  1.378   1.00 49.85 ? 332 GLU A C   1 
ATOM   652  O O   . GLU A 1 83  ? 3.515   9.826   1.525   1.00 45.81 ? 332 GLU A O   1 
ATOM   653  C CB  . GLU A 1 83  ? 4.999   12.495  0.411   1.00 52.29 ? 332 GLU A CB  1 
ATOM   654  C CG  . GLU A 1 83  ? 5.908   12.663  -0.796  1.00 56.93 ? 332 GLU A CG  1 
ATOM   655  C CD  . GLU A 1 83  ? 7.346   12.958  -0.396  1.00 64.31 ? 332 GLU A CD  1 
ATOM   656  O OE1 . GLU A 1 83  ? 7.602   13.131  0.819   1.00 66.58 ? 332 GLU A OE1 1 
ATOM   657  O OE2 . GLU A 1 83  ? 8.219   12.999  -1.291  1.00 65.47 ? 332 GLU A OE2 1 
ATOM   658  N N   . GLU A 1 84  ? 2.583   11.721  2.301   1.00 45.18 ? 333 GLU A N   1 
ATOM   659  C CA  . GLU A 1 84  ? 2.118   11.071  3.518   1.00 49.80 ? 333 GLU A CA  1 
ATOM   660  C C   . GLU A 1 84  ? 1.038   10.033  3.231   1.00 45.18 ? 333 GLU A C   1 
ATOM   661  O O   . GLU A 1 84  ? 0.884   9.069   3.986   1.00 44.21 ? 333 GLU A O   1 
ATOM   662  C CB  . GLU A 1 84  ? 1.596   12.103  4.522   1.00 46.38 ? 333 GLU A CB  1 
ATOM   663  C CG  . GLU A 1 84  ? 2.707   12.800  5.298   1.00 52.73 ? 333 GLU A CG  1 
ATOM   664  C CD  . GLU A 1 84  ? 3.196   11.974  6.482   1.00 63.21 ? 333 GLU A CD  1 
ATOM   665  O OE1 . GLU A 1 84  ? 2.483   11.035  6.906   1.00 62.10 ? 333 GLU A OE1 1 
ATOM   666  O OE2 . GLU A 1 84  ? 4.312   12.247  6.975   1.00 67.63 ? 333 GLU A OE2 1 
ATOM   667  N N   . PHE A 1 85  ? 0.291   10.227  2.149   1.00 43.44 ? 334 PHE A N   1 
ATOM   668  C CA  . PHE A 1 85  ? -0.728  9.259   1.773   1.00 43.36 ? 334 PHE A CA  1 
ATOM   669  C C   . PHE A 1 85  ? -0.063  8.061   1.092   1.00 42.39 ? 334 PHE A C   1 
ATOM   670  O O   . PHE A 1 85  ? -0.504  6.927   1.260   1.00 39.74 ? 334 PHE A O   1 
ATOM   671  C CB  . PHE A 1 85  ? -1.780  9.892   0.868   1.00 43.88 ? 334 PHE A CB  1 
ATOM   672  C CG  . PHE A 1 85  ? -2.774  10.762  1.605   1.00 45.09 ? 334 PHE A CG  1 
ATOM   673  C CD1 . PHE A 1 85  ? -2.360  11.927  2.238   1.00 45.80 ? 334 PHE A CD1 1 
ATOM   674  C CD2 . PHE A 1 85  ? -4.118  10.413  1.663   1.00 38.71 ? 334 PHE A CD2 1 
ATOM   675  C CE1 . PHE A 1 85  ? -3.272  12.738  2.922   1.00 45.30 ? 334 PHE A CE1 1 
ATOM   676  C CE2 . PHE A 1 85  ? -5.038  11.222  2.341   1.00 47.00 ? 334 PHE A CE2 1 
ATOM   677  C CZ  . PHE A 1 85  ? -4.606  12.381  2.969   1.00 44.72 ? 334 PHE A CZ  1 
ATOM   678  N N   . GLU A 1 86  ? 0.990   8.327   0.324   1.00 44.61 ? 335 GLU A N   1 
ATOM   679  C CA  . GLU A 1 86  ? 1.803   7.260   -0.254  1.00 42.41 ? 335 GLU A CA  1 
ATOM   680  C C   . GLU A 1 86  ? 2.411   6.387   0.833   1.00 44.08 ? 335 GLU A C   1 
ATOM   681  O O   . GLU A 1 86  ? 2.428   5.160   0.716   1.00 40.74 ? 335 GLU A O   1 
ATOM   682  C CB  . GLU A 1 86  ? 2.919   7.829   -1.128  1.00 44.96 ? 335 GLU A CB  1 
ATOM   683  C CG  . GLU A 1 86  ? 2.443   8.372   -2.460  1.00 47.43 ? 335 GLU A CG  1 
ATOM   684  C CD  . GLU A 1 86  ? 3.576   8.931   -3.299  1.00 49.95 ? 335 GLU A CD  1 
ATOM   685  O OE1 . GLU A 1 86  ? 4.749   8.607   -3.020  1.00 48.90 ? 335 GLU A OE1 1 
ATOM   686  O OE2 . GLU A 1 86  ? 3.288   9.731   -4.219  1.00 55.52 ? 335 GLU A OE2 1 
ATOM   687  N N   . LYS A 1 87  ? 2.931   7.017   1.881   1.00 40.52 ? 336 LYS A N   1 
ATOM   688  C CA  . LYS A 1 87  ? 3.533   6.262   2.968   1.00 43.20 ? 336 LYS A CA  1 
ATOM   689  C C   . LYS A 1 87  ? 2.498   5.393   3.682   1.00 40.61 ? 336 LYS A C   1 
ATOM   690  O O   . LYS A 1 87  ? 2.814   4.271   4.111   1.00 40.52 ? 336 LYS A O   1 
ATOM   691  C CB  . LYS A 1 87  ? 4.233   7.206   3.951   1.00 44.94 ? 336 LYS A CB  1 
ATOM   692  C CG  . LYS A 1 87  ? 5.417   7.945   3.334   1.00 48.72 ? 336 LYS A CG  1 
ATOM   693  C CD  . LYS A 1 87  ? 6.365   8.486   4.397   1.00 53.43 ? 336 LYS A CD  1 
ATOM   694  C CE  . LYS A 1 87  ? 5.704   9.572   5.228   1.00 56.83 ? 336 LYS A CE  1 
ATOM   695  N NZ  . LYS A 1 87  ? 6.622   10.109  6.280   1.00 59.40 ? 336 LYS A NZ  1 
ATOM   696  N N   . ALA A 1 88  ? 1.258   5.876   3.784   1.00 41.67 ? 337 ALA A N   1 
ATOM   697  C CA  . ALA A 1 88  ? 0.189   5.103   4.429   1.00 39.22 ? 337 ALA A CA  1 
ATOM   698  C C   . ALA A 1 88  ? -0.168  3.856   3.632   1.00 36.17 ? 337 ALA A C   1 
ATOM   699  O O   . ALA A 1 88  ? -0.347  2.772   4.199   1.00 41.54 ? 337 ALA A O   1 
ATOM   700  C CB  . ALA A 1 88  ? -1.054  5.970   4.633   1.00 36.33 ? 337 ALA A CB  1 
ATOM   701  N N   . LEU A 1 89  ? -0.256  4.002   2.315   1.00 35.17 ? 338 LEU A N   1 
ATOM   702  C CA  . LEU A 1 89  ? -0.457  2.843   1.448   1.00 38.90 ? 338 LEU A CA  1 
ATOM   703  C C   . LEU A 1 89  ? 0.668   1.815   1.625   1.00 36.53 ? 338 LEU A C   1 
ATOM   704  O O   . LEU A 1 89  ? 0.420   0.596   1.717   1.00 34.65 ? 338 LEU A O   1 
ATOM   705  C CB  . LEU A 1 89  ? -0.541  3.276   -0.011  1.00 38.42 ? 338 LEU A CB  1 
ATOM   706  C CG  . LEU A 1 89  ? -0.592  2.116   -1.016  1.00 40.22 ? 338 LEU A CG  1 
ATOM   707  C CD1 . LEU A 1 89  ? -1.826  1.264   -0.781  1.00 36.39 ? 338 LEU A CD1 1 
ATOM   708  C CD2 . LEU A 1 89  ? -0.590  2.640   -2.441  1.00 42.52 ? 338 LEU A CD2 1 
ATOM   709  N N   . LEU A 1 90  ? 1.900   2.315   1.682   1.00 35.41 ? 339 LEU A N   1 
ATOM   710  C CA  . LEU A 1 90  ? 3.065   1.446   1.913   1.00 37.32 ? 339 LEU A CA  1 
ATOM   711  C C   . LEU A 1 90  ? 2.978   0.791   3.278   1.00 37.27 ? 339 LEU A C   1 
ATOM   712  O O   . LEU A 1 90  ? 3.379   -0.349  3.455   1.00 35.74 ? 339 LEU A O   1 
ATOM   713  C CB  . LEU A 1 90  ? 4.370   2.235   1.797   1.00 39.29 ? 339 LEU A CB  1 
ATOM   714  C CG  . LEU A 1 90  ? 5.111   2.138   0.467   1.00 39.55 ? 339 LEU A CG  1 
ATOM   715  C CD1 . LEU A 1 90  ? 6.402   2.951   0.510   1.00 40.10 ? 339 LEU A CD1 1 
ATOM   716  C CD2 . LEU A 1 90  ? 5.400   0.682   0.158   1.00 35.32 ? 339 LEU A CD2 1 
ATOM   717  N N   . GLY A 1 91  ? 2.458   1.509   4.259   1.00 34.41 ? 340 GLY A N   1 
ATOM   718  C CA  . GLY A 1 91  ? 2.267   0.931   5.581   1.00 34.87 ? 340 GLY A CA  1 
ATOM   719  C C   . GLY A 1 91  ? 1.278   -0.215  5.566   1.00 35.85 ? 340 GLY A C   1 
ATOM   720  O O   . GLY A 1 91  ? 1.482   -1.244  6.245   1.00 34.69 ? 340 GLY A O   1 
ATOM   721  N N   . GLY A 1 92  ? 0.201   -0.046  4.803   1.00 33.35 ? 341 GLY A N   1 
ATOM   722  C CA  . GLY A 1 92  ? -0.765  -1.112  4.592   1.00 34.05 ? 341 GLY A CA  1 
ATOM   723  C C   . GLY A 1 92  ? -0.163  -2.299  3.850   1.00 33.00 ? 341 GLY A C   1 
ATOM   724  O O   . GLY A 1 92  ? -0.430  -3.454  4.196   1.00 32.07 ? 341 GLY A O   1 
ATOM   725  N N   . LEU A 1 93  ? 0.631   -2.024  2.818   1.00 31.94 ? 342 LEU A N   1 
ATOM   726  C CA  . LEU A 1 93  ? 1.299   -3.105  2.088   1.00 34.51 ? 342 LEU A CA  1 
ATOM   727  C C   . LEU A 1 93  ? 2.303   -3.825  2.982   1.00 37.29 ? 342 LEU A C   1 
ATOM   728  O O   . LEU A 1 93  ? 2.500   -5.050  2.871   1.00 31.62 ? 342 LEU A O   1 
ATOM   729  C CB  . LEU A 1 93  ? 1.992   -2.557  0.827   1.00 34.15 ? 342 LEU A CB  1 
ATOM   730  C CG  . LEU A 1 93  ? 1.120   -2.065  -0.335  1.00 31.31 ? 342 LEU A CG  1 
ATOM   731  C CD1 . LEU A 1 93  ? 1.983   -1.546  -1.449  1.00 37.07 ? 342 LEU A CD1 1 
ATOM   732  C CD2 . LEU A 1 93  ? 0.172   -3.134  -0.849  1.00 33.09 ? 342 LEU A CD2 1 
ATOM   733  N N   . GLU A 1 94  ? 2.939   -3.083  3.882   1.00 34.47 ? 343 GLU A N   1 
ATOM   734  C CA  . GLU A 1 94  ? 3.905   -3.705  4.780   1.00 34.97 ? 343 GLU A CA  1 
ATOM   735  C C   . GLU A 1 94  ? 3.196   -4.672  5.712   1.00 37.38 ? 343 GLU A C   1 
ATOM   736  O O   . GLU A 1 94  ? 3.726   -5.736  6.021   1.00 35.37 ? 343 GLU A O   1 
ATOM   737  C CB  . GLU A 1 94  ? 4.679   -2.661  5.575   1.00 33.54 ? 343 GLU A CB  1 
ATOM   738  C CG  . GLU A 1 94  ? 5.744   -3.244  6.494   1.00 38.80 ? 343 GLU A CG  1 
ATOM   739  C CD  . GLU A 1 94  ? 6.616   -2.170  7.086   1.00 41.59 ? 343 GLU A CD  1 
ATOM   740  O OE1 . GLU A 1 94  ? 6.098   -1.074  7.383   1.00 40.09 ? 343 GLU A OE1 1 
ATOM   741  O OE2 . GLU A 1 94  ? 7.829   -2.399  7.222   1.00 39.07 ? 343 GLU A OE2 1 
ATOM   742  N N   . ARG A 1 95  ? 1.991   -4.314  6.152   1.00 35.11 ? 344 ARG A N   1 
ATOM   743  C CA  . ARG A 1 95  ? 1.215   -5.242  6.973   1.00 37.30 ? 344 ARG A CA  1 
ATOM   744  C C   . ARG A 1 95  ? 0.743   -6.453  6.151   1.00 35.73 ? 344 ARG A C   1 
ATOM   745  O O   . ARG A 1 95  ? 0.678   -7.598  6.638   1.00 36.91 ? 344 ARG A O   1 
ATOM   746  C CB  . ARG A 1 95  ? 0.042   -4.486  7.607   1.00 31.76 ? 344 ARG A CB  1 
ATOM   747  C CG  . ARG A 1 95  ? 0.510   -3.586  8.725   1.00 36.50 ? 344 ARG A CG  1 
ATOM   748  C CD  . ARG A 1 95  ? -0.657  -2.854  9.371   1.00 33.24 ? 344 ARG A CD  1 
ATOM   749  N NE  . ARG A 1 95  ? -1.613  -3.798  9.960   1.00 34.02 ? 344 ARG A NE  1 
ATOM   750  C CZ  . ARG A 1 95  ? -1.518  -4.329  11.177  1.00 31.60 ? 344 ARG A CZ  1 
ATOM   751  N NH1 . ARG A 1 95  ? -2.469  -5.145  11.598  1.00 36.20 ? 344 ARG A NH1 1 
ATOM   752  N NH2 . ARG A 1 95  ? -0.498  -4.040  11.980  1.00 31.33 ? 344 ARG A NH2 1 
ATOM   753  N N   . PHE A 1 96  ? 0.436   -6.188  4.887   1.00 33.71 ? 345 PHE A N   1 
ATOM   754  C CA  . PHE A 1 96  ? -0.039  -7.215  3.977   1.00 34.09 ? 345 PHE A CA  1 
ATOM   755  C C   . PHE A 1 96  ? 1.048   -8.272  3.774   1.00 33.15 ? 345 PHE A C   1 
ATOM   756  O O   . PHE A 1 96  ? 0.822   -9.445  4.053   1.00 36.16 ? 345 PHE A O   1 
ATOM   757  C CB  . PHE A 1 96  ? -0.454  -6.578  2.655   1.00 33.65 ? 345 PHE A CB  1 
ATOM   758  C CG  . PHE A 1 96  ? -0.894  -7.559  1.605   1.00 31.88 ? 345 PHE A CG  1 
ATOM   759  C CD1 . PHE A 1 96  ? -2.039  -8.320  1.774   1.00 34.06 ? 345 PHE A CD1 1 
ATOM   760  C CD2 . PHE A 1 96  ? -0.189  -7.674  0.421   1.00 34.97 ? 345 PHE A CD2 1 
ATOM   761  C CE1 . PHE A 1 96  ? -2.450  -9.220  0.793   1.00 40.26 ? 345 PHE A CE1 1 
ATOM   762  C CE2 . PHE A 1 96  ? -0.587  -8.575  -0.574  1.00 38.16 ? 345 PHE A CE2 1 
ATOM   763  C CZ  . PHE A 1 96  ? -1.729  -9.343  -0.391  1.00 35.03 ? 345 PHE A CZ  1 
ATOM   764  N N   . PHE A 1 97  ? 2.230   -7.848  3.338   1.00 34.46 ? 346 PHE A N   1 
ATOM   765  C CA  . PHE A 1 97  ? 3.325   -8.794  3.108   1.00 32.28 ? 346 PHE A CA  1 
ATOM   766  C C   . PHE A 1 97  ? 3.816   -9.411  4.402   1.00 33.67 ? 346 PHE A C   1 
ATOM   767  O O   . PHE A 1 97  ? 4.129   -10.606 4.445   1.00 37.45 ? 346 PHE A O   1 
ATOM   768  C CB  . PHE A 1 97  ? 4.501   -8.119  2.402   1.00 32.56 ? 346 PHE A CB  1 
ATOM   769  C CG  . PHE A 1 97  ? 4.182   -7.616  1.032   1.00 37.34 ? 346 PHE A CG  1 
ATOM   770  C CD1 . PHE A 1 97  ? 3.564   -8.426  0.100   1.00 41.82 ? 346 PHE A CD1 1 
ATOM   771  C CD2 . PHE A 1 97  ? 4.492   -6.314  0.676   1.00 36.22 ? 346 PHE A CD2 1 
ATOM   772  C CE1 . PHE A 1 97  ? 3.271   -7.941  -1.167  1.00 43.20 ? 346 PHE A CE1 1 
ATOM   773  C CE2 . PHE A 1 97  ? 4.206   -5.823  -0.595  1.00 33.57 ? 346 PHE A CE2 1 
ATOM   774  C CZ  . PHE A 1 97  ? 3.589   -6.632  -1.510  1.00 37.71 ? 346 PHE A CZ  1 
ATOM   775  N N   . GLY A 1 98  ? 3.885   -8.603  5.453   1.00 34.45 ? 347 GLY A N   1 
ATOM   776  C CA  . GLY A 1 98  ? 4.496   -9.015  6.699   1.00 38.48 ? 347 GLY A CA  1 
ATOM   777  C C   . GLY A 1 98  ? 3.642   -9.920  7.555   1.00 38.96 ? 347 GLY A C   1 
ATOM   778  O O   . GLY A 1 98  ? 4.150   -10.869 8.166   1.00 34.00 ? 347 GLY A O   1 
ATOM   779  N N   . LEU A 1 99  ? 2.341   -9.641  7.594   1.00 32.70 ? 348 LEU A N   1 
ATOM   780  C CA  . LEU A 1 99  ? 1.451   -10.329 8.521   1.00 34.80 ? 348 LEU A CA  1 
ATOM   781  C C   . LEU A 1 99  ? 0.420   -11.219 7.831   1.00 38.43 ? 348 LEU A C   1 
ATOM   782  O O   . LEU A 1 99  ? -0.107  -12.139 8.440   1.00 41.19 ? 348 LEU A O   1 
ATOM   783  C CB  . LEU A 1 99  ? 0.722   -9.303  9.397   1.00 32.39 ? 348 LEU A CB  1 
ATOM   784  C CG  . LEU A 1 99  ? 1.589   -8.267  10.114  1.00 34.27 ? 348 LEU A CG  1 
ATOM   785  C CD1 . LEU A 1 99  ? 0.666   -7.289  10.833  1.00 32.62 ? 348 LEU A CD1 1 
ATOM   786  C CD2 . LEU A 1 99  ? 2.554   -8.880  11.094  1.00 40.08 ? 348 LEU A CD2 1 
ATOM   787  N N   . GLU A 1 100 ? 0.127   -10.950 6.565   1.00 36.17 ? 349 GLU A N   1 
ATOM   788  C CA  . GLU A 1 100 ? -0.955  -11.671 5.896   1.00 38.74 ? 349 GLU A CA  1 
ATOM   789  C C   . GLU A 1 100 ? -0.496  -12.665 4.830   1.00 39.26 ? 349 GLU A C   1 
ATOM   790  O O   . GLU A 1 100 ? -0.869  -13.853 4.861   1.00 40.32 ? 349 GLU A O   1 
ATOM   791  C CB  . GLU A 1 100 ? -1.930  -10.671 5.263   1.00 41.43 ? 349 GLU A CB  1 
ATOM   792  C CG  . GLU A 1 100 ? -3.092  -11.325 4.544   1.00 44.88 ? 349 GLU A CG  1 
ATOM   793  C CD  . GLU A 1 100 ? -4.095  -11.966 5.492   1.00 50.98 ? 349 GLU A CD  1 
ATOM   794  O OE1 . GLU A 1 100 ? -3.955  -11.809 6.727   1.00 53.20 ? 349 GLU A OE1 1 
ATOM   795  O OE2 . GLU A 1 100 ? -5.028  -12.636 5.001   1.00 55.94 ? 349 GLU A OE2 1 
ATOM   796  N N   . LYS A 1 101 ? 0.311   -12.179 3.888   1.00 39.44 ? 350 LYS A N   1 
ATOM   797  C CA  . LYS A 1 101 ? 0.795   -12.998 2.778   1.00 40.88 ? 350 LYS A CA  1 
ATOM   798  C C   . LYS A 1 101 ? 2.325   -13.028 2.680   1.00 36.30 ? 350 LYS A C   1 
ATOM   799  O O   . LYS A 1 101 ? 2.897   -12.593 1.683   1.00 37.28 ? 350 LYS A O   1 
ATOM   800  C CB  . LYS A 1 101 ? 0.207   -12.486 1.460   1.00 39.53 ? 350 LYS A CB  1 
ATOM   801  C CG  . LYS A 1 101 ? -1.297  -12.593 1.365   1.00 43.92 ? 350 LYS A CG  1 
ATOM   802  C CD  . LYS A 1 101 ? -1.740  -14.035 1.296   1.00 45.14 ? 350 LYS A CD  1 
ATOM   803  C CE  . LYS A 1 101 ? -3.174  -14.109 0.823   1.00 47.69 ? 350 LYS A CE  1 
ATOM   804  N NZ  . LYS A 1 101 ? -3.593  -15.508 0.570   1.00 50.63 ? 350 LYS A NZ  1 
ATOM   805  N N   . PRO A 1 102 ? 2.991   -13.574 3.707   1.00 37.19 ? 351 PRO A N   1 
ATOM   806  C CA  . PRO A 1 102 ? 4.460   -13.635 3.712   1.00 40.48 ? 351 PRO A CA  1 
ATOM   807  C C   . PRO A 1 102 ? 5.023   -14.492 2.572   1.00 36.34 ? 351 PRO A C   1 
ATOM   808  O O   . PRO A 1 102 ? 6.226   -14.425 2.274   1.00 39.36 ? 351 PRO A O   1 
ATOM   809  C CB  . PRO A 1 102 ? 4.774   -14.254 5.079   1.00 36.47 ? 351 PRO A CB  1 
ATOM   810  C CG  . PRO A 1 102 ? 3.579   -15.054 5.399   1.00 34.53 ? 351 PRO A CG  1 
ATOM   811  C CD  . PRO A 1 102 ? 2.420   -14.228 4.897   1.00 41.40 ? 351 PRO A CD  1 
ATOM   812  N N   . ASN A 1 103 ? 4.152   -15.274 1.939   1.00 41.17 ? 352 ASN A N   1 
ATOM   813  C CA  . ASN A 1 103 ? 4.522   -16.042 0.757   1.00 38.58 ? 352 ASN A CA  1 
ATOM   814  C C   . ASN A 1 103 ? 4.809   -15.144 -0.434  1.00 41.08 ? 352 ASN A C   1 
ATOM   815  O O   . ASN A 1 103 ? 5.436   -15.557 -1.400  1.00 40.72 ? 352 ASN A O   1 
ATOM   816  C CB  . ASN A 1 103 ? 3.414   -17.027 0.396   1.00 42.86 ? 352 ASN A CB  1 
ATOM   817  C CG  . ASN A 1 103 ? 2.070   -16.348 0.257   1.00 40.65 ? 352 ASN A CG  1 
ATOM   818  O OD1 . ASN A 1 103 ? 1.513   -15.877 1.237   1.00 40.69 ? 352 ASN A OD1 1 
ATOM   819  N ND2 . ASN A 1 103 ? 1.533   -16.325 -0.956  1.00 36.98 ? 352 ASN A ND2 1 
ATOM   820  N N   . LEU A 1 104 ? 4.348   -13.901 -0.369  1.00 35.75 ? 353 LEU A N   1 
ATOM   821  C CA  . LEU A 1 104 ? 4.578   -12.971 -1.461  1.00 39.85 ? 353 LEU A CA  1 
ATOM   822  C C   . LEU A 1 104 ? 5.858   -12.158 -1.273  1.00 38.58 ? 353 LEU A C   1 
ATOM   823  O O   . LEU A 1 104 ? 6.219   -11.362 -2.134  1.00 38.15 ? 353 LEU A O   1 
ATOM   824  C CB  . LEU A 1 104 ? 3.382   -12.020 -1.606  1.00 35.75 ? 353 LEU A CB  1 
ATOM   825  C CG  . LEU A 1 104 ? 2.016   -12.624 -1.929  1.00 38.16 ? 353 LEU A CG  1 
ATOM   826  C CD1 . LEU A 1 104 ? 0.994   -11.481 -2.092  1.00 36.37 ? 353 LEU A CD1 1 
ATOM   827  C CD2 . LEU A 1 104 ? 2.077   -13.479 -3.182  1.00 41.05 ? 353 LEU A CD2 1 
ATOM   828  N N   . ILE A 1 105 ? 6.535   -12.356 -0.150  1.00 35.53 ? 354 ILE A N   1 
ATOM   829  C CA  . ILE A 1 105 ? 7.700   -11.550 0.186   1.00 37.09 ? 354 ILE A CA  1 
ATOM   830  C C   . ILE A 1 105 ? 8.819   -11.595 -0.880  1.00 37.85 ? 354 ILE A C   1 
ATOM   831  O O   . ILE A 1 105 ? 9.440   -10.569 -1.169  1.00 36.39 ? 354 ILE A O   1 
ATOM   832  C CB  . ILE A 1 105 ? 8.227   -11.946 1.578   1.00 40.56 ? 354 ILE A CB  1 
ATOM   833  C CG1 . ILE A 1 105 ? 7.263   -11.404 2.643   1.00 37.09 ? 354 ILE A CG1 1 
ATOM   834  C CG2 . ILE A 1 105 ? 9.619   -11.420 1.816   1.00 42.88 ? 354 ILE A CG2 1 
ATOM   835  C CD1 . ILE A 1 105 ? 7.739   -11.617 4.073   1.00 42.02 ? 354 ILE A CD1 1 
ATOM   836  N N   . PRO A 1 106 ? 9.051   -12.758 -1.509  1.00 38.73 ? 355 PRO A N   1 
ATOM   837  C CA  . PRO A 1 106 ? 9.995   -12.749 -2.638  1.00 37.93 ? 355 PRO A CA  1 
ATOM   838  C C   . PRO A 1 106 ? 9.532   -11.962 -3.875  1.00 41.46 ? 355 PRO A C   1 
ATOM   839  O O   . PRO A 1 106 ? 10.385  -11.588 -4.688  1.00 44.00 ? 355 PRO A O   1 
ATOM   840  C CB  . PRO A 1 106 ? 10.137  -14.245 -2.970  1.00 35.89 ? 355 PRO A CB  1 
ATOM   841  C CG  . PRO A 1 106 ? 9.834   -14.936 -1.700  1.00 34.51 ? 355 PRO A CG  1 
ATOM   842  C CD  . PRO A 1 106 ? 8.729   -14.128 -1.084  1.00 38.53 ? 355 PRO A CD  1 
ATOM   843  N N   . GLN A 1 107 ? 8.227   -11.701 -4.014  1.00 39.25 ? 356 GLN A N   1 
ATOM   844  C CA  . GLN A 1 107 ? 7.708   -10.962 -5.161  1.00 38.31 ? 356 GLN A CA  1 
ATOM   845  C C   . GLN A 1 107 ? 7.649   -9.441  -4.893  1.00 38.81 ? 356 GLN A C   1 
ATOM   846  O O   . GLN A 1 107 ? 7.229   -8.680  -5.754  1.00 41.00 ? 356 GLN A O   1 
ATOM   847  C CB  . GLN A 1 107 ? 6.294   -11.449 -5.533  1.00 44.73 ? 356 GLN A CB  1 
ATOM   848  C CG  . GLN A 1 107 ? 6.176   -12.831 -6.200  1.00 44.05 ? 356 GLN A CG  1 
ATOM   849  C CD  . GLN A 1 107 ? 4.735   -13.137 -6.616  1.00 43.89 ? 356 GLN A CD  1 
ATOM   850  O OE1 . GLN A 1 107 ? 4.179   -12.462 -7.485  1.00 56.63 ? 356 GLN A OE1 1 
ATOM   851  N NE2 . GLN A 1 107 ? 4.111   -14.127 -5.970  1.00 42.38 ? 356 GLN A NE2 1 
ATOM   852  N N   . ILE A 1 108 ? 8.071   -9.005  -3.710  1.00 38.48 ? 357 ILE A N   1 
ATOM   853  C CA  . ILE A 1 108 ? 7.945   -7.579  -3.345  1.00 36.50 ? 357 ILE A CA  1 
ATOM   854  C C   . ILE A 1 108 ? 8.625   -6.605  -4.337  1.00 39.62 ? 357 ILE A C   1 
ATOM   855  O O   . ILE A 1 108 ? 8.011   -5.621  -4.729  1.00 41.84 ? 357 ILE A O   1 
ATOM   856  C CB  . ILE A 1 108 ? 8.477   -7.329  -1.915  1.00 34.52 ? 357 ILE A CB  1 
ATOM   857  C CG1 . ILE A 1 108 ? 7.449   -7.807  -0.889  1.00 35.49 ? 357 ILE A CG1 1 
ATOM   858  C CG2 . ILE A 1 108 ? 8.824   -5.858  -1.683  1.00 40.41 ? 357 ILE A CG2 1 
ATOM   859  C CD1 . ILE A 1 108 ? 7.847   -7.550  0.557   1.00 36.73 ? 357 ILE A CD1 1 
ATOM   860  N N   . PRO A 1 109 ? 9.872   -6.886  -4.776  1.00 40.09 ? 358 PRO A N   1 
ATOM   861  C CA  . PRO A 1 109 ? 10.455  -5.960  -5.765  1.00 41.44 ? 358 PRO A CA  1 
ATOM   862  C C   . PRO A 1 109 ? 9.619   -5.754  -7.028  1.00 41.07 ? 358 PRO A C   1 
ATOM   863  O O   . PRO A 1 109 ? 9.495   -4.624  -7.489  1.00 42.71 ? 358 PRO A O   1 
ATOM   864  C CB  . PRO A 1 109 ? 11.785  -6.635  -6.129  1.00 40.76 ? 358 PRO A CB  1 
ATOM   865  C CG  . PRO A 1 109 ? 12.135  -7.418  -4.937  1.00 38.49 ? 358 PRO A CG  1 
ATOM   866  C CD  . PRO A 1 109 ? 10.836  -7.937  -4.396  1.00 38.99 ? 358 PRO A CD  1 
ATOM   867  N N   . LYS A 1 110 ? 9.047   -6.827  -7.566  1.00 38.37 ? 359 LYS A N   1 
ATOM   868  C CA  . LYS A 1 110 ? 8.233   -6.766  -8.783  1.00 41.32 ? 359 LYS A CA  1 
ATOM   869  C C   . LYS A 1 110 ? 6.899   -6.061  -8.519  1.00 45.39 ? 359 LYS A C   1 
ATOM   870  O O   . LYS A 1 110 ? 6.434   -5.233  -9.313  1.00 44.34 ? 359 LYS A O   1 
ATOM   871  C CB  . LYS A 1 110 ? 8.000   -8.187  -9.324  1.00 45.03 ? 359 LYS A CB  1 
ATOM   872  C CG  . LYS A 1 110 ? 6.931   -8.305  -10.398 1.00 49.17 ? 359 LYS A CG  1 
ATOM   873  C CD  . LYS A 1 110 ? 6.762   -9.746  -10.884 1.00 51.54 ? 359 LYS A CD  1 
ATOM   874  C CE  . LYS A 1 110 ? 6.518   -10.711 -9.723  1.00 55.20 ? 359 LYS A CE  1 
ATOM   875  N NZ  . LYS A 1 110 ? 5.118   -10.628 -9.200  1.00 51.04 ? 359 LYS A NZ  1 
ATOM   876  N N   . ILE A 1 111 ? 6.296   -6.382  -7.382  1.00 42.98 ? 360 ILE A N   1 
ATOM   877  C CA  . ILE A 1 111 ? 4.999   -5.817  -7.009  1.00 41.70 ? 360 ILE A CA  1 
ATOM   878  C C   . ILE A 1 111 ? 5.079   -4.298  -6.791  1.00 41.96 ? 360 ILE A C   1 
ATOM   879  O O   . ILE A 1 111 ? 4.287   -3.538  -7.364  1.00 46.97 ? 360 ILE A O   1 
ATOM   880  C CB  . ILE A 1 111 ? 4.457   -6.518  -5.744  1.00 41.37 ? 360 ILE A CB  1 
ATOM   881  C CG1 . ILE A 1 111 ? 4.183   -7.995  -6.040  1.00 41.69 ? 360 ILE A CG1 1 
ATOM   882  C CG2 . ILE A 1 111 ? 3.189   -5.820  -5.215  1.00 39.95 ? 360 ILE A CG2 1 
ATOM   883  C CD1 . ILE A 1 111 ? 3.963   -8.828  -4.809  1.00 39.44 ? 360 ILE A CD1 1 
ATOM   884  N N   . LEU A 1 112 ? 6.039   -3.850  -5.982  1.00 43.05 ? 361 LEU A N   1 
ATOM   885  C CA  . LEU A 1 112 ? 6.239   -2.418  -5.752  1.00 42.93 ? 361 LEU A CA  1 
ATOM   886  C C   . LEU A 1 112 ? 6.630   -1.693  -7.045  1.00 46.56 ? 361 LEU A C   1 
ATOM   887  O O   . LEU A 1 112 ? 6.280   -0.536  -7.239  1.00 44.11 ? 361 LEU A O   1 
ATOM   888  C CB  . LEU A 1 112 ? 7.305   -2.176  -4.677  1.00 39.95 ? 361 LEU A CB  1 
ATOM   889  C CG  . LEU A 1 112 ? 6.992   -2.610  -3.239  1.00 44.34 ? 361 LEU A CG  1 
ATOM   890  C CD1 . LEU A 1 112 ? 8.062   -2.102  -2.280  1.00 42.45 ? 361 LEU A CD1 1 
ATOM   891  C CD2 . LEU A 1 112 ? 5.610   -2.139  -2.796  1.00 43.36 ? 361 LEU A CD2 1 
ATOM   892  N N   . HIS A 1 113 ? 7.349   -2.383  -7.928  1.00 46.63 ? 362 HIS A N   1 
ATOM   893  C CA  . HIS A 1 113 ? 7.683   -1.828  -9.236  1.00 48.64 ? 362 HIS A CA  1 
ATOM   894  C C   . HIS A 1 113 ? 6.393   -1.481  -9.973  1.00 48.38 ? 362 HIS A C   1 
ATOM   895  O O   . HIS A 1 113 ? 6.313   -0.477  -10.687 1.00 49.32 ? 362 HIS A O   1 
ATOM   896  C CB  . HIS A 1 113 ? 8.527   -2.828  -10.038 1.00 49.56 ? 362 HIS A CB  1 
ATOM   897  C CG  . HIS A 1 113 ? 9.327   -2.211  -11.146 1.00 53.74 ? 362 HIS A CG  1 
ATOM   898  N ND1 . HIS A 1 113 ? 8.851   -1.186  -11.933 1.00 53.81 ? 362 HIS A ND1 1 
ATOM   899  C CD2 . HIS A 1 113 ? 10.575  -2.486  -11.598 1.00 54.39 ? 362 HIS A CD2 1 
ATOM   900  C CE1 . HIS A 1 113 ? 9.773   -0.851  -12.822 1.00 54.64 ? 362 HIS A CE1 1 
ATOM   901  N NE2 . HIS A 1 113 ? 10.827  -1.625  -12.640 1.00 58.20 ? 362 HIS A NE2 1 
ATOM   902  N N   . GLY A 1 114 ? 5.373   -2.310  -9.768  1.00 47.59 ? 363 GLY A N   1 
ATOM   903  C CA  . GLY A 1 114 ? 4.069   -2.109  -10.372 1.00 45.66 ? 363 GLY A CA  1 
ATOM   904  C C   . GLY A 1 114 ? 3.324   -0.906  -9.822  1.00 50.02 ? 363 GLY A C   1 
ATOM   905  O O   . GLY A 1 114 ? 2.652   -0.197  -10.567 1.00 48.11 ? 363 GLY A O   1 
ATOM   906  N N   . PHE A 1 115 ? 3.428   -0.671  -8.518  1.00 47.31 ? 364 PHE A N   1 
ATOM   907  C CA  . PHE A 1 115 ? 2.839   0.535   -7.947  1.00 49.86 ? 364 PHE A CA  1 
ATOM   908  C C   . PHE A 1 115 ? 3.566   1.753   -8.488  1.00 50.15 ? 364 PHE A C   1 
ATOM   909  O O   . PHE A 1 115 ? 2.940   2.754   -8.836  1.00 47.59 ? 364 PHE A O   1 
ATOM   910  C CB  . PHE A 1 115 ? 2.881   0.492   -6.418  1.00 47.63 ? 364 PHE A CB  1 
ATOM   911  C CG  . PHE A 1 115 ? 1.803   -0.365  -5.823  1.00 46.86 ? 364 PHE A CG  1 
ATOM   912  C CD1 . PHE A 1 115 ? 1.975   -1.728  -5.687  1.00 47.24 ? 364 PHE A CD1 1 
ATOM   913  C CD2 . PHE A 1 115 ? 0.601   0.194   -5.424  1.00 47.75 ? 364 PHE A CD2 1 
ATOM   914  C CE1 . PHE A 1 115 ? 0.969   -2.516  -5.155  1.00 42.28 ? 364 PHE A CE1 1 
ATOM   915  C CE2 . PHE A 1 115 ? -0.405  -0.600  -4.890  1.00 44.36 ? 364 PHE A CE2 1 
ATOM   916  C CZ  . PHE A 1 115 ? -0.219  -1.948  -4.752  1.00 44.33 ? 364 PHE A CZ  1 
ATOM   917  N N   . TYR A 1 116 ? 4.887   1.641   -8.584  1.00 51.21 ? 365 TYR A N   1 
ATOM   918  C CA  . TYR A 1 116 ? 5.732   2.720   -9.093  1.00 50.96 ? 365 TYR A CA  1 
ATOM   919  C C   . TYR A 1 116 ? 5.402   3.088   -10.542 1.00 53.26 ? 365 TYR A C   1 
ATOM   920  O O   . TYR A 1 116 ? 5.238   4.264   -10.865 1.00 50.28 ? 365 TYR A O   1 
ATOM   921  C CB  . TYR A 1 116 ? 7.208   2.321   -8.970  1.00 52.85 ? 365 TYR A CB  1 
ATOM   922  C CG  . TYR A 1 116 ? 8.161   3.191   -9.760  1.00 53.42 ? 365 TYR A CG  1 
ATOM   923  C CD1 . TYR A 1 116 ? 8.537   4.445   -9.293  1.00 54.46 ? 365 TYR A CD1 1 
ATOM   924  C CD2 . TYR A 1 116 ? 8.700   2.748   -10.962 1.00 53.25 ? 365 TYR A CD2 1 
ATOM   925  C CE1 . TYR A 1 116 ? 9.411   5.243   -10.013 1.00 56.90 ? 365 TYR A CE1 1 
ATOM   926  C CE2 . TYR A 1 116 ? 9.574   3.534   -11.687 1.00 55.31 ? 365 TYR A CE2 1 
ATOM   927  C CZ  . TYR A 1 116 ? 9.931   4.777   -11.209 1.00 57.02 ? 365 TYR A CZ  1 
ATOM   928  O OH  . TYR A 1 116 ? 10.803  5.558   -11.932 1.00 62.67 ? 365 TYR A OH  1 
ATOM   929  N N   . ASP A 1 117 ? 5.302   2.080   -11.404 1.00 52.20 ? 366 ASP A N   1 
ATOM   930  C CA  . ASP A 1 117 ? 5.025   2.293   -12.826 1.00 52.09 ? 366 ASP A CA  1 
ATOM   931  C C   . ASP A 1 117 ? 3.689   2.993   -13.061 1.00 55.01 ? 366 ASP A C   1 
ATOM   932  O O   . ASP A 1 117 ? 3.478   3.607   -14.108 1.00 57.02 ? 366 ASP A O   1 
ATOM   933  C CB  . ASP A 1 117 ? 5.049   0.959   -13.584 1.00 56.98 ? 366 ASP A CB  1 
ATOM   934  C CG  . ASP A 1 117 ? 6.452   0.528   -13.963 1.00 56.44 ? 366 ASP A CG  1 
ATOM   935  O OD1 . ASP A 1 117 ? 7.288   1.417   -14.235 1.00 59.22 ? 366 ASP A OD1 1 
ATOM   936  O OD2 . ASP A 1 117 ? 6.721   -0.697  -13.990 1.00 56.98 ? 366 ASP A OD2 1 
ATOM   937  N N   . ARG A 1 118 ? 2.788   2.903   -12.087 1.00 52.59 ? 367 ARG A N   1 
ATOM   938  C CA  . ARG A 1 118 ? 1.470   3.515   -12.226 1.00 54.69 ? 367 ARG A CA  1 
ATOM   939  C C   . ARG A 1 118 ? 1.317   4.767   -11.374 1.00 53.18 ? 367 ARG A C   1 
ATOM   940  O O   . ARG A 1 118 ? 0.198   5.176   -11.051 1.00 52.52 ? 367 ARG A O   1 
ATOM   941  C CB  . ARG A 1 118 ? 0.380   2.501   -11.881 1.00 55.07 ? 367 ARG A CB  1 
ATOM   942  C CG  . ARG A 1 118 ? 0.072   1.554   -13.026 1.00 52.77 ? 367 ARG A CG  1 
ATOM   943  C CD  . ARG A 1 118 ? -0.155  0.149   -12.534 1.00 55.74 ? 367 ARG A CD  1 
ATOM   944  N NE  . ARG A 1 118 ? -0.297  -0.800  -13.634 1.00 55.31 ? 367 ARG A NE  1 
ATOM   945  C CZ  . ARG A 1 118 ? 0.179   -2.042  -13.599 1.00 58.32 ? 367 ARG A CZ  1 
ATOM   946  N NH1 . ARG A 1 118 ? 0.827   -2.460  -12.520 1.00 53.40 ? 367 ARG A NH1 1 
ATOM   947  N NH2 . ARG A 1 118 ? 0.018   -2.860  -14.632 1.00 59.96 ? 367 ARG A NH2 1 
ATOM   948  N N   . ASP A 1 119 ? 2.452   5.366   -11.021 1.00 53.55 ? 368 ASP A N   1 
ATOM   949  C CA  . ASP A 1 119 ? 2.494   6.656   -10.335 1.00 53.36 ? 368 ASP A CA  1 
ATOM   950  C C   . ASP A 1 119 ? 1.737   6.644   -9.017  1.00 52.80 ? 368 ASP A C   1 
ATOM   951  O O   . ASP A 1 119 ? 1.224   7.675   -8.578  1.00 50.29 ? 368 ASP A O   1 
ATOM   952  C CB  . ASP A 1 119 ? 1.940   7.760   -11.238 1.00 56.37 ? 368 ASP A CB  1 
ATOM   953  C CG  . ASP A 1 119 ? 2.710   7.891   -12.533 1.00 61.29 ? 368 ASP A CG  1 
ATOM   954  O OD1 . ASP A 1 119 ? 3.959   7.867   -12.483 1.00 63.02 ? 368 ASP A OD1 1 
ATOM   955  O OD2 . ASP A 1 119 ? 2.066   8.021   -13.598 1.00 65.58 ? 368 ASP A OD2 1 
ATOM   956  N N   . LEU A 1 120 ? 1.665   5.475   -8.391  1.00 49.06 ? 369 LEU A N   1 
ATOM   957  C CA  . LEU A 1 120 ? 0.986   5.340   -7.112  1.00 43.84 ? 369 LEU A CA  1 
ATOM   958  C C   . LEU A 1 120 ? 1.925   5.667   -5.950  1.00 46.33 ? 369 LEU A C   1 
ATOM   959  O O   . LEU A 1 120 ? 1.519   6.318   -4.987  1.00 47.76 ? 369 LEU A O   1 
ATOM   960  C CB  . LEU A 1 120 ? 0.419   3.931   -6.962  1.00 47.70 ? 369 LEU A CB  1 
ATOM   961  C CG  . LEU A 1 120 ? -0.740  3.604   -7.899  1.00 50.09 ? 369 LEU A CG  1 
ATOM   962  C CD1 . LEU A 1 120 ? -1.221  2.180   -7.661  1.00 48.39 ? 369 LEU A CD1 1 
ATOM   963  C CD2 . LEU A 1 120 ? -1.868  4.602   -7.707  1.00 47.62 ? 369 LEU A CD2 1 
ATOM   964  N N   . ILE A 1 121 ? 3.175   5.217   -6.041  1.00 43.27 ? 370 ILE A N   1 
ATOM   965  C CA  . ILE A 1 121 ? 4.170   5.544   -5.028  1.00 41.34 ? 370 ILE A CA  1 
ATOM   966  C C   . ILE A 1 121 ? 5.445   6.082   -5.672  1.00 44.35 ? 370 ILE A C   1 
ATOM   967  O O   . ILE A 1 121 ? 5.990   5.482   -6.600  1.00 44.94 ? 370 ILE A O   1 
ATOM   968  C CB  . ILE A 1 121 ? 4.536   4.317   -4.161  1.00 39.99 ? 370 ILE A CB  1 
ATOM   969  C CG1 . ILE A 1 121 ? 3.294   3.544   -3.720  1.00 33.49 ? 370 ILE A CG1 1 
ATOM   970  C CG2 . ILE A 1 121 ? 5.325   4.749   -2.951  1.00 43.67 ? 370 ILE A CG2 1 
ATOM   971  C CD1 . ILE A 1 121 ? 3.648   2.228   -2.992  1.00 38.99 ? 370 ILE A CD1 1 
ATOM   972  N N   . SER A 1 122 ? 5.940   7.198   -5.157  1.00 46.21 ? 371 SER A N   1 
ATOM   973  C CA  . SER A 1 122 ? 7.076   7.871   -5.774  1.00 49.81 ? 371 SER A CA  1 
ATOM   974  C C   . SER A 1 122 ? 8.407   7.196   -5.439  1.00 50.50 ? 371 SER A C   1 
ATOM   975  O O   . SER A 1 122 ? 8.518   6.451   -4.463  1.00 49.11 ? 371 SER A O   1 
ATOM   976  C CB  . SER A 1 122 ? 7.104   9.342   -5.353  1.00 53.66 ? 371 SER A CB  1 
ATOM   977  O OG  . SER A 1 122 ? 7.142   9.471   -3.944  1.00 53.39 ? 371 SER A OG  1 
ATOM   978  N N   . GLU A 1 123 ? 9.414   7.458   -6.266  1.00 48.91 ? 372 GLU A N   1 
ATOM   979  C CA  . GLU A 1 123 ? 10.737  6.874   -6.076  1.00 51.61 ? 372 GLU A CA  1 
ATOM   980  C C   . GLU A 1 123 ? 11.346  7.321   -4.750  1.00 50.82 ? 372 GLU A C   1 
ATOM   981  O O   . GLU A 1 123 ? 11.932  6.520   -4.006  1.00 49.44 ? 372 GLU A O   1 
ATOM   982  C CB  . GLU A 1 123 ? 11.647  7.241   -7.257  1.00 54.42 ? 372 GLU A CB  1 
ATOM   983  C CG  . GLU A 1 123 ? 13.160  7.238   -6.968  1.00 56.28 ? 372 GLU A CG  1 
ATOM   984  C CD  . GLU A 1 123 ? 13.732  8.634   -6.725  1.00 58.82 ? 372 GLU A CD  1 
ATOM   985  O OE1 . GLU A 1 123 ? 13.072  9.626   -7.106  1.00 64.15 ? 372 GLU A OE1 1 
ATOM   986  O OE2 . GLU A 1 123 ? 14.848  8.748   -6.169  1.00 59.52 ? 372 GLU A OE2 1 
ATOM   987  N N   . GLU A 1 124 ? 11.182  8.605   -4.453  1.00 53.85 ? 373 GLU A N   1 
ATOM   988  C CA  . GLU A 1 124 ? 11.705  9.194   -3.235  1.00 50.12 ? 373 GLU A CA  1 
ATOM   989  C C   . GLU A 1 124 ? 11.108  8.528   -1.987  1.00 47.24 ? 373 GLU A C   1 
ATOM   990  O O   . GLU A 1 124 ? 11.833  8.220   -1.035  1.00 51.13 ? 373 GLU A O   1 
ATOM   991  C CB  . GLU A 1 124 ? 11.436  10.710  -3.229  1.00 52.56 ? 373 GLU A CB  1 
ATOM   992  C CG  . GLU A 1 124 ? 10.061  11.123  -3.780  1.00 60.38 ? 373 GLU A CG  1 
ATOM   993  C CD  . GLU A 1 124 ? 9.994   11.180  -5.310  1.00 60.55 ? 373 GLU A CD  1 
ATOM   994  O OE1 . GLU A 1 124 ? 10.761  10.464  -5.980  1.00 66.95 ? 373 GLU A OE1 1 
ATOM   995  O OE2 . GLU A 1 124 ? 9.147   11.927  -5.847  1.00 68.14 ? 373 GLU A OE2 1 
ATOM   996  N N   . VAL A 1 125 ? 9.801   8.280   -1.999  1.00 47.99 ? 374 VAL A N   1 
ATOM   997  C CA  . VAL A 1 125 ? 9.133   7.624   -0.876  1.00 45.22 ? 374 VAL A CA  1 
ATOM   998  C C   . VAL A 1 125 ? 9.615   6.181   -0.728  1.00 45.19 ? 374 VAL A C   1 
ATOM   999  O O   . VAL A 1 125 ? 9.888   5.723   0.381   1.00 46.10 ? 374 VAL A O   1 
ATOM   1000 C CB  . VAL A 1 125 ? 7.600   7.640   -1.042  1.00 45.06 ? 374 VAL A CB  1 
ATOM   1001 C CG1 . VAL A 1 125 ? 6.933   6.649   -0.097  1.00 41.86 ? 374 VAL A CG1 1 
ATOM   1002 C CG2 . VAL A 1 125 ? 7.058   9.050   -0.795  1.00 44.91 ? 374 VAL A CG2 1 
ATOM   1003 N N   . LEU A 1 126 ? 9.753   5.486   -1.854  1.00 46.60 ? 375 LEU A N   1 
ATOM   1004 C CA  . LEU A 1 126 ? 10.201  4.084   -1.850  1.00 45.07 ? 375 LEU A CA  1 
ATOM   1005 C C   . LEU A 1 126 ? 11.633  3.926   -1.324  1.00 47.58 ? 375 LEU A C   1 
ATOM   1006 O O   . LEU A 1 126 ? 11.920  3.018   -0.531  1.00 49.54 ? 375 LEU A O   1 
ATOM   1007 C CB  . LEU A 1 126 ? 10.088  3.488   -3.261  1.00 43.65 ? 375 LEU A CB  1 
ATOM   1008 C CG  . LEU A 1 126 ? 8.652   3.288   -3.762  1.00 43.30 ? 375 LEU A CG  1 
ATOM   1009 C CD1 . LEU A 1 126 ? 8.607   3.059   -5.266  1.00 44.20 ? 375 LEU A CD1 1 
ATOM   1010 C CD2 . LEU A 1 126 ? 7.988   2.135   -3.015  1.00 45.28 ? 375 LEU A CD2 1 
ATOM   1011 N N   . ILE A 1 127 ? 12.534  4.806   -1.757  1.00 48.65 ? 376 ILE A N   1 
ATOM   1012 C CA  . ILE A 1 127 ? 13.932  4.727   -1.332  1.00 48.51 ? 376 ILE A CA  1 
ATOM   1013 C C   . ILE A 1 127 ? 14.083  5.014   0.167   1.00 48.45 ? 376 ILE A C   1 
ATOM   1014 O O   . ILE A 1 127 ? 14.835  4.328   0.859   1.00 50.89 ? 376 ILE A O   1 
ATOM   1015 C CB  . ILE A 1 127 ? 14.818  5.693   -2.152  1.00 49.95 ? 376 ILE A CB  1 
ATOM   1016 C CG1 . ILE A 1 127 ? 14.918  5.198   -3.591  1.00 49.98 ? 376 ILE A CG1 1 
ATOM   1017 C CG2 . ILE A 1 127 ? 16.206  5.804   -1.547  1.00 52.05 ? 376 ILE A CG2 1 
ATOM   1018 C CD1 . ILE A 1 127 ? 15.754  6.067   -4.489  1.00 51.49 ? 376 ILE A CD1 1 
ATOM   1019 N N   . LYS A 1 128 ? 13.367  6.023   0.667   1.00 46.81 ? 377 LYS A N   1 
ATOM   1020 C CA  . LYS A 1 128 ? 13.405  6.332   2.098   1.00 48.56 ? 377 LYS A CA  1 
ATOM   1021 C C   . LYS A 1 128 ? 12.836  5.167   2.923   1.00 49.67 ? 377 LYS A C   1 
ATOM   1022 O O   . LYS A 1 128 ? 13.463  4.719   3.888   1.00 50.04 ? 377 LYS A O   1 
ATOM   1023 C CB  . LYS A 1 128 ? 12.640  7.632   2.400   1.00 47.77 ? 377 LYS A CB  1 
ATOM   1024 C CG  . LYS A 1 128 ? 12.705  8.032   3.863   1.00 49.99 ? 377 LYS A CG  1 
ATOM   1025 C CD  . LYS A 1 128 ? 12.117  9.414   4.118   1.00 59.07 ? 377 LYS A CD  1 
ATOM   1026 C CE  . LYS A 1 128 ? 12.180  9.762   5.601   1.00 66.00 ? 377 LYS A CE  1 
ATOM   1027 N NZ  . LYS A 1 128 ? 11.228  8.941   6.407   1.00 66.62 ? 377 LYS A NZ  1 
ATOM   1028 N N   . TRP A 1 129 ? 11.661  4.683   2.521   1.00 47.23 ? 378 TRP A N   1 
ATOM   1029 C CA  . TRP A 1 129 ? 11.000  3.524   3.130   1.00 45.85 ? 378 TRP A CA  1 
ATOM   1030 C C   . TRP A 1 129 ? 11.918  2.314   3.200   1.00 45.59 ? 378 TRP A C   1 
ATOM   1031 O O   . TRP A 1 129 ? 12.031  1.653   4.233   1.00 46.84 ? 378 TRP A O   1 
ATOM   1032 C CB  . TRP A 1 129 ? 9.745   3.166   2.323   1.00 42.22 ? 378 TRP A CB  1 
ATOM   1033 C CG  . TRP A 1 129 ? 8.937   2.017   2.843   1.00 39.28 ? 378 TRP A CG  1 
ATOM   1034 C CD1 . TRP A 1 129 ? 8.051   2.037   3.880   1.00 44.20 ? 378 TRP A CD1 1 
ATOM   1035 C CD2 . TRP A 1 129 ? 8.916   0.678   2.328   1.00 42.42 ? 378 TRP A CD2 1 
ATOM   1036 N NE1 . TRP A 1 129 ? 7.480   0.799   4.046   1.00 42.18 ? 378 TRP A NE1 1 
ATOM   1037 C CE2 . TRP A 1 129 ? 7.998   -0.055  3.107   1.00 41.21 ? 378 TRP A CE2 1 
ATOM   1038 C CE3 . TRP A 1 129 ? 9.579   0.034   1.282   1.00 39.81 ? 378 TRP A CE3 1 
ATOM   1039 C CZ2 . TRP A 1 129 ? 7.733   -1.404  2.877   1.00 37.35 ? 378 TRP A CZ2 1 
ATOM   1040 C CZ3 . TRP A 1 129 ? 9.312   -1.304  1.052   1.00 40.91 ? 378 TRP A CZ3 1 
ATOM   1041 C CH2 . TRP A 1 129 ? 8.395   -2.008  1.844   1.00 38.89 ? 378 TRP A CH2 1 
ATOM   1042 N N   . GLY A 1 130 ? 12.569  2.030   2.084   1.00 42.78 ? 379 GLY A N   1 
ATOM   1043 C CA  . GLY A 1 130 ? 13.391  0.837   1.970   1.00 45.09 ? 379 GLY A CA  1 
ATOM   1044 C C   . GLY A 1 130 ? 14.707  0.902   2.723   1.00 48.42 ? 379 GLY A C   1 
ATOM   1045 O O   . GLY A 1 130 ? 15.431  -0.101  2.815   1.00 46.77 ? 379 GLY A O   1 
ATOM   1046 N N   . SER A 1 131 ? 15.005  2.069   3.283   1.00 48.25 ? 380 SER A N   1 
ATOM   1047 C CA  . SER A 1 131 ? 16.287  2.313   3.933   1.00 51.34 ? 380 SER A CA  1 
ATOM   1048 C C   . SER A 1 131 ? 16.163  2.380   5.447   1.00 50.20 ? 380 SER A C   1 
ATOM   1049 O O   . SER A 1 131 ? 17.146  2.593   6.150   1.00 51.97 ? 380 SER A O   1 
ATOM   1050 C CB  . SER A 1 131 ? 16.896  3.615   3.411   1.00 52.82 ? 380 SER A CB  1 
ATOM   1051 O OG  . SER A 1 131 ? 17.033  3.574   2.002   1.00 55.83 ? 380 SER A OG  1 
ATOM   1052 N N   . LYS A 1 132 ? 14.946  2.217   5.948   1.00 50.11 ? 381 LYS A N   1 
ATOM   1053 C CA  . LYS A 1 132 ? 14.696  2.287   7.377   1.00 47.52 ? 381 LYS A CA  1 
ATOM   1054 C C   . LYS A 1 132 ? 13.901  1.075   7.807   1.00 48.72 ? 381 LYS A C   1 
ATOM   1055 O O   . LYS A 1 132 ? 13.419  0.314   6.978   1.00 46.42 ? 381 LYS A O   1 
ATOM   1056 C CB  . LYS A 1 132 ? 13.918  3.560   7.737   1.00 50.03 ? 381 LYS A CB  1 
ATOM   1057 C CG  . LYS A 1 132 ? 14.329  4.808   6.981   1.00 56.48 ? 381 LYS A CG  1 
ATOM   1058 C CD  . LYS A 1 132 ? 13.205  5.837   7.005   1.00 52.75 ? 381 LYS A CD  1 
ATOM   1059 C CE  . LYS A 1 132 ? 12.668  6.009   8.415   1.00 59.53 ? 381 LYS A CE  1 
ATOM   1060 N NZ  . LYS A 1 132 ? 11.466  6.893   8.487   1.00 63.60 ? 381 LYS A NZ  1 
ATOM   1061 N N   . VAL A 1 133 ? 13.752  0.898   9.110   1.00 49.84 ? 382 VAL A N   1 
ATOM   1062 C CA  . VAL A 1 133 ? 12.801  -0.068  9.624   1.00 50.08 ? 382 VAL A CA  1 
ATOM   1063 C C   . VAL A 1 133 ? 11.915  0.633   10.640  1.00 49.90 ? 382 VAL A C   1 
ATOM   1064 O O   . VAL A 1 133 ? 12.332  1.602   11.279  1.00 50.12 ? 382 VAL A O   1 
ATOM   1065 C CB  . VAL A 1 133 ? 13.495  -1.275  10.253  1.00 51.16 ? 382 VAL A CB  1 
ATOM   1066 C CG1 . VAL A 1 133 ? 14.194  -2.084  9.174   1.00 51.02 ? 382 VAL A CG1 1 
ATOM   1067 C CG2 . VAL A 1 133 ? 14.485  -0.825  11.314  1.00 57.43 ? 382 VAL A CG2 1 
ATOM   1068 N N   . SER A 1 134 ? 10.689  0.146   10.775  1.00 44.80 ? 383 SER A N   1 
ATOM   1069 C CA  . SER A 1 134 ? 9.718   0.809   11.618  1.00 44.69 ? 383 SER A CA  1 
ATOM   1070 C C   . SER A 1 134 ? 8.865   -0.158  12.408  1.00 45.60 ? 383 SER A C   1 
ATOM   1071 O O   . SER A 1 134 ? 8.650   -1.305  12.002  1.00 44.17 ? 383 SER A O   1 
ATOM   1072 C CB  . SER A 1 134 ? 8.821   1.701   10.765  1.00 45.79 ? 383 SER A CB  1 
ATOM   1073 O OG  . SER A 1 134 ? 7.862   2.332   11.587  1.00 46.32 ? 383 SER A OG  1 
ATOM   1074 N N   . LYS A 1 135 ? 8.382   0.309   13.552  1.00 43.87 ? 384 LYS A N   1 
ATOM   1075 C CA  . LYS A 1 135 ? 7.419   -0.461  14.309  1.00 46.95 ? 384 LYS A CA  1 
ATOM   1076 C C   . LYS A 1 135 ? 6.060   0.219   14.246  1.00 43.24 ? 384 LYS A C   1 
ATOM   1077 O O   . LYS A 1 135 ? 5.184   -0.055  15.064  1.00 43.38 ? 384 LYS A O   1 
ATOM   1078 C CB  . LYS A 1 135 ? 7.885   -0.642  15.753  1.00 51.15 ? 384 LYS A CB  1 
ATOM   1079 C CG  . LYS A 1 135 ? 8.280   0.642   16.439  1.00 45.70 ? 384 LYS A CG  1 
ATOM   1080 C CD  . LYS A 1 135 ? 8.752   0.376   17.852  1.00 56.23 ? 384 LYS A CD  1 
ATOM   1081 C CE  . LYS A 1 135 ? 8.627   1.620   18.715  1.00 56.81 ? 384 LYS A CE  1 
ATOM   1082 N NZ  . LYS A 1 135 ? 8.821   1.323   20.159  1.00 59.28 ? 384 LYS A NZ  1 
ATOM   1083 N N   . LYS A 1 136 ? 5.891   1.110   13.273  1.00 44.85 ? 385 LYS A N   1 
ATOM   1084 C CA  . LYS A 1 136 ? 4.638   1.839   13.109  1.00 45.34 ? 385 LYS A CA  1 
ATOM   1085 C C   . LYS A 1 136 ? 3.543   0.932   12.547  1.00 44.26 ? 385 LYS A C   1 
ATOM   1086 O O   . LYS A 1 136 ? 2.364   1.126   12.836  1.00 39.74 ? 385 LYS A O   1 
ATOM   1087 C CB  . LYS A 1 136 ? 4.843   3.061   12.208  1.00 44.03 ? 385 LYS A CB  1 
ATOM   1088 C CG  . LYS A 1 136 ? 3.545   3.847   11.930  1.00 44.46 ? 385 LYS A CG  1 
ATOM   1089 C CD  . LYS A 1 136 ? 3.809   5.230   11.367  1.00 46.57 ? 385 LYS A CD  1 
ATOM   1090 C CE  . LYS A 1 136 ? 2.497   6.011   11.292  1.00 49.84 ? 385 LYS A CE  1 
ATOM   1091 N NZ  . LYS A 1 136 ? 2.625   7.300   10.553  1.00 49.57 ? 385 LYS A NZ  1 
ATOM   1092 N N   . TYR A 1 137 ? 3.924   -0.087  11.775  1.00 36.90 ? 386 TYR A N   1 
ATOM   1093 C CA  . TYR A 1 137 ? 2.905   -0.894  11.095  1.00 36.63 ? 386 TYR A CA  1 
ATOM   1094 C C   . TYR A 1 137 ? 2.970   -2.371  11.453  1.00 35.79 ? 386 TYR A C   1 
ATOM   1095 O O   . TYR A 1 137 ? 1.943   -3.058  11.486  1.00 32.13 ? 386 TYR A O   1 
ATOM   1096 C CB  . TYR A 1 137 ? 3.022   -0.728  9.581   1.00 37.10 ? 386 TYR A CB  1 
ATOM   1097 C CG  . TYR A 1 137 ? 2.808   0.705   9.134   1.00 40.27 ? 386 TYR A CG  1 
ATOM   1098 C CD1 . TYR A 1 137 ? 1.531   1.246   9.079   1.00 43.35 ? 386 TYR A CD1 1 
ATOM   1099 C CD2 . TYR A 1 137 ? 3.879   1.504   8.759   1.00 42.25 ? 386 TYR A CD2 1 
ATOM   1100 C CE1 . TYR A 1 137 ? 1.325   2.545   8.682   1.00 40.37 ? 386 TYR A CE1 1 
ATOM   1101 C CE2 . TYR A 1 137 ? 3.683   2.811   8.352   1.00 45.11 ? 386 TYR A CE2 1 
ATOM   1102 C CZ  . TYR A 1 137 ? 2.402   3.322   8.317   1.00 42.93 ? 386 TYR A CZ  1 
ATOM   1103 O OH  . TYR A 1 137 ? 2.179   4.623   7.916   1.00 45.37 ? 386 TYR A OH  1 
ATOM   1104 N N   . VAL A 1 138 ? 4.189   -2.830  11.695  1.00 41.76 ? 387 VAL A N   1 
ATOM   1105 C CA  . VAL A 1 138 ? 4.496   -4.229  12.005  1.00 41.16 ? 387 VAL A CA  1 
ATOM   1106 C C   . VAL A 1 138 ? 5.648   -4.252  13.008  1.00 42.90 ? 387 VAL A C   1 
ATOM   1107 O O   . VAL A 1 138 ? 6.344   -3.255  13.153  1.00 42.07 ? 387 VAL A O   1 
ATOM   1108 C CB  . VAL A 1 138 ? 4.915   -5.038  10.741  1.00 35.26 ? 387 VAL A CB  1 
ATOM   1109 C CG1 . VAL A 1 138 ? 3.755   -5.229  9.768   1.00 38.08 ? 387 VAL A CG1 1 
ATOM   1110 C CG2 . VAL A 1 138 ? 6.088   -4.366  10.053  1.00 40.46 ? 387 VAL A CG2 1 
ATOM   1111 N N   . PRO A 1 139 ? 5.869   -5.392  13.694  1.00 41.30 ? 388 PRO A N   1 
ATOM   1112 C CA  . PRO A 1 139 ? 7.097   -5.523  14.495  1.00 43.94 ? 388 PRO A CA  1 
ATOM   1113 C C   . PRO A 1 139 ? 8.350   -5.194  13.690  1.00 40.65 ? 388 PRO A C   1 
ATOM   1114 O O   . PRO A 1 139 ? 8.379   -5.462  12.489  1.00 41.74 ? 388 PRO A O   1 
ATOM   1115 C CB  . PRO A 1 139 ? 7.089   -6.996  14.903  1.00 39.96 ? 388 PRO A CB  1 
ATOM   1116 C CG  . PRO A 1 139 ? 5.644   -7.339  14.981  1.00 40.04 ? 388 PRO A CG  1 
ATOM   1117 C CD  . PRO A 1 139 ? 4.927   -6.498  13.939  1.00 38.06 ? 388 PRO A CD  1 
ATOM   1118 N N   . LYS A 1 140 ? 9.364   -4.620  14.330  1.00 41.27 ? 389 LYS A N   1 
ATOM   1119 C CA  . LYS A 1 140 ? 10.540  -4.160  13.594  1.00 45.96 ? 389 LYS A CA  1 
ATOM   1120 C C   . LYS A 1 140 ? 11.276  -5.277  12.837  1.00 39.82 ? 389 LYS A C   1 
ATOM   1121 O O   . LYS A 1 140 ? 11.834  -5.028  11.767  1.00 42.17 ? 389 LYS A O   1 
ATOM   1122 C CB  . LYS A 1 140 ? 11.518  -3.463  14.534  1.00 47.36 ? 389 LYS A CB  1 
ATOM   1123 C CG  . LYS A 1 140 ? 10.872  -2.834  15.748  1.00 51.05 ? 389 LYS A CG  1 
ATOM   1124 C CD  . LYS A 1 140 ? 11.922  -2.660  16.817  1.00 57.11 ? 389 LYS A CD  1 
ATOM   1125 C CE  . LYS A 1 140 ? 11.363  -2.988  18.184  1.00 64.83 ? 389 LYS A CE  1 
ATOM   1126 N NZ  . LYS A 1 140 ? 12.476  -3.268  19.134  1.00 70.48 ? 389 LYS A NZ  1 
ATOM   1127 N N   . ASP A 1 141 ? 11.267  -6.496  13.370  1.00 45.56 ? 390 ASP A N   1 
ATOM   1128 C CA  . ASP A 1 141 ? 11.935  -7.602  12.682  1.00 40.19 ? 390 ASP A CA  1 
ATOM   1129 C C   . ASP A 1 141 ? 11.136  -8.020  11.448  1.00 42.18 ? 390 ASP A C   1 
ATOM   1130 O O   . ASP A 1 141 ? 11.711  -8.444  10.442  1.00 41.29 ? 390 ASP A O   1 
ATOM   1131 C CB  . ASP A 1 141 ? 12.150  -8.807  13.617  1.00 42.52 ? 390 ASP A CB  1 
ATOM   1132 C CG  . ASP A 1 141 ? 10.856  -9.450  14.046  1.00 42.73 ? 390 ASP A CG  1 
ATOM   1133 O OD1 . ASP A 1 141 ? 10.682  -10.656 13.800  1.00 45.91 ? 390 ASP A OD1 1 
ATOM   1134 O OD2 . ASP A 1 141 ? 10.004  -8.744  14.633  1.00 46.35 ? 390 ASP A OD2 1 
ATOM   1135 N N   . VAL A 1 142 ? 9.813   -7.883  11.522  1.00 40.38 ? 391 VAL A N   1 
ATOM   1136 C CA  . VAL A 1 142 ? 8.959   -8.113  10.363  1.00 39.05 ? 391 VAL A CA  1 
ATOM   1137 C C   . VAL A 1 142 ? 9.197   -7.010  9.343   1.00 39.92 ? 391 VAL A C   1 
ATOM   1138 O O   . VAL A 1 142 ? 9.314   -7.272  8.147   1.00 36.68 ? 391 VAL A O   1 
ATOM   1139 C CB  . VAL A 1 142 ? 7.461   -8.168  10.748  1.00 33.85 ? 391 VAL A CB  1 
ATOM   1140 C CG1 . VAL A 1 142 ? 6.598   -8.348  9.510   1.00 33.04 ? 391 VAL A CG1 1 
ATOM   1141 C CG2 . VAL A 1 142 ? 7.197   -9.315  11.740  1.00 44.32 ? 391 VAL A CG2 1 
ATOM   1142 N N   . SER A 1 143 ? 9.268   -5.769  9.827   1.00 39.61 ? 392 SER A N   1 
ATOM   1143 C CA  . SER A 1 143 ? 9.572   -4.619  8.973   1.00 41.84 ? 392 SER A CA  1 
ATOM   1144 C C   . SER A 1 143 ? 10.899  -4.805  8.250   1.00 41.29 ? 392 SER A C   1 
ATOM   1145 O O   . SER A 1 143 ? 11.012  -4.593  7.035   1.00 39.88 ? 392 SER A O   1 
ATOM   1146 C CB  . SER A 1 143 ? 9.605   -3.327  9.794   1.00 42.61 ? 392 SER A CB  1 
ATOM   1147 O OG  . SER A 1 143 ? 9.953   -2.233  8.963   1.00 45.37 ? 392 SER A OG  1 
ATOM   1148 N N   . LYS A 1 144 ? 11.909  -5.217  9.006   1.00 43.42 ? 393 LYS A N   1 
ATOM   1149 C CA  . LYS A 1 144 ? 13.214  -5.492  8.432   1.00 41.34 ? 393 LYS A CA  1 
ATOM   1150 C C   . LYS A 1 144 ? 13.116  -6.540  7.325   1.00 44.10 ? 393 LYS A C   1 
ATOM   1151 O O   . LYS A 1 144 ? 13.696  -6.382  6.256   1.00 42.37 ? 393 LYS A O   1 
ATOM   1152 C CB  . LYS A 1 144 ? 14.180  -5.966  9.520   1.00 43.54 ? 393 LYS A CB  1 
ATOM   1153 C CG  . LYS A 1 144 ? 15.579  -6.269  9.008   1.00 43.80 ? 393 LYS A CG  1 
ATOM   1154 C CD  . LYS A 1 144 ? 16.270  -4.991  8.535   1.00 46.90 ? 393 LYS A CD  1 
ATOM   1155 C CE  . LYS A 1 144 ? 17.649  -5.273  7.963   1.00 51.90 ? 393 LYS A CE  1 
ATOM   1156 N NZ  . LYS A 1 144 ? 18.411  -4.021  7.707   1.00 49.80 ? 393 LYS A NZ  1 
ATOM   1157 N N   . LYS A 1 145 ? 12.364  -7.605  7.571   1.00 42.33 ? 394 LYS A N   1 
ATOM   1158 C CA  . LYS A 1 145 ? 12.278  -8.681  6.585   1.00 41.73 ? 394 LYS A CA  1 
ATOM   1159 C C   . LYS A 1 145 ? 11.576  -8.213  5.311   1.00 43.00 ? 394 LYS A C   1 
ATOM   1160 O O   . LYS A 1 145 ? 11.983  -8.554  4.203   1.00 42.98 ? 394 LYS A O   1 
ATOM   1161 C CB  . LYS A 1 145 ? 11.547  -9.888  7.163   1.00 43.22 ? 394 LYS A CB  1 
ATOM   1162 C CG  . LYS A 1 145 ? 11.363  -11.009 6.163   1.00 40.09 ? 394 LYS A CG  1 
ATOM   1163 C CD  . LYS A 1 145 ? 10.716  -12.207 6.836   1.00 44.98 ? 394 LYS A CD  1 
ATOM   1164 C CE  . LYS A 1 145 ? 10.845  -13.463 5.999   1.00 50.54 ? 394 LYS A CE  1 
ATOM   1165 N NZ  . LYS A 1 145 ? 10.604  -14.671 6.846   1.00 48.15 ? 394 LYS A NZ  1 
ATOM   1166 N N   . VAL A 1 146 ? 10.516  -7.431  5.472   1.00 38.93 ? 395 VAL A N   1 
ATOM   1167 C CA  . VAL A 1 146 ? 9.754   -6.964  4.324   1.00 38.19 ? 395 VAL A CA  1 
ATOM   1168 C C   . VAL A 1 146 ? 10.571  -5.986  3.487   1.00 40.20 ? 395 VAL A C   1 
ATOM   1169 O O   . VAL A 1 146 ? 10.665  -6.120  2.268   1.00 39.88 ? 395 VAL A O   1 
ATOM   1170 C CB  . VAL A 1 146 ? 8.437   -6.284  4.778   1.00 38.14 ? 395 VAL A CB  1 
ATOM   1171 C CG1 . VAL A 1 146 ? 7.771   -5.571  3.620   1.00 37.78 ? 395 VAL A CG1 1 
ATOM   1172 C CG2 . VAL A 1 146 ? 7.501   -7.319  5.388   1.00 38.53 ? 395 VAL A CG2 1 
ATOM   1173 N N   . ARG A 1 147 ? 11.146  -4.984  4.154   1.00 41.15 ? 396 ARG A N   1 
ATOM   1174 C CA  . ARG A 1 147 ? 11.883  -3.949  3.458   1.00 39.55 ? 396 ARG A CA  1 
ATOM   1175 C C   . ARG A 1 147 ? 13.193  -4.477  2.889   1.00 40.12 ? 396 ARG A C   1 
ATOM   1176 O O   . ARG A 1 147 ? 13.641  -4.010  1.842   1.00 40.78 ? 396 ARG A O   1 
ATOM   1177 C CB  . ARG A 1 147 ? 12.105  -2.754  4.391   1.00 44.19 ? 396 ARG A CB  1 
ATOM   1178 C CG  . ARG A 1 147 ? 10.773  -2.211  4.923   1.00 41.66 ? 396 ARG A CG  1 
ATOM   1179 C CD  . ARG A 1 147 ? 10.905  -0.904  5.691   1.00 42.19 ? 396 ARG A CD  1 
ATOM   1180 N NE  . ARG A 1 147 ? 9.643   -0.477  6.290   1.00 43.53 ? 396 ARG A NE  1 
ATOM   1181 C CZ  . ARG A 1 147 ? 9.412   0.759   6.725   1.00 43.96 ? 396 ARG A CZ  1 
ATOM   1182 N NH1 . ARG A 1 147 ? 10.353  1.681   6.605   1.00 45.75 ? 396 ARG A NH1 1 
ATOM   1183 N NH2 . ARG A 1 147 ? 8.243   1.075   7.270   1.00 43.52 ? 396 ARG A NH2 1 
ATOM   1184 N N   . LYS A 1 148 ? 13.788  -5.472  3.555   1.00 44.32 ? 397 LYS A N   1 
ATOM   1185 C CA  . LYS A 1 148 ? 14.982  -6.132  3.030   1.00 42.44 ? 397 LYS A CA  1 
ATOM   1186 C C   . LYS A 1 148 ? 14.695  -6.769  1.677   1.00 44.44 ? 397 LYS A C   1 
ATOM   1187 O O   . LYS A 1 148 ? 15.525  -6.710  0.764   1.00 43.45 ? 397 LYS A O   1 
ATOM   1188 C CB  . LYS A 1 148 ? 15.507  -7.206  3.998   1.00 45.73 ? 397 LYS A CB  1 
ATOM   1189 C CG  . LYS A 1 148 ? 16.662  -8.034  3.441   1.00 47.82 ? 397 LYS A CG  1 
ATOM   1190 C CD  . LYS A 1 148 ? 17.099  -9.133  4.409   1.00 49.91 ? 397 LYS A CD  1 
ATOM   1191 C CE  . LYS A 1 148 ? 18.087  -8.598  5.439   1.00 57.49 ? 397 LYS A CE  1 
ATOM   1192 N NZ  . LYS A 1 148 ? 18.438  -9.614  6.477   1.00 61.67 ? 397 LYS A NZ  1 
ATOM   1193 N N   . ALA A 1 149 ? 13.525  -7.392  1.558   1.00 43.28 ? 398 ALA A N   1 
ATOM   1194 C CA  . ALA A 1 149 ? 13.150  -8.074  0.323   1.00 41.49 ? 398 ALA A CA  1 
ATOM   1195 C C   . ALA A 1 149 ? 12.950  -7.067  -0.801  1.00 40.19 ? 398 ALA A C   1 
ATOM   1196 O O   . ALA A 1 149 ? 13.056  -7.412  -1.969  1.00 40.84 ? 398 ALA A O   1 
ATOM   1197 C CB  . ALA A 1 149 ? 11.890  -8.893  0.523   1.00 39.82 ? 398 ALA A CB  1 
ATOM   1198 N N   . ALA A 1 150 ? 12.656  -5.823  -0.433  1.00 42.15 ? 399 ALA A N   1 
ATOM   1199 C CA  . ALA A 1 150 ? 12.481  -4.746  -1.412  1.00 38.78 ? 399 ALA A CA  1 
ATOM   1200 C C   . ALA A 1 150 ? 13.802  -4.142  -1.921  1.00 42.94 ? 399 ALA A C   1 
ATOM   1201 O O   . ALA A 1 150 ? 13.807  -3.362  -2.876  1.00 40.03 ? 399 ALA A O   1 
ATOM   1202 C CB  . ALA A 1 150 ? 11.609  -3.649  -0.813  1.00 43.31 ? 399 ALA A CB  1 
ATOM   1203 N N   . LYS A 1 151 ? 14.916  -4.518  -1.293  1.00 42.03 ? 400 LYS A N   1 
ATOM   1204 C CA  . LYS A 1 151 ? 16.212  -3.893  -1.574  1.00 45.89 ? 400 LYS A CA  1 
ATOM   1205 C C   . LYS A 1 151 ? 16.645  -3.949  -3.049  1.00 45.04 ? 400 LYS A C   1 
ATOM   1206 O O   . LYS A 1 151 ? 17.192  -2.966  -3.540  1.00 48.20 ? 400 LYS A O   1 
ATOM   1207 C CB  . LYS A 1 151 ? 17.306  -4.516  -0.689  1.00 46.25 ? 400 LYS A CB  1 
ATOM   1208 C CG  . LYS A 1 151 ? 18.660  -3.796  -0.739  1.00 52.05 ? 400 LYS A CG  1 
ATOM   1209 C CD  . LYS A 1 151 ? 18.493  -2.284  -0.485  1.00 50.67 ? 400 LYS A CD  1 
ATOM   1210 C CE  . LYS A 1 151 ? 19.840  -1.568  -0.319  1.00 56.61 ? 400 LYS A CE  1 
ATOM   1211 N NZ  . LYS A 1 151 ? 19.651  -0.087  -0.134  1.00 56.64 ? 400 LYS A NZ  1 
ATOM   1212 N N   . PRO A 1 152 ? 16.413  -5.081  -3.759  1.00 44.36 ? 401 PRO A N   1 
ATOM   1213 C CA  . PRO A 1 152 ? 16.744  -5.065  -5.193  1.00 44.77 ? 401 PRO A CA  1 
ATOM   1214 C C   . PRO A 1 152 ? 16.057  -3.955  -5.986  1.00 46.27 ? 401 PRO A C   1 
ATOM   1215 O O   . PRO A 1 152 ? 16.687  -3.329  -6.838  1.00 50.59 ? 401 PRO A O   1 
ATOM   1216 C CB  . PRO A 1 152 ? 16.264  -6.435  -5.677  1.00 47.77 ? 401 PRO A CB  1 
ATOM   1217 C CG  . PRO A 1 152 ? 16.404  -7.305  -4.497  1.00 45.79 ? 401 PRO A CG  1 
ATOM   1218 C CD  . PRO A 1 152 ? 16.074  -6.448  -3.305  1.00 42.68 ? 401 PRO A CD  1 
ATOM   1219 N N   . PHE A 1 153 ? 14.782  -3.707  -5.712  1.00 44.51 ? 402 PHE A N   1 
ATOM   1220 C CA  . PHE A 1 153 ? 14.069  -2.640  -6.412  1.00 46.21 ? 402 PHE A CA  1 
ATOM   1221 C C   . PHE A 1 153 ? 14.537  -1.268  -5.927  1.00 47.84 ? 402 PHE A C   1 
ATOM   1222 O O   . PHE A 1 153 ? 14.705  -0.345  -6.733  1.00 46.11 ? 402 PHE A O   1 
ATOM   1223 C CB  . PHE A 1 153 ? 12.555  -2.799  -6.233  1.00 45.78 ? 402 PHE A CB  1 
ATOM   1224 C CG  . PHE A 1 153 ? 11.742  -1.708  -6.889  1.00 45.98 ? 402 PHE A CG  1 
ATOM   1225 C CD1 . PHE A 1 153 ? 11.979  -1.337  -8.207  1.00 47.34 ? 402 PHE A CD1 1 
ATOM   1226 C CD2 . PHE A 1 153 ? 10.720  -1.075  -6.197  1.00 46.15 ? 402 PHE A CD2 1 
ATOM   1227 C CE1 . PHE A 1 153 ? 11.222  -0.324  -8.811  1.00 49.41 ? 402 PHE A CE1 1 
ATOM   1228 C CE2 . PHE A 1 153 ? 9.963   -0.077  -6.795  1.00 49.01 ? 402 PHE A CE2 1 
ATOM   1229 C CZ  . PHE A 1 153 ? 10.215  0.296   -8.105  1.00 49.83 ? 402 PHE A CZ  1 
ATOM   1230 N N   . VAL A 1 154 ? 14.762  -1.139  -4.619  1.00 46.07 ? 403 VAL A N   1 
ATOM   1231 C CA  . VAL A 1 154 ? 15.256  0.112   -4.040  1.00 46.77 ? 403 VAL A CA  1 
ATOM   1232 C C   . VAL A 1 154 ? 16.583  0.507   -4.686  1.00 51.16 ? 403 VAL A C   1 
ATOM   1233 O O   . VAL A 1 154 ? 16.788  1.664   -5.063  1.00 49.77 ? 403 VAL A O   1 
ATOM   1234 C CB  . VAL A 1 154 ? 15.440  0.004   -2.512  1.00 45.92 ? 403 VAL A CB  1 
ATOM   1235 C CG1 . VAL A 1 154 ? 16.170  1.233   -1.970  1.00 51.08 ? 403 VAL A CG1 1 
ATOM   1236 C CG2 . VAL A 1 154 ? 14.098  -0.157  -1.821  1.00 47.83 ? 403 VAL A CG2 1 
ATOM   1237 N N   . LYS A 1 155 ? 17.474  -0.471  -4.827  1.00 49.19 ? 404 LYS A N   1 
ATOM   1238 C CA  . LYS A 1 155 ? 18.772  -0.246  -5.453  1.00 53.16 ? 404 LYS A CA  1 
ATOM   1239 C C   . LYS A 1 155 ? 18.614  0.160   -6.907  1.00 52.03 ? 404 LYS A C   1 
ATOM   1240 O O   . LYS A 1 155 ? 19.340  1.021   -7.402  1.00 55.35 ? 404 LYS A O   1 
ATOM   1241 C CB  . LYS A 1 155 ? 19.648  -1.498  -5.355  1.00 54.24 ? 404 LYS A CB  1 
ATOM   1242 C CG  . LYS A 1 155 ? 20.589  -1.508  -4.167  1.00 58.00 ? 404 LYS A CG  1 
ATOM   1243 C CD  . LYS A 1 155 ? 21.809  -2.383  -4.440  1.00 63.19 ? 404 LYS A CD  1 
ATOM   1244 C CE  . LYS A 1 155 ? 22.462  -2.009  -5.763  1.00 64.04 ? 404 LYS A CE  1 
ATOM   1245 N NZ  . LYS A 1 155 ? 22.953  -0.595  -5.784  1.00 66.36 ? 404 LYS A NZ  1 
ATOM   1246 N N   . TRP A 1 156 ? 17.658  -0.469  -7.582  1.00 48.84 ? 405 TRP A N   1 
ATOM   1247 C CA  . TRP A 1 156 ? 17.382  -0.184  -8.981  1.00 51.92 ? 405 TRP A CA  1 
ATOM   1248 C C   . TRP A 1 156 ? 17.032  1.287   -9.150  1.00 52.40 ? 405 TRP A C   1 
ATOM   1249 O O   . TRP A 1 156 ? 17.572  1.975   -10.013 1.00 50.12 ? 405 TRP A O   1 
ATOM   1250 C CB  . TRP A 1 156 ? 16.238  -1.066  -9.480  1.00 53.34 ? 405 TRP A CB  1 
ATOM   1251 C CG  . TRP A 1 156 ? 15.985  -0.985  -10.953 1.00 54.26 ? 405 TRP A CG  1 
ATOM   1252 C CD1 . TRP A 1 156 ? 16.674  -1.631  -11.934 1.00 55.31 ? 405 TRP A CD1 1 
ATOM   1253 C CD2 . TRP A 1 156 ? 14.956  -0.231  -11.613 1.00 57.06 ? 405 TRP A CD2 1 
ATOM   1254 N NE1 . TRP A 1 156 ? 16.146  -1.324  -13.165 1.00 56.24 ? 405 TRP A NE1 1 
ATOM   1255 C CE2 . TRP A 1 156 ? 15.090  -0.466  -12.996 1.00 57.06 ? 405 TRP A CE2 1 
ATOM   1256 C CE3 . TRP A 1 156 ? 13.937  0.620   -11.169 1.00 54.59 ? 405 TRP A CE3 1 
ATOM   1257 C CZ2 . TRP A 1 156 ? 14.247  0.121   -13.941 1.00 57.80 ? 405 TRP A CZ2 1 
ATOM   1258 C CZ3 . TRP A 1 156 ? 13.096  1.206   -12.113 1.00 56.47 ? 405 TRP A CZ3 1 
ATOM   1259 C CH2 . TRP A 1 156 ? 13.258  0.951   -13.480 1.00 58.57 ? 405 TRP A CH2 1 
ATOM   1260 N N   . LEU A 1 157 ? 16.133  1.760   -8.295  1.00 52.61 ? 406 LEU A N   1 
ATOM   1261 C CA  . LEU A 1 157 ? 15.706  3.152   -8.317  1.00 51.81 ? 406 LEU A CA  1 
ATOM   1262 C C   . LEU A 1 157 ? 16.866  4.096   -8.002  1.00 54.62 ? 406 LEU A C   1 
ATOM   1263 O O   . LEU A 1 157 ? 17.019  5.140   -8.635  1.00 58.30 ? 406 LEU A O   1 
ATOM   1264 C CB  . LEU A 1 157 ? 14.567  3.378   -7.321  1.00 53.26 ? 406 LEU A CB  1 
ATOM   1265 C CG  . LEU A 1 157 ? 13.177  2.818   -7.634  1.00 53.80 ? 406 LEU A CG  1 
ATOM   1266 C CD1 . LEU A 1 157 ? 12.305  2.965   -6.406  1.00 50.28 ? 406 LEU A CD1 1 
ATOM   1267 C CD2 . LEU A 1 157 ? 12.548  3.526   -8.828  1.00 50.81 ? 406 LEU A CD2 1 
ATOM   1268 N N   . GLN A 1 158 ? 17.673  3.724   -7.014  1.00 54.59 ? 407 GLN A N   1 
ATOM   1269 C CA  . GLN A 1 158 ? 18.832  4.519   -6.630  1.00 56.17 ? 407 GLN A CA  1 
ATOM   1270 C C   . GLN A 1 158 ? 19.810  4.671   -7.786  1.00 58.54 ? 407 GLN A C   1 
ATOM   1271 O O   . GLN A 1 158 ? 20.338  5.755   -8.029  1.00 59.66 ? 407 GLN A O   1 
ATOM   1272 C CB  . GLN A 1 158 ? 19.543  3.890   -5.429  1.00 56.39 ? 407 GLN A CB  1 
ATOM   1273 C CG  . GLN A 1 158 ? 18.800  4.067   -4.113  1.00 53.52 ? 407 GLN A CG  1 
ATOM   1274 C CD  . GLN A 1 158 ? 19.549  3.480   -2.934  1.00 57.12 ? 407 GLN A CD  1 
ATOM   1275 O OE1 . GLN A 1 158 ? 20.000  2.331   -2.975  1.00 59.20 ? 407 GLN A OE1 1 
ATOM   1276 N NE2 . GLN A 1 158 ? 19.693  4.268   -1.876  1.00 59.56 ? 407 GLN A NE2 1 
ATOM   1277 N N   . GLU A 1 159 ? 20.046  3.579   -8.505  1.00 58.34 ? 408 GLU A N   1 
ATOM   1278 C CA  . GLU A 1 159 ? 21.009  3.591   -9.598  1.00 60.18 ? 408 GLU A CA  1 
ATOM   1279 C C   . GLU A 1 159 ? 20.449  4.243   -10.853 1.00 59.48 ? 408 GLU A C   1 
ATOM   1280 O O   . GLU A 1 159 ? 21.205  4.691   -11.714 1.00 61.90 ? 408 GLU A O   1 
ATOM   1281 C CB  . GLU A 1 159 ? 21.464  2.170   -9.919  1.00 60.09 ? 408 GLU A CB  1 
ATOM   1282 C CG  . GLU A 1 159 ? 22.205  1.487   -8.782  1.00 60.93 ? 408 GLU A CG  1 
ATOM   1283 C CD  . GLU A 1 159 ? 22.510  0.048   -9.096  1.00 66.95 ? 408 GLU A CD  1 
ATOM   1284 O OE1 . GLU A 1 159 ? 21.685  -0.579  -9.794  1.00 65.11 ? 408 GLU A OE1 1 
ATOM   1285 O OE2 . GLU A 1 159 ? 23.561  -0.458  -8.645  1.00 68.68 ? 408 GLU A OE2 1 
ATOM   1286 N N   . ALA A 1 160 ? 19.128  4.286   -10.965 1.00 56.39 ? 409 ALA A N   1 
ATOM   1287 C CA  . ALA A 1 160 ? 18.499  4.828   -12.162 1.00 58.41 ? 409 ALA A CA  1 
ATOM   1288 C C   . ALA A 1 160 ? 18.361  6.337   -12.054 1.00 62.79 ? 409 ALA A C   1 
ATOM   1289 O O   . ALA A 1 160 ? 18.031  7.013   -13.029 1.00 63.75 ? 409 ALA A O   1 
ATOM   1290 C CB  . ALA A 1 160 ? 17.142  4.189   -12.387 1.00 60.99 ? 409 ALA A CB  1 
ATOM   1291 N N   . GLU A 1 161 ? 18.623  6.851   -10.855 1.00 60.98 ? 410 GLU A N   1 
ATOM   1292 C CA  . GLU A 1 161 ? 18.396  8.257   -10.530 1.00 61.39 ? 410 GLU A CA  1 
ATOM   1293 C C   . GLU A 1 161 ? 19.134  9.226   -11.453 1.00 60.46 ? 410 GLU A C   1 
ATOM   1294 O O   . GLU A 1 161 ? 18.533  10.164  -11.988 1.00 61.35 ? 410 GLU A O   1 
ATOM   1295 C CB  . GLU A 1 161 ? 18.806  8.527   -9.078  1.00 61.36 ? 410 GLU A CB  1 
ATOM   1296 C CG  . GLU A 1 161 ? 17.723  9.190   -8.227  1.00 62.79 ? 410 GLU A CG  1 
ATOM   1297 C CD  . GLU A 1 161 ? 18.288  9.859   -6.982  1.00 64.53 ? 410 GLU A CD  1 
ATOM   1298 O OE1 . GLU A 1 161 ? 18.186  9.265   -5.886  1.00 66.27 ? 410 GLU A OE1 1 
ATOM   1299 O OE2 . GLU A 1 161 ? 18.834  10.978  -7.097  1.00 60.22 ? 410 GLU A OE2 1 
ATOM   1300 N N   . GLU A 1 162 ? 20.431  8.992   -11.629 1.00 60.98 ? 411 GLU A N   1 
ATOM   1301 C CA  . GLU A 1 162 ? 21.294  9.899   -12.378 1.00 61.91 ? 411 GLU A CA  1 
ATOM   1302 C C   . GLU A 1 162 ? 20.855  10.068  -13.828 1.00 62.68 ? 411 GLU A C   1 
ATOM   1303 O O   . GLU A 1 162 ? 20.809  11.189  -14.335 1.00 61.33 ? 411 GLU A O   1 
ATOM   1304 C CB  . GLU A 1 162 ? 22.746  9.411   -12.332 1.00 64.85 ? 411 GLU A CB  1 
ATOM   1305 C CG  . GLU A 1 162 ? 23.741  10.332  -13.035 1.00 65.47 ? 411 GLU A CG  1 
ATOM   1306 C CD  . GLU A 1 162 ? 25.190  9.922   -12.810 1.00 68.56 ? 411 GLU A CD  1 
ATOM   1307 O OE1 . GLU A 1 162 ? 25.434  8.748   -12.451 1.00 69.79 ? 411 GLU A OE1 1 
ATOM   1308 O OE2 . GLU A 1 162 ? 26.086  10.773  -13.003 1.00 68.10 ? 411 GLU A OE2 1 
ATOM   1309 N N   . GLU A 1 163 ? 20.535  8.959   -14.492 1.00 63.34 ? 412 GLU A N   1 
ATOM   1310 C CA  . GLU A 1 163 ? 20.163  9.003   -15.905 1.00 64.09 ? 412 GLU A CA  1 
ATOM   1311 C C   . GLU A 1 163 ? 18.823  9.705   -16.116 1.00 64.50 ? 412 GLU A C   1 
ATOM   1312 O O   . GLU A 1 163 ? 18.536  10.187  -17.210 1.00 65.90 ? 412 GLU A O   1 
ATOM   1313 C CB  . GLU A 1 163 ? 20.111  7.587   -16.494 1.00 67.13 ? 412 GLU A CB  1 
ATOM   1314 C CG  . GLU A 1 163 ? 18.724  6.954   -16.467 1.00 68.48 ? 412 GLU A CG  1 
ATOM   1315 C CD  . GLU A 1 163 ? 18.755  5.469   -16.756 1.00 70.53 ? 412 GLU A CD  1 
ATOM   1316 O OE1 . GLU A 1 163 ? 19.870  4.903   -16.823 1.00 67.64 ? 412 GLU A OE1 1 
ATOM   1317 O OE2 . GLU A 1 163 ? 17.666  4.869   -16.909 1.00 70.46 ? 412 GLU A OE2 1 
ATOM   1318 N N   . GLU A 1 164 ? 18.009  9.760   -15.066 1.00 62.26 ? 413 GLU A N   1 
ATOM   1319 C CA  . GLU A 1 164 ? 16.694  10.379  -15.159 1.00 64.06 ? 413 GLU A CA  1 
ATOM   1320 C C   . GLU A 1 164 ? 16.736  11.847  -14.752 1.00 61.52 ? 413 GLU A C   1 
ATOM   1321 O O   . GLU A 1 164 ? 15.711  12.528  -14.812 1.00 58.01 ? 413 GLU A O   1 
ATOM   1322 C CB  . GLU A 1 164 ? 15.679  9.626   -14.289 1.00 67.17 ? 413 GLU A CB  1 
ATOM   1323 C CG  . GLU A 1 164 ? 15.281  8.256   -14.832 1.00 72.59 ? 413 GLU A CG  1 
ATOM   1324 C CD  . GLU A 1 164 ? 14.220  7.575   -13.982 1.00 76.38 ? 413 GLU A CD  1 
ATOM   1325 O OE1 . GLU A 1 164 ? 14.341  7.619   -12.738 1.00 72.86 ? 413 GLU A OE1 1 
ATOM   1326 O OE2 . GLU A 1 164 ? 13.271  6.996   -14.555 1.00 80.07 ? 413 GLU A OE2 1 
ATOM   1327 N N   . GLU A 1 165 ? 17.907  12.331  -14.338 1.00 58.88 ? 414 GLU A N   1 
ATOM   1328 C CA  . GLU A 1 165 ? 18.055  13.733  -13.921 1.00 60.30 ? 414 GLU A CA  1 
ATOM   1329 C C   . GLU A 1 165 ? 17.717  14.689  -15.058 1.00 59.25 ? 414 GLU A C   1 
ATOM   1330 O O   . GLU A 1 165 ? 18.208  14.526  -16.180 1.00 55.93 ? 414 GLU A O   1 
ATOM   1331 C CB  . GLU A 1 165 ? 19.476  14.012  -13.402 1.00 57.97 ? 414 GLU A CB  1 
ATOM   1332 C CG  . GLU A 1 165 ? 19.773  13.406  -12.038 1.00 58.25 ? 414 GLU A CG  1 
ATOM   1333 C CD  . GLU A 1 165 ? 21.224  13.571  -11.609 1.00 55.67 ? 414 GLU A CD  1 
ATOM   1334 O OE1 . GLU A 1 165 ? 22.065  13.959  -12.448 1.00 55.33 ? 414 GLU A OE1 1 
ATOM   1335 O OE2 . GLU A 1 165 ? 21.526  13.307  -10.428 1.00 55.28 ? 414 GLU A OE2 1 
ATOM   1336 N N   . GLU A 1 166 ? 16.870  15.675  -14.759 1.00 61.22 ? 415 GLU A N   1 
ATOM   1337 C CA  . GLU A 1 166 ? 16.461  16.663  -15.751 1.00 59.03 ? 415 GLU A CA  1 
ATOM   1338 C C   . GLU A 1 166 ? 17.666  17.369  -16.360 1.00 57.36 ? 415 GLU A C   1 
ATOM   1339 O O   . GLU A 1 166 ? 18.606  17.745  -15.656 1.00 55.45 ? 415 GLU A O   1 
ATOM   1340 C CB  . GLU A 1 166 ? 15.491  17.673  -15.134 1.00 64.52 ? 415 GLU A CB  1 
ATOM   1341 C CG  . GLU A 1 166 ? 14.705  17.132  -13.963 1.00 64.47 ? 415 GLU A CG  1 
ATOM   1342 C CD  . GLU A 1 166 ? 13.497  17.993  -13.650 1.00 70.32 ? 415 GLU A CD  1 
ATOM   1343 O OE1 . GLU A 1 166 ? 13.274  18.987  -14.373 1.00 70.06 ? 415 GLU A OE1 1 
ATOM   1344 O OE2 . GLU A 1 166 ? 12.770  17.673  -12.687 1.00 76.76 ? 415 GLU A OE2 1 
ATOM   1345 N N   . GLU A 1 167 ? 17.623  17.525  -17.683 1.00 58.28 ? 416 GLU A N   1 
ATOM   1346 C CA  . GLU A 1 167 ? 18.761  18.002  -18.461 1.00 57.97 ? 416 GLU A CA  1 
ATOM   1347 C C   . GLU A 1 167 ? 18.329  19.110  -19.420 1.00 58.30 ? 416 GLU A C   1 
ATOM   1348 O O   . GLU A 1 167 ? 17.214  19.083  -19.950 1.00 57.13 ? 416 GLU A O   1 
ATOM   1349 C CB  . GLU A 1 167 ? 19.399  16.838  -19.225 1.00 59.54 ? 416 GLU A CB  1 
ATOM   1350 C CG  . GLU A 1 167 ? 20.402  17.244  -20.296 1.00 61.55 ? 416 GLU A CG  1 
ATOM   1351 C CD  . GLU A 1 167 ? 21.248  16.080  -20.773 1.00 65.59 ? 416 GLU A CD  1 
ATOM   1352 O OE1 . GLU A 1 167 ? 20.678  15.009  -21.082 1.00 69.37 ? 416 GLU A OE1 1 
ATOM   1353 O OE2 . GLU A 1 167 ? 22.484  16.243  -20.843 1.00 67.23 ? 416 GLU A OE2 1 
ATOM   1354 N N   . SER A 1 168 ? 19.206  20.088  -19.633 1.00 57.42 ? 417 SER A N   1 
ATOM   1355 C CA  . SER A 1 168 ? 18.859  21.250  -20.455 1.00 58.46 ? 417 SER A CA  1 
ATOM   1356 C C   . SER A 1 168 ? 20.099  21.954  -20.998 1.00 60.89 ? 417 SER A C   1 
ATOM   1357 O O   . SER A 1 168 ? 21.030  22.253  -20.244 1.00 58.38 ? 417 SER A O   1 
ATOM   1358 C CB  . SER A 1 168 ? 18.013  22.233  -19.647 1.00 59.04 ? 417 SER A CB  1 
ATOM   1359 O OG  . SER A 1 168 ? 17.659  23.376  -20.415 1.00 57.00 ? 417 SER A OG  1 
ATOM   1360 N N   . ASP A 1 169 ? 20.091  22.214  -22.305 1.00 64.07 ? 418 ASP A N   1 
ATOM   1361 C CA  . ASP A 1 169 ? 21.177  22.914  -23.003 1.00 66.05 ? 418 ASP A CA  1 
ATOM   1362 C C   . ASP A 1 169 ? 22.560  22.318  -22.714 1.00 68.76 ? 418 ASP A C   1 
ATOM   1363 O O   . ASP A 1 169 ? 23.592  22.895  -23.073 1.00 68.52 ? 418 ASP A O   1 
ATOM   1364 C CB  . ASP A 1 169 ? 21.166  24.403  -22.637 1.00 66.25 ? 418 ASP A CB  1 
ATOM   1365 C CG  . ASP A 1 169 ? 19.900  25.101  -23.080 1.00 66.64 ? 418 ASP A CG  1 
ATOM   1366 O OD1 . ASP A 1 169 ? 19.620  25.106  -24.298 1.00 70.07 ? 418 ASP A OD1 1 
ATOM   1367 O OD2 . ASP A 1 169 ? 19.185  25.650  -22.208 1.00 67.15 ? 418 ASP A OD2 1 
HETATM 1368 O O   . HOH B 2 .   ? 5.463   0.485   5.864   1.00 42.52 ? 501 HOH A O   1 
HETATM 1369 O O   . HOH B 2 .   ? -17.312 -14.600 -0.976  1.00 56.45 ? 502 HOH A O   1 
HETATM 1370 O O   . HOH B 2 .   ? 20.046  -2.177  -9.839  1.00 58.76 ? 503 HOH A O   1 
HETATM 1371 O O   . HOH B 2 .   ? 20.271  27.026  -20.702 1.00 63.14 ? 504 HOH A O   1 
HETATM 1372 O O   . HOH B 2 .   ? -4.701  0.757   14.837  1.00 56.87 ? 505 HOH A O   1 
HETATM 1373 O O   . HOH B 2 .   ? 24.645  7.014   -10.972 1.00 66.07 ? 506 HOH A O   1 
HETATM 1374 O O   . HOH B 2 .   ? -6.176  -6.748  16.465  1.00 48.11 ? 507 HOH A O   1 
HETATM 1375 O O   . HOH B 2 .   ? 15.364  -2.392  1.254   1.00 43.83 ? 508 HOH A O   1 
HETATM 1376 O O   . HOH B 2 .   ? -22.594 2.976   2.306   1.00 57.17 ? 509 HOH A O   1 
HETATM 1377 O O   . HOH B 2 .   ? -9.941  2.728   -9.414  1.00 49.31 ? 510 HOH A O   1 
HETATM 1378 O O   . HOH B 2 .   ? -5.806  -10.981 8.219   1.00 53.83 ? 511 HOH A O   1 
HETATM 1379 O O   . HOH B 2 .   ? -8.492  -6.364  -5.750  1.00 46.29 ? 512 HOH A O   1 
HETATM 1380 O O   . HOH B 2 .   ? -16.786 12.927  3.181   1.00 45.74 ? 513 HOH A O   1 
HETATM 1381 O O   . HOH B 2 .   ? -2.309  -18.735 -0.378  1.00 56.48 ? 514 HOH A O   1 
HETATM 1382 O O   . HOH B 2 .   ? -13.263 11.221  10.577  1.00 49.48 ? 515 HOH A O   1 
HETATM 1383 O O   . HOH B 2 .   ? -21.138 1.911   -1.608  1.00 55.33 ? 516 HOH A O   1 
HETATM 1384 O O   . HOH B 2 .   ? -0.763  -16.385 5.478   1.00 36.11 ? 517 HOH A O   1 
HETATM 1385 O O   . HOH B 2 .   ? 13.848  -9.946  10.427  1.00 42.89 ? 518 HOH A O   1 
HETATM 1386 O O   . HOH B 2 .   ? 6.820   -17.782 -1.410  1.00 53.04 ? 519 HOH A O   1 
HETATM 1387 O O   . HOH B 2 .   ? 0.830   -15.383 -6.168  1.00 48.69 ? 520 HOH A O   1 
HETATM 1388 O O   . HOH B 2 .   ? -19.033 1.562   12.005  1.00 43.70 ? 521 HOH A O   1 
HETATM 1389 O O   . HOH B 2 .   ? 0.608   -12.660 10.948  1.00 37.03 ? 522 HOH A O   1 
HETATM 1390 O O   . HOH B 2 .   ? 5.386   -15.654 -4.177  1.00 49.86 ? 523 HOH A O   1 
HETATM 1391 O O   . HOH B 2 .   ? -21.554 11.112  6.170   1.00 45.23 ? 524 HOH A O   1 
HETATM 1392 O O   . HOH B 2 .   ? -13.114 -2.772  -6.140  1.00 50.84 ? 525 HOH A O   1 
HETATM 1393 O O   . HOH B 2 .   ? -0.154  -17.473 2.678   1.00 46.49 ? 526 HOH A O   1 
HETATM 1394 O O   . HOH B 2 .   ? -15.740 3.764   9.879   1.00 37.19 ? 527 HOH A O   1 
HETATM 1395 O O   . HOH B 2 .   ? 14.068  -9.905  -2.528  1.00 43.71 ? 528 HOH A O   1 
HETATM 1396 O O   . HOH B 2 .   ? 6.329   -1.005  10.549  1.00 38.21 ? 529 HOH A O   1 
HETATM 1397 O O   . HOH B 2 .   ? 8.916   6.950   2.650   1.00 50.90 ? 530 HOH A O   1 
HETATM 1398 O O   . HOH B 2 .   ? -2.756  -5.541  17.130  1.00 56.14 ? 531 HOH A O   1 
HETATM 1399 O O   . HOH B 2 .   ? 3.327   -13.505 8.320   1.00 38.18 ? 532 HOH A O   1 
HETATM 1400 O O   . HOH B 2 .   ? 19.097  13.181  -8.752  1.00 53.80 ? 533 HOH A O   1 
HETATM 1401 O O   . HOH B 2 .   ? 13.588  -10.787 3.629   1.00 40.78 ? 534 HOH A O   1 
HETATM 1402 O O   . HOH B 2 .   ? 3.201   15.351  -1.316  1.00 57.21 ? 535 HOH A O   1 
HETATM 1403 O O   . HOH B 2 .   ? -4.289  -6.300  0.517   1.00 37.18 ? 536 HOH A O   1 
HETATM 1404 O O   . HOH B 2 .   ? -11.742 -10.709 1.096   1.00 53.30 ? 537 HOH A O   1 
HETATM 1405 O O   . HOH B 2 .   ? 5.549   6.559   -9.197  1.00 49.37 ? 538 HOH A O   1 
HETATM 1406 O O   . HOH B 2 .   ? -14.153 12.540  3.893   1.00 44.13 ? 539 HOH A O   1 
HETATM 1407 O O   . HOH B 2 .   ? -7.709  1.974   17.783  1.00 47.46 ? 540 HOH A O   1 
HETATM 1408 O O   . HOH B 2 .   ? 5.337   3.453   5.228   1.00 47.11 ? 541 HOH A O   1 
HETATM 1409 O O   . HOH B 2 .   ? -3.610  -7.818  4.994   1.00 39.50 ? 542 HOH A O   1 
HETATM 1410 O O   . HOH B 2 .   ? -0.648  5.516   8.163   1.00 46.94 ? 543 HOH A O   1 
HETATM 1411 O O   . HOH B 2 .   ? -6.162  0.409   12.798  1.00 41.81 ? 544 HOH A O   1 
HETATM 1412 O O   . HOH B 2 .   ? 16.264  25.921  -21.938 1.00 44.21 ? 545 HOH A O   1 
HETATM 1413 O O   . HOH B 2 .   ? 17.243  -8.725  -0.556  1.00 49.40 ? 546 HOH A O   1 
HETATM 1414 O O   . HOH B 2 .   ? 14.242  18.885  -19.655 1.00 51.93 ? 547 HOH A O   1 
HETATM 1415 O O   . HOH B 2 .   ? -6.623  -9.694  10.452  1.00 56.94 ? 548 HOH A O   1 
HETATM 1416 O O   . HOH B 2 .   ? 0.786   -11.557 -7.750  1.00 47.35 ? 549 HOH A O   1 
HETATM 1417 O O   . HOH B 2 .   ? -6.273  3.664   17.121  1.00 57.31 ? 550 HOH A O   1 
HETATM 1418 O O   . HOH B 2 .   ? 10.234  -9.842  -7.307  1.00 44.56 ? 551 HOH A O   1 
HETATM 1419 O O   . HOH B 2 .   ? -3.765  15.599  0.504   1.00 53.13 ? 552 HOH A O   1 
HETATM 1420 O O   . HOH B 2 .   ? -5.624  -11.240 1.514   1.00 53.61 ? 553 HOH A O   1 
HETATM 1421 O O   . HOH B 2 .   ? -13.532 -16.053 -7.255  1.00 58.36 ? 554 HOH A O   1 
HETATM 1422 O O   . HOH B 2 .   ? -5.295  2.578   12.035  1.00 49.06 ? 555 HOH A O   1 
HETATM 1423 O O   . HOH B 2 .   ? -0.983  7.855   8.793   1.00 43.05 ? 556 HOH A O   1 
HETATM 1424 O O   . HOH B 2 .   ? -4.664  -8.328  8.100   1.00 48.44 ? 557 HOH A O   1 
HETATM 1425 O O   . HOH B 2 .   ? -11.977 -18.315 -2.082  1.00 59.79 ? 558 HOH A O   1 
HETATM 1426 O O   . HOH B 2 .   ? -12.829 -18.462 1.110   1.00 63.01 ? 559 HOH A O   1 
HETATM 1427 O O   . HOH B 2 .   ? -6.789  -8.471  6.858   1.00 57.40 ? 560 HOH A O   1 
HETATM 1428 O O   . HOH B 2 .   ? 13.446  -12.175 10.587  1.00 47.28 ? 561 HOH A O   1 
HETATM 1429 O O   . HOH B 2 .   ? 6.969   4.923   6.446   1.00 55.08 ? 562 HOH A O   1 
HETATM 1430 O O   . HOH B 2 .   ? 5.364   -13.056 11.557  1.00 47.08 ? 563 HOH A O   1 
HETATM 1431 O O   . HOH B 2 .   ? -14.971 -3.161  24.276  1.00 52.63 ? 564 HOH A O   1 
# 
